data_6NLL
#
_entry.id   6NLL
#
_cell.length_a   129.600
_cell.length_b   194.391
_cell.length_c   202.596
_cell.angle_alpha   90.000
_cell.angle_beta   90.000
_cell.angle_gamma   90.000
#
_symmetry.space_group_name_H-M   'C 2 2 21'
#
loop_
_entity.id
_entity.type
_entity.pdbx_description
1 polymer Ferroxidase
2 non-polymer 4-{[3-(2,4-dihydroxyphenyl)propyl]amino}-1H-isoindole-1,3(2H)-dione
3 non-polymer 'TETRAETHYLENE GLYCOL'
4 non-polymer 'PROTOPORPHYRIN IX CONTAINING FE'
5 non-polymer 'FE (II) ION'
6 water water
#
_entity_poly.entity_id   1
_entity_poly.type   'polypeptide(L)'
_entity_poly.pdbx_seq_one_letter_code
;MKGDKKVIQHLNKILGNELIAINQYFLHSRMWNDWGLKRLGAHEYHESIDEMKHADKLIERILFLEGLPNLQDLGKLLIG
ENTQEMLQCDLNLELKATKDLREAIVHCEQVHDYVSRDLLKDILESEEEHIDYLETQLGLIQKVGLENYLQSHMHEDD
;
_entity_poly.pdbx_strand_id   A,B,C,D,E,F,G,H,I,J,K,L
#
loop_
_chem_comp.id
_chem_comp.type
_chem_comp.name
_chem_comp.formula
FE2 non-polymer 'FE (II) ION' 'Fe 2'
HEM non-polymer 'PROTOPORPHYRIN IX CONTAINING FE' 'C34 H32 Fe N4 O4'
KT4 non-polymer 4-{[3-(2,4-dihydroxyphenyl)propyl]amino}-1H-isoindole-1,3(2H)-dione 'C17 H16 N2 O4'
PG4 non-polymer 'TETRAETHYLENE GLYCOL' 'C8 H18 O5'
#
# COMPACT_ATOMS: atom_id res chain seq x y z
N MET A 1 49.63 7.20 -27.82
CA MET A 1 49.54 8.55 -28.45
C MET A 1 50.34 9.55 -27.63
N LYS A 2 51.45 10.07 -28.17
CA LYS A 2 52.38 10.79 -27.32
C LYS A 2 51.75 12.05 -26.77
N GLY A 3 51.76 12.19 -25.46
CA GLY A 3 51.22 13.36 -24.83
C GLY A 3 52.24 14.49 -24.70
N ASP A 4 51.70 15.65 -24.35
CA ASP A 4 52.50 16.80 -23.96
C ASP A 4 53.26 16.50 -22.66
N LYS A 5 54.55 16.84 -22.64
CA LYS A 5 55.38 16.45 -21.50
C LYS A 5 54.87 17.06 -20.22
N LYS A 6 54.52 18.35 -20.26
CA LYS A 6 54.06 19.04 -19.06
C LYS A 6 52.67 18.57 -18.63
N VAL A 7 51.79 18.20 -19.57
CA VAL A 7 50.55 17.53 -19.17
C VAL A 7 50.88 16.30 -18.33
N ILE A 8 51.77 15.45 -18.83
CA ILE A 8 52.08 14.22 -18.11
C ILE A 8 52.65 14.53 -16.74
N GLN A 9 53.53 15.53 -16.66
CA GLN A 9 54.02 15.95 -15.34
C GLN A 9 52.88 16.40 -14.43
N HIS A 10 51.91 17.15 -14.95
CA HIS A 10 50.75 17.51 -14.14
C HIS A 10 49.99 16.25 -13.70
N LEU A 11 49.76 15.33 -14.63
CA LEU A 11 48.99 14.13 -14.28
C LEU A 11 49.71 13.32 -13.22
N ASN A 12 51.06 13.27 -13.29
CA ASN A 12 51.81 12.61 -12.23
C ASN A 12 51.74 13.36 -10.90
N LYS A 13 51.70 14.70 -10.93
CA LYS A 13 51.54 15.42 -9.66
C LYS A 13 50.18 15.12 -9.03
N ILE A 14 49.13 15.10 -9.84
CA ILE A 14 47.78 14.77 -9.34
C ILE A 14 47.75 13.34 -8.82
N LEU A 15 48.30 12.41 -9.62
CA LEU A 15 48.45 11.03 -9.16
C LEU A 15 49.13 10.96 -7.80
N GLY A 16 50.23 11.71 -7.65
CA GLY A 16 50.92 11.75 -6.37
C GLY A 16 50.02 12.17 -5.22
N ASN A 17 49.21 13.20 -5.44
CA ASN A 17 48.25 13.61 -4.42
C ASN A 17 47.24 12.50 -4.12
N GLU A 18 46.77 11.81 -5.15
CA GLU A 18 45.83 10.71 -4.91
C GLU A 18 46.49 9.57 -4.14
N LEU A 19 47.77 9.29 -4.40
CA LEU A 19 48.47 8.22 -3.68
C LEU A 19 48.59 8.55 -2.19
N ILE A 20 48.91 9.80 -1.85
CA ILE A 20 48.93 10.22 -0.45
C ILE A 20 47.56 9.99 0.17
N ALA A 21 46.51 10.44 -0.53
CA ALA A 21 45.16 10.36 0.01
C ALA A 21 44.70 8.91 0.22
N ILE A 22 45.02 8.01 -0.72
CA ILE A 22 44.67 6.60 -0.51
C ILE A 22 45.15 6.14 0.87
N ASN A 23 46.44 6.34 1.15
CA ASN A 23 47.02 5.81 2.37
C ASN A 23 46.55 6.56 3.61
N GLN A 24 46.49 7.89 3.53
CA GLN A 24 46.01 8.68 4.65
C GLN A 24 44.57 8.31 5.00
N TYR A 25 43.71 8.21 3.99
CA TYR A 25 42.32 7.88 4.29
C TYR A 25 42.19 6.43 4.74
N PHE A 26 42.98 5.52 4.16
CA PHE A 26 42.88 4.14 4.60
C PHE A 26 43.32 4.00 6.05
N LEU A 27 44.41 4.67 6.45
CA LEU A 27 44.85 4.58 7.84
C LEU A 27 43.83 5.23 8.77
N HIS A 28 43.29 6.41 8.40
CA HIS A 28 42.27 7.04 9.24
C HIS A 28 41.05 6.12 9.39
N SER A 29 40.65 5.46 8.31
CA SER A 29 39.53 4.54 8.39
C SER A 29 39.78 3.46 9.42
N ARG A 30 40.94 2.84 9.35
CA ARG A 30 41.21 1.72 10.24
C ARG A 30 41.45 2.19 11.67
N MET A 31 41.94 3.42 11.86
CA MET A 31 42.00 3.99 13.20
C MET A 31 40.60 4.15 13.78
N TRP A 32 39.69 4.76 13.01
CA TRP A 32 38.33 4.92 13.48
C TRP A 32 37.68 3.57 13.79
N ASN A 33 37.93 2.55 12.94
CA ASN A 33 37.37 1.23 13.23
C ASN A 33 37.92 0.67 14.53
N ASP A 34 39.23 0.77 14.72
CA ASP A 34 39.87 0.33 15.96
C ASP A 34 39.25 1.03 17.17
N TRP A 35 38.89 2.30 17.03
CA TRP A 35 38.30 3.05 18.15
C TRP A 35 36.82 2.73 18.36
N GLY A 36 36.20 1.94 17.48
CA GLY A 36 34.78 1.61 17.61
C GLY A 36 33.83 2.56 16.90
N LEU A 37 34.35 3.49 16.10
CA LEU A 37 33.57 4.45 15.34
C LEU A 37 33.41 3.94 13.91
N LYS A 38 32.64 2.85 13.79
CA LYS A 38 32.63 2.07 12.56
C LYS A 38 31.94 2.80 11.41
N ARG A 39 31.04 3.73 11.71
CA ARG A 39 30.43 4.49 10.62
C ARG A 39 31.41 5.49 10.02
N LEU A 40 32.23 6.13 10.86
CA LEU A 40 33.34 6.93 10.33
C LEU A 40 34.34 6.06 9.59
N GLY A 41 34.67 4.89 10.17
CA GLY A 41 35.57 3.99 9.46
C GLY A 41 35.06 3.60 8.08
N ALA A 42 33.78 3.28 7.96
CA ALA A 42 33.25 2.87 6.66
C ALA A 42 33.24 4.02 5.66
N HIS A 43 32.87 5.22 6.11
CA HIS A 43 32.81 6.33 5.17
C HIS A 43 34.21 6.70 4.69
N GLU A 44 35.18 6.70 5.60
CA GLU A 44 36.57 7.00 5.22
C GLU A 44 37.16 5.91 4.32
N TYR A 45 36.80 4.65 4.57
CA TYR A 45 37.18 3.57 3.66
C TYR A 45 36.66 3.85 2.25
N HIS A 46 35.40 4.25 2.13
CA HIS A 46 34.86 4.56 0.80
C HIS A 46 35.52 5.79 0.18
N GLU A 47 35.96 6.77 0.98
CA GLU A 47 36.80 7.85 0.45
C GLU A 47 38.13 7.32 -0.08
N SER A 48 38.74 6.40 0.64
CA SER A 48 40.01 5.81 0.17
C SER A 48 39.81 5.07 -1.15
N ILE A 49 38.72 4.29 -1.25
CA ILE A 49 38.41 3.58 -2.49
C ILE A 49 38.23 4.55 -3.64
N ASP A 50 37.53 5.68 -3.40
CA ASP A 50 37.35 6.66 -4.46
C ASP A 50 38.68 7.17 -5.01
N GLU A 51 39.62 7.45 -4.10
CA GLU A 51 40.94 7.92 -4.53
C GLU A 51 41.68 6.83 -5.30
N MET A 52 41.57 5.56 -4.88
CA MET A 52 42.10 4.45 -5.66
C MET A 52 41.57 4.44 -7.08
N LYS A 53 40.26 4.65 -7.24
CA LYS A 53 39.67 4.67 -8.58
C LYS A 53 40.18 5.85 -9.40
N HIS A 54 40.35 7.03 -8.78
CA HIS A 54 40.93 8.16 -9.50
C HIS A 54 42.37 7.87 -9.91
N ALA A 55 43.16 7.30 -8.99
CA ALA A 55 44.53 6.92 -9.31
C ALA A 55 44.60 5.97 -10.49
N ASP A 56 43.71 4.96 -10.52
CA ASP A 56 43.63 4.04 -11.65
C ASP A 56 43.42 4.79 -12.96
N LYS A 57 42.47 5.72 -13.00
CA LYS A 57 42.20 6.44 -14.25
C LYS A 57 43.38 7.32 -14.65
N LEU A 58 44.09 7.90 -13.68
CA LEU A 58 45.27 8.70 -13.99
C LEU A 58 46.39 7.84 -14.54
N ILE A 59 46.64 6.69 -13.91
CA ILE A 59 47.63 5.73 -14.42
C ILE A 59 47.32 5.35 -15.85
N GLU A 60 46.04 5.03 -16.13
CA GLU A 60 45.65 4.61 -17.47
C GLU A 60 45.88 5.72 -18.49
N ARG A 61 45.53 6.95 -18.14
CA ARG A 61 45.70 8.08 -19.04
C ARG A 61 47.18 8.36 -19.32
N ILE A 62 48.01 8.30 -18.30
CA ILE A 62 49.43 8.55 -18.46
C ILE A 62 50.04 7.51 -19.40
N LEU A 63 49.69 6.24 -19.19
CA LEU A 63 50.18 5.18 -20.06
C LEU A 63 49.71 5.38 -21.50
N PHE A 64 48.44 5.73 -21.71
CA PHE A 64 47.97 6.01 -23.06
C PHE A 64 48.78 7.11 -23.72
N LEU A 65 49.13 8.16 -22.96
CA LEU A 65 49.91 9.30 -23.46
C LEU A 65 51.41 8.96 -23.51
N GLU A 66 51.77 7.71 -23.23
CA GLU A 66 53.13 7.20 -23.36
C GLU A 66 54.09 7.83 -22.36
N GLY A 67 53.57 8.21 -21.19
CA GLY A 67 54.38 8.57 -20.04
C GLY A 67 54.54 7.43 -19.06
N LEU A 68 55.33 7.72 -18.02
CA LEU A 68 55.61 6.76 -16.96
C LEU A 68 54.85 7.17 -15.70
N PRO A 69 53.82 6.43 -15.28
CA PRO A 69 53.12 6.79 -14.03
C PRO A 69 54.04 6.61 -12.83
N ASN A 70 54.07 7.63 -11.96
CA ASN A 70 54.99 7.64 -10.81
C ASN A 70 54.24 7.12 -9.59
N LEU A 71 54.43 5.84 -9.27
CA LEU A 71 53.90 5.23 -8.06
C LEU A 71 54.98 5.05 -7.00
N GLN A 72 56.16 5.59 -7.24
CA GLN A 72 57.30 5.36 -6.35
C GLN A 72 57.44 6.46 -5.31
N ASP A 73 57.26 7.71 -5.72
CA ASP A 73 57.38 8.82 -4.80
C ASP A 73 56.07 8.91 -4.05
N LEU A 74 56.17 8.99 -2.75
CA LEU A 74 55.02 9.18 -1.89
C LEU A 74 55.30 10.39 -1.02
N GLY A 75 54.45 11.41 -1.11
CA GLY A 75 54.59 12.59 -0.29
C GLY A 75 54.11 12.37 1.14
N LYS A 76 54.08 13.47 1.89
CA LYS A 76 53.87 13.41 3.33
C LYS A 76 52.40 13.11 3.65
N LEU A 77 52.15 12.02 4.36
CA LEU A 77 50.83 11.74 4.92
C LEU A 77 50.57 12.66 6.10
N LEU A 78 49.35 13.18 6.18
CA LEU A 78 48.91 14.00 7.30
C LEU A 78 48.00 13.16 8.17
N ILE A 79 48.54 12.57 9.23
CA ILE A 79 47.80 11.66 10.09
C ILE A 79 47.42 12.37 11.38
N GLY A 80 46.13 12.44 11.65
CA GLY A 80 45.68 13.09 12.86
C GLY A 80 45.66 12.17 14.04
N GLU A 81 45.55 12.76 15.23
CA GLU A 81 45.58 11.99 16.47
C GLU A 81 44.23 11.96 17.16
N ASN A 82 43.23 12.65 16.63
CA ASN A 82 41.88 12.54 17.13
C ASN A 82 40.94 12.87 15.96
N THR A 83 39.64 12.63 16.16
CA THR A 83 38.69 12.74 15.04
C THR A 83 38.75 14.10 14.36
N GLN A 84 38.61 15.19 15.12
CA GLN A 84 38.64 16.51 14.51
C GLN A 84 39.92 16.73 13.72
N GLU A 85 41.07 16.36 14.30
CA GLU A 85 42.34 16.56 13.60
C GLU A 85 42.41 15.71 12.34
N MET A 86 41.90 14.48 12.41
CA MET A 86 41.95 13.62 11.22
C MET A 86 41.14 14.24 10.09
N LEU A 87 39.96 14.75 10.42
CA LEU A 87 39.14 15.42 9.41
C LEU A 87 39.82 16.67 8.87
N GLN A 88 40.47 17.45 9.74
CA GLN A 88 41.17 18.65 9.26
C GLN A 88 42.36 18.29 8.38
N CYS A 89 43.07 17.20 8.74
CA CYS A 89 44.16 16.69 7.89
C CYS A 89 43.66 16.29 6.51
N ASP A 90 42.55 15.55 6.45
CA ASP A 90 41.94 15.24 5.16
C ASP A 90 41.61 16.50 4.40
N LEU A 91 41.03 17.49 5.08
CA LEU A 91 40.61 18.72 4.40
C LEU A 91 41.83 19.48 3.86
N ASN A 92 42.87 19.61 4.68
CA ASN A 92 44.07 20.29 4.19
C ASN A 92 44.64 19.62 2.95
N LEU A 93 44.65 18.29 2.93
CA LEU A 93 45.13 17.56 1.76
C LEU A 93 44.24 17.82 0.54
N GLU A 94 42.92 17.79 0.73
CA GLU A 94 41.99 18.02 -0.38
C GLU A 94 42.15 19.42 -0.95
N LEU A 95 42.43 20.39 -0.09
CA LEU A 95 42.55 21.76 -0.58
C LEU A 95 43.82 21.92 -1.41
N LYS A 96 44.92 21.28 -1.01
CA LYS A 96 46.10 21.22 -1.87
C LYS A 96 45.77 20.52 -3.17
N ALA A 97 45.01 19.43 -3.08
CA ALA A 97 44.67 18.65 -4.28
C ALA A 97 43.87 19.47 -5.29
N THR A 98 42.88 20.26 -4.84
CA THR A 98 42.09 20.99 -5.82
C THR A 98 42.87 22.16 -6.42
N LYS A 99 43.73 22.82 -5.63
CA LYS A 99 44.65 23.81 -6.20
C LYS A 99 45.47 23.20 -7.32
N ASP A 100 46.06 22.03 -7.09
CA ASP A 100 46.88 21.38 -8.11
C ASP A 100 46.04 20.97 -9.32
N LEU A 101 44.80 20.52 -9.10
CA LEU A 101 43.93 20.15 -10.20
C LEU A 101 43.62 21.36 -11.10
N ARG A 102 43.37 22.51 -10.49
CA ARG A 102 43.06 23.70 -11.28
C ARG A 102 44.26 24.10 -12.14
N GLU A 103 45.47 24.04 -11.59
CA GLU A 103 46.65 24.39 -12.37
C GLU A 103 46.86 23.42 -13.52
N ALA A 104 46.62 22.12 -13.28
CA ALA A 104 46.71 21.14 -14.36
C ALA A 104 45.67 21.38 -15.46
N ILE A 105 44.44 21.71 -15.08
CA ILE A 105 43.40 21.99 -16.07
C ILE A 105 43.78 23.19 -16.94
N VAL A 106 44.35 24.25 -16.33
CA VAL A 106 44.81 25.39 -17.12
C VAL A 106 45.78 24.96 -18.21
N HIS A 107 46.75 24.12 -17.83
CA HIS A 107 47.75 23.72 -18.82
C HIS A 107 47.15 22.83 -19.89
N CYS A 108 46.30 21.86 -19.50
CA CYS A 108 45.65 21.01 -20.50
C CYS A 108 44.89 21.85 -21.51
N GLU A 109 44.19 22.88 -21.03
CA GLU A 109 43.44 23.74 -21.93
C GLU A 109 44.37 24.44 -22.91
N GLN A 110 45.49 24.92 -22.41
CA GLN A 110 46.39 25.71 -23.23
C GLN A 110 46.99 24.88 -24.36
N VAL A 111 47.27 23.60 -24.12
CA VAL A 111 47.85 22.74 -25.14
C VAL A 111 46.80 21.86 -25.82
N HIS A 112 45.51 22.13 -25.59
CA HIS A 112 44.40 21.50 -26.30
C HIS A 112 44.25 20.01 -26.00
N ASP A 113 44.69 19.56 -24.82
CA ASP A 113 44.44 18.17 -24.38
C ASP A 113 43.11 18.16 -23.63
N TYR A 114 42.03 18.22 -24.41
CA TYR A 114 40.69 18.39 -23.84
C TYR A 114 40.21 17.14 -23.11
N VAL A 115 40.68 15.96 -23.53
CA VAL A 115 40.31 14.74 -22.85
C VAL A 115 40.97 14.65 -21.49
N SER A 116 42.26 14.98 -21.39
CA SER A 116 42.84 15.03 -20.04
C SER A 116 42.14 16.08 -19.18
N ARG A 117 41.78 17.23 -19.75
CA ARG A 117 41.03 18.22 -18.98
C ARG A 117 39.75 17.62 -18.43
N ASP A 118 39.02 16.86 -19.26
CA ASP A 118 37.72 16.34 -18.83
C ASP A 118 37.89 15.34 -17.69
N LEU A 119 38.93 14.50 -17.75
CA LEU A 119 39.23 13.57 -16.65
C LEU A 119 39.50 14.33 -15.35
N LEU A 120 40.38 15.34 -15.42
CA LEU A 120 40.72 16.14 -14.24
C LEU A 120 39.50 16.89 -13.70
N LYS A 121 38.63 17.36 -14.60
CA LYS A 121 37.41 18.02 -14.17
C LYS A 121 36.52 17.06 -13.35
N ASP A 122 36.34 15.84 -13.87
CA ASP A 122 35.61 14.80 -13.13
C ASP A 122 36.24 14.51 -11.77
N ILE A 123 37.57 14.42 -11.70
CA ILE A 123 38.23 14.19 -10.41
C ILE A 123 38.02 15.39 -9.48
N LEU A 124 38.14 16.60 -10.04
CA LEU A 124 37.89 17.81 -9.27
C LEU A 124 36.48 17.83 -8.70
N GLU A 125 35.50 17.40 -9.49
CA GLU A 125 34.14 17.29 -8.96
C GLU A 125 34.09 16.36 -7.76
N SER A 126 34.75 15.19 -7.85
CA SER A 126 34.81 14.28 -6.71
CA SER A 126 34.81 14.28 -6.71
C SER A 126 35.52 14.92 -5.51
N GLU A 127 36.61 15.63 -5.76
CA GLU A 127 37.34 16.19 -4.63
C GLU A 127 36.56 17.33 -3.98
N GLU A 128 35.81 18.13 -4.77
CA GLU A 128 34.97 19.15 -4.14
C GLU A 128 33.85 18.52 -3.35
N GLU A 129 33.32 17.38 -3.79
CA GLU A 129 32.34 16.68 -2.96
C GLU A 129 32.97 16.21 -1.66
N HIS A 130 34.20 15.72 -1.71
CA HIS A 130 34.86 15.33 -0.46
C HIS A 130 35.07 16.54 0.47
N ILE A 131 35.45 17.68 -0.08
CA ILE A 131 35.58 18.89 0.72
C ILE A 131 34.25 19.23 1.39
N ASP A 132 33.17 19.17 0.63
CA ASP A 132 31.83 19.39 1.20
C ASP A 132 31.59 18.46 2.39
N TYR A 133 31.85 17.17 2.20
CA TYR A 133 31.64 16.22 3.30
C TYR A 133 32.47 16.61 4.52
N LEU A 134 33.74 16.94 4.31
CA LEU A 134 34.64 17.22 5.42
C LEU A 134 34.26 18.49 6.15
N GLU A 135 34.05 19.59 5.41
CA GLU A 135 33.60 20.83 6.02
C GLU A 135 32.33 20.62 6.82
N THR A 136 31.41 19.84 6.27
CA THR A 136 30.15 19.58 6.95
C THR A 136 30.35 18.78 8.24
N GLN A 137 31.25 17.79 8.23
CA GLN A 137 31.48 17.03 9.46
C GLN A 137 32.07 17.93 10.54
N LEU A 138 33.03 18.79 10.16
CA LEU A 138 33.60 19.71 11.13
C LEU A 138 32.55 20.66 11.68
N GLY A 139 31.64 21.11 10.81
CA GLY A 139 30.53 21.94 11.27
C GLY A 139 29.59 21.21 12.21
N LEU A 140 29.30 19.94 11.91
CA LEU A 140 28.41 19.17 12.78
C LEU A 140 29.03 18.98 14.16
N ILE A 141 30.35 18.75 14.23
CA ILE A 141 30.99 18.62 15.53
C ILE A 141 30.70 19.86 16.37
N GLN A 142 30.73 21.04 15.74
CA GLN A 142 30.46 22.28 16.46
C GLN A 142 29.00 22.36 16.87
N LYS A 143 28.08 21.90 16.02
CA LYS A 143 26.65 22.05 16.28
C LYS A 143 26.11 21.02 17.27
N VAL A 144 26.53 19.75 17.17
CA VAL A 144 25.98 18.72 18.04
C VAL A 144 26.92 18.36 19.17
N GLY A 145 28.16 18.81 19.13
CA GLY A 145 29.18 18.44 20.10
C GLY A 145 29.90 17.17 19.70
N LEU A 146 31.18 17.10 20.08
CA LEU A 146 32.01 15.98 19.68
C LEU A 146 31.46 14.66 20.20
N GLU A 147 31.02 14.63 21.46
CA GLU A 147 30.56 13.36 22.02
C GLU A 147 29.32 12.85 21.26
N ASN A 148 28.37 13.73 20.97
CA ASN A 148 27.23 13.29 20.16
C ASN A 148 27.67 12.91 18.75
N TYR A 149 28.56 13.70 18.15
CA TYR A 149 29.02 13.37 16.80
C TYR A 149 29.60 11.97 16.75
N LEU A 150 30.50 11.66 17.68
CA LEU A 150 31.12 10.35 17.71
C LEU A 150 30.08 9.26 18.01
N GLN A 151 29.17 9.54 18.94
CA GLN A 151 28.11 8.59 19.25
C GLN A 151 27.36 8.21 17.98
N SER A 152 27.06 9.19 17.15
CA SER A 152 26.30 8.96 15.93
C SER A 152 27.10 8.19 14.89
N HIS A 153 28.40 7.96 15.12
CA HIS A 153 29.25 7.23 14.18
C HIS A 153 29.76 5.92 14.76
N MET A 154 29.18 5.46 15.86
CA MET A 154 29.57 4.17 16.44
C MET A 154 29.13 2.99 15.59
N HIS A 155 27.86 2.97 15.17
CA HIS A 155 27.30 1.83 14.46
C HIS A 155 27.05 2.20 13.01
N GLU A 156 27.34 1.26 12.10
CA GLU A 156 27.18 1.53 10.66
C GLU A 156 25.71 1.73 10.28
N MET B 1 33.27 25.83 1.28
CA MET B 1 34.46 26.21 0.47
C MET B 1 34.27 27.61 -0.09
N LYS B 2 35.17 28.53 0.25
CA LYS B 2 35.01 29.93 -0.13
C LYS B 2 35.04 30.13 -1.64
N GLY B 3 33.91 30.51 -2.22
CA GLY B 3 33.84 30.77 -3.64
C GLY B 3 34.25 32.19 -4.03
N ASP B 4 34.41 32.37 -5.34
CA ASP B 4 34.65 33.69 -5.92
C ASP B 4 33.38 34.53 -5.84
N LYS B 5 33.50 35.75 -5.33
CA LYS B 5 32.33 36.60 -5.14
C LYS B 5 31.56 36.83 -6.44
N LYS B 6 32.27 37.12 -7.53
CA LYS B 6 31.58 37.36 -8.79
C LYS B 6 30.98 36.07 -9.37
N VAL B 7 31.59 34.91 -9.12
CA VAL B 7 30.95 33.65 -9.53
C VAL B 7 29.60 33.52 -8.83
N ILE B 8 29.58 33.75 -7.51
CA ILE B 8 28.33 33.62 -6.76
C ILE B 8 27.29 34.59 -7.28
N GLN B 9 27.74 35.81 -7.63
CA GLN B 9 26.83 36.78 -8.20
C GLN B 9 26.27 36.28 -9.53
N HIS B 10 27.12 35.68 -10.38
CA HIS B 10 26.63 35.10 -11.62
C HIS B 10 25.65 33.98 -11.33
N LEU B 11 25.98 33.12 -10.36
CA LEU B 11 25.09 32.00 -10.04
C LEU B 11 23.74 32.51 -9.55
N ASN B 12 23.74 33.58 -8.77
CA ASN B 12 22.48 34.15 -8.32
C ASN B 12 21.68 34.77 -9.47
N LYS B 13 22.37 35.31 -10.48
CA LYS B 13 21.65 35.84 -11.64
C LYS B 13 21.01 34.72 -12.46
N ILE B 14 21.74 33.63 -12.69
CA ILE B 14 21.16 32.47 -13.36
C ILE B 14 19.99 31.92 -12.55
N LEU B 15 20.16 31.81 -11.24
CA LEU B 15 19.07 31.35 -10.39
C LEU B 15 17.85 32.25 -10.53
N GLY B 16 18.06 33.56 -10.54
CA GLY B 16 16.95 34.48 -10.77
C GLY B 16 16.22 34.19 -12.07
N ASN B 17 16.98 33.88 -13.14
CA ASN B 17 16.35 33.54 -14.41
C ASN B 17 15.56 32.26 -14.30
N GLU B 18 16.10 31.26 -13.59
CA GLU B 18 15.37 30.00 -13.43
C GLU B 18 14.09 30.23 -12.63
N LEU B 19 14.14 31.10 -11.62
CA LEU B 19 12.95 31.36 -10.81
C LEU B 19 11.84 32.03 -11.64
N ILE B 20 12.19 32.99 -12.50
CA ILE B 20 11.19 33.51 -13.44
C ILE B 20 10.59 32.38 -14.26
N ALA B 21 11.45 31.54 -14.82
CA ALA B 21 11.04 30.49 -15.74
C ALA B 21 10.12 29.47 -15.05
N ILE B 22 10.44 29.11 -13.80
CA ILE B 22 9.56 28.17 -13.09
C ILE B 22 8.12 28.68 -13.10
N ASN B 23 7.94 29.95 -12.73
CA ASN B 23 6.60 30.51 -12.54
C ASN B 23 5.91 30.78 -13.87
N GLN B 24 6.65 31.33 -14.83
CA GLN B 24 6.12 31.54 -16.16
C GLN B 24 5.67 30.23 -16.81
N TYR B 25 6.51 29.21 -16.81
CA TYR B 25 6.13 27.93 -17.39
C TYR B 25 5.01 27.28 -16.60
N PHE B 26 4.99 27.42 -15.27
CA PHE B 26 3.92 26.77 -14.54
C PHE B 26 2.58 27.43 -14.85
N LEU B 27 2.55 28.76 -14.94
CA LEU B 27 1.31 29.44 -15.26
C LEU B 27 0.85 29.10 -16.69
N HIS B 28 1.77 29.14 -17.65
CA HIS B 28 1.43 28.77 -19.02
C HIS B 28 0.88 27.35 -19.08
N SER B 29 1.50 26.42 -18.34
CA SER B 29 1.00 25.05 -18.29
C SER B 29 -0.45 25.00 -17.82
N ARG B 30 -0.76 25.71 -16.73
CA ARG B 30 -2.10 25.63 -16.18
C ARG B 30 -3.12 26.38 -17.04
N MET B 31 -2.69 27.45 -17.74
CA MET B 31 -3.57 28.08 -18.73
C MET B 31 -3.92 27.11 -19.86
N TRP B 32 -2.91 26.45 -20.43
CA TRP B 32 -3.18 25.48 -21.49
C TRP B 32 -4.10 24.37 -20.99
N ASN B 33 -3.89 23.88 -19.77
CA ASN B 33 -4.80 22.85 -19.26
C ASN B 33 -6.21 23.38 -19.12
N ASP B 34 -6.34 24.59 -18.57
CA ASP B 34 -7.67 25.19 -18.44
C ASP B 34 -8.34 25.34 -19.79
N TRP B 35 -7.57 25.65 -20.85
CA TRP B 35 -8.15 25.78 -22.17
C TRP B 35 -8.40 24.46 -22.88
N GLY B 36 -8.09 23.33 -22.26
CA GLY B 36 -8.32 22.05 -22.88
C GLY B 36 -7.19 21.56 -23.76
N LEU B 37 -6.03 22.23 -23.73
CA LEU B 37 -4.87 21.87 -24.55
C LEU B 37 -3.87 21.11 -23.68
N LYS B 38 -4.29 19.90 -23.30
CA LYS B 38 -3.62 19.14 -22.24
C LYS B 38 -2.23 18.65 -22.63
N ARG B 39 -1.98 18.41 -23.92
CA ARG B 39 -0.63 18.00 -24.31
C ARG B 39 0.36 19.15 -24.15
N LEU B 40 -0.07 20.36 -24.51
CA LEU B 40 0.75 21.54 -24.23
C LEU B 40 0.90 21.74 -22.72
N GLY B 41 -0.20 21.61 -22.00
CA GLY B 41 -0.13 21.78 -20.54
C GLY B 41 0.88 20.85 -19.90
N ALA B 42 0.86 19.57 -20.27
CA ALA B 42 1.75 18.57 -19.69
C ALA B 42 3.20 18.85 -20.07
N HIS B 43 3.45 19.17 -21.33
CA HIS B 43 4.81 19.43 -21.74
C HIS B 43 5.36 20.66 -21.03
N GLU B 44 4.55 21.72 -20.95
CA GLU B 44 4.99 22.94 -20.29
C GLU B 44 5.21 22.70 -18.79
N TYR B 45 4.38 21.85 -18.17
CA TYR B 45 4.60 21.46 -16.78
C TYR B 45 5.99 20.82 -16.60
N HIS B 46 6.35 19.92 -17.51
CA HIS B 46 7.66 19.27 -17.41
C HIS B 46 8.78 20.27 -17.63
N GLU B 47 8.58 21.29 -18.47
CA GLU B 47 9.57 22.34 -18.57
C GLU B 47 9.73 23.09 -17.25
N SER B 48 8.62 23.37 -16.56
CA SER B 48 8.67 24.05 -15.26
C SER B 48 9.43 23.19 -14.26
N ILE B 49 9.13 21.89 -14.22
CA ILE B 49 9.82 20.96 -13.32
C ILE B 49 11.32 20.97 -13.60
N ASP B 50 11.72 20.99 -14.87
CA ASP B 50 13.14 20.98 -15.20
CA ASP B 50 13.13 21.01 -15.24
C ASP B 50 13.84 22.23 -14.69
N GLU B 51 13.18 23.39 -14.77
CA GLU B 51 13.77 24.60 -14.23
C GLU B 51 13.84 24.53 -12.70
N MET B 52 12.87 23.87 -12.06
CA MET B 52 12.93 23.68 -10.63
C MET B 52 14.16 22.87 -10.24
N LYS B 53 14.45 21.82 -11.01
CA LYS B 53 15.63 21.01 -10.75
C LYS B 53 16.91 21.82 -10.95
N HIS B 54 16.97 22.66 -12.00
CA HIS B 54 18.14 23.52 -12.17
C HIS B 54 18.31 24.49 -11.00
N ALA B 55 17.21 25.12 -10.57
CA ALA B 55 17.28 26.05 -9.43
C ALA B 55 17.83 25.35 -8.18
N ASP B 56 17.35 24.13 -7.92
CA ASP B 56 17.87 23.34 -6.80
C ASP B 56 19.39 23.21 -6.87
N LYS B 57 19.92 22.78 -8.02
CA LYS B 57 21.36 22.61 -8.14
C LYS B 57 22.11 23.93 -7.94
N LEU B 58 21.55 25.02 -8.45
CA LEU B 58 22.19 26.34 -8.26
C LEU B 58 22.19 26.73 -6.78
N ILE B 59 21.05 26.58 -6.10
CA ILE B 59 20.99 26.88 -4.67
C ILE B 59 22.04 26.07 -3.92
N GLU B 60 22.11 24.77 -4.20
CA GLU B 60 23.04 23.88 -3.53
C GLU B 60 24.49 24.30 -3.77
N ARG B 61 24.82 24.70 -5.02
CA ARG B 61 26.17 25.13 -5.34
C ARG B 61 26.51 26.44 -4.62
N ILE B 62 25.58 27.41 -4.67
CA ILE B 62 25.82 28.69 -4.01
C ILE B 62 26.09 28.47 -2.53
N LEU B 63 25.29 27.62 -1.88
CA LEU B 63 25.50 27.38 -0.45
C LEU B 63 26.84 26.70 -0.19
N PHE B 64 27.21 25.71 -1.00
CA PHE B 64 28.54 25.10 -0.88
C PHE B 64 29.64 26.14 -0.94
N LEU B 65 29.50 27.13 -1.84
CA LEU B 65 30.52 28.16 -2.03
C LEU B 65 30.41 29.28 -0.99
N GLU B 66 29.56 29.11 0.02
CA GLU B 66 29.44 30.03 1.15
C GLU B 66 28.82 31.37 0.72
N GLY B 67 27.98 31.33 -0.32
CA GLY B 67 27.15 32.44 -0.70
C GLY B 67 25.73 32.30 -0.18
N LEU B 68 24.93 33.35 -0.43
CA LEU B 68 23.53 33.38 -0.03
C LEU B 68 22.66 33.28 -1.27
N PRO B 69 21.89 32.20 -1.47
CA PRO B 69 21.07 32.12 -2.68
C PRO B 69 19.89 33.08 -2.60
N ASN B 70 19.66 33.83 -3.67
CA ASN B 70 18.62 34.84 -3.67
C ASN B 70 17.34 34.22 -4.21
N LEU B 71 16.42 33.88 -3.31
CA LEU B 71 15.08 33.45 -3.72
C LEU B 71 14.03 34.52 -3.48
N GLN B 72 14.43 35.74 -3.09
CA GLN B 72 13.50 36.81 -2.71
C GLN B 72 13.14 37.67 -3.90
N ASP B 73 14.11 37.95 -4.75
CA ASP B 73 13.91 38.85 -5.87
C ASP B 73 13.41 38.03 -7.05
N LEU B 74 12.25 38.41 -7.57
CA LEU B 74 11.66 37.75 -8.72
C LEU B 74 11.49 38.78 -9.82
N GLY B 75 12.12 38.53 -10.96
CA GLY B 75 12.00 39.40 -12.12
C GLY B 75 10.67 39.24 -12.87
N LYS B 76 10.60 39.90 -14.01
CA LYS B 76 9.34 40.05 -14.72
C LYS B 76 8.97 38.76 -15.44
N LEU B 77 7.78 38.23 -15.14
CA LEU B 77 7.22 37.13 -15.90
C LEU B 77 6.69 37.65 -17.23
N LEU B 78 6.94 36.89 -18.30
CA LEU B 78 6.44 37.19 -19.65
C LEU B 78 5.29 36.23 -19.92
N ILE B 79 4.06 36.68 -19.70
CA ILE B 79 2.89 35.83 -19.84
C ILE B 79 2.17 36.16 -21.14
N GLY B 80 1.89 35.15 -21.92
CA GLY B 80 1.19 35.34 -23.17
C GLY B 80 -0.32 35.30 -22.99
N GLU B 81 -1.02 35.82 -24.01
CA GLU B 81 -2.48 35.81 -23.98
C GLU B 81 -3.07 34.83 -24.98
N ASN B 82 -2.24 34.19 -25.80
CA ASN B 82 -2.66 33.06 -26.61
C ASN B 82 -1.45 32.15 -26.83
N THR B 83 -1.70 30.98 -27.43
CA THR B 83 -0.66 29.97 -27.54
C THR B 83 0.58 30.52 -28.23
N GLN B 84 0.38 31.20 -29.36
CA GLN B 84 1.53 31.73 -30.10
C GLN B 84 2.36 32.66 -29.22
N GLU B 85 1.69 33.58 -28.53
CA GLU B 85 2.40 34.54 -27.70
C GLU B 85 3.09 33.85 -26.53
N MET B 86 2.46 32.83 -25.98
CA MET B 86 3.02 32.16 -24.82
C MET B 86 4.32 31.46 -25.21
N LEU B 87 4.32 30.82 -26.37
CA LEU B 87 5.54 30.18 -26.86
C LEU B 87 6.63 31.21 -27.14
N GLN B 88 6.26 32.35 -27.73
CA GLN B 88 7.26 33.36 -28.01
C GLN B 88 7.79 33.97 -26.71
N CYS B 89 6.92 34.11 -25.70
CA CYS B 89 7.37 34.60 -24.40
C CYS B 89 8.35 33.64 -23.76
N ASP B 90 8.09 32.34 -23.86
CA ASP B 90 9.05 31.36 -23.36
C ASP B 90 10.36 31.48 -24.12
N LEU B 91 10.29 31.63 -25.45
CA LEU B 91 11.50 31.70 -26.27
C LEU B 91 12.31 32.96 -25.93
N ASN B 92 11.63 34.09 -25.74
CA ASN B 92 12.35 35.30 -25.38
C ASN B 92 13.06 35.16 -24.05
N LEU B 93 12.39 34.56 -23.06
CA LEU B 93 13.03 34.32 -21.77
C LEU B 93 14.25 33.41 -21.92
N GLU B 94 14.12 32.34 -22.71
CA GLU B 94 15.21 31.39 -22.86
C GLU B 94 16.42 32.03 -23.53
N LEU B 95 16.19 32.90 -24.51
CA LEU B 95 17.31 33.54 -25.20
C LEU B 95 18.05 34.47 -24.26
N LYS B 96 17.34 35.19 -23.39
CA LYS B 96 18.03 35.95 -22.34
C LYS B 96 18.78 35.01 -21.41
N ALA B 97 18.17 33.87 -21.07
CA ALA B 97 18.79 32.95 -20.12
C ALA B 97 20.10 32.40 -20.67
N THR B 98 20.14 32.04 -21.95
CA THR B 98 21.36 31.46 -22.50
C THR B 98 22.46 32.52 -22.66
N LYS B 99 22.10 33.77 -22.97
CA LYS B 99 23.10 34.84 -22.96
C LYS B 99 23.75 34.99 -21.59
N ASP B 100 22.95 34.98 -20.53
CA ASP B 100 23.48 35.11 -19.19
C ASP B 100 24.34 33.90 -18.82
N LEU B 101 23.94 32.70 -19.23
CA LEU B 101 24.73 31.52 -18.94
C LEU B 101 26.10 31.60 -19.57
N ARG B 102 26.18 32.07 -20.83
CA ARG B 102 27.47 32.18 -21.50
C ARG B 102 28.39 33.15 -20.76
N GLU B 103 27.85 34.31 -20.34
CA GLU B 103 28.69 35.28 -19.64
C GLU B 103 29.14 34.75 -18.28
N ALA B 104 28.30 33.96 -17.61
CA ALA B 104 28.70 33.32 -16.37
C ALA B 104 29.79 32.27 -16.59
N ILE B 105 29.66 31.47 -17.65
CA ILE B 105 30.68 30.45 -17.93
C ILE B 105 32.03 31.12 -18.21
N VAL B 106 32.03 32.19 -19.01
CA VAL B 106 33.27 32.94 -19.24
C VAL B 106 33.95 33.29 -17.93
N HIS B 107 33.18 33.80 -16.97
CA HIS B 107 33.79 34.21 -15.72
C HIS B 107 34.28 33.02 -14.91
N CYS B 108 33.48 31.94 -14.83
CA CYS B 108 33.95 30.75 -14.14
C CYS B 108 35.29 30.27 -14.71
N GLU B 109 35.41 30.23 -16.04
CA GLU B 109 36.65 29.81 -16.67
C GLU B 109 37.80 30.71 -16.25
N GLN B 110 37.56 32.02 -16.21
CA GLN B 110 38.63 32.96 -15.92
C GLN B 110 39.19 32.76 -14.51
N VAL B 111 38.33 32.45 -13.53
CA VAL B 111 38.77 32.27 -12.16
C VAL B 111 38.95 30.79 -11.79
N HIS B 112 38.92 29.89 -12.78
CA HIS B 112 39.25 28.47 -12.58
C HIS B 112 38.22 27.73 -11.74
N ASP B 113 36.97 28.19 -11.73
CA ASP B 113 35.90 27.46 -11.04
C ASP B 113 35.26 26.53 -12.07
N TYR B 114 35.97 25.44 -12.31
CA TYR B 114 35.61 24.53 -13.39
C TYR B 114 34.39 23.68 -13.05
N VAL B 115 34.11 23.46 -11.77
CA VAL B 115 32.91 22.71 -11.41
C VAL B 115 31.65 23.57 -11.62
N SER B 116 31.69 24.85 -11.22
CA SER B 116 30.56 25.71 -11.52
C SER B 116 30.37 25.87 -13.02
N ARG B 117 31.47 25.96 -13.76
CA ARG B 117 31.34 25.98 -15.21
C ARG B 117 30.60 24.74 -15.71
N ASP B 118 30.95 23.57 -15.17
CA ASP B 118 30.36 22.32 -15.67
C ASP B 118 28.86 22.29 -15.39
N LEU B 119 28.47 22.74 -14.20
CA LEU B 119 27.06 22.84 -13.83
C LEU B 119 26.32 23.75 -14.80
N LEU B 120 26.89 24.94 -15.06
CA LEU B 120 26.26 25.89 -15.97
C LEU B 120 26.19 25.37 -17.40
N LYS B 121 27.22 24.63 -17.84
CA LYS B 121 27.19 24.03 -19.16
C LYS B 121 26.01 23.05 -19.26
N ASP B 122 25.82 22.23 -18.22
CA ASP B 122 24.71 21.28 -18.23
C ASP B 122 23.37 22.01 -18.29
N ILE B 123 23.22 23.10 -17.53
CA ILE B 123 21.98 23.87 -17.59
C ILE B 123 21.82 24.46 -19.00
N LEU B 124 22.92 24.97 -19.55
CA LEU B 124 22.84 25.55 -20.90
C LEU B 124 22.39 24.52 -21.92
N GLU B 125 22.86 23.26 -21.81
CA GLU B 125 22.41 22.22 -22.74
C GLU B 125 20.90 21.99 -22.62
N SER B 126 20.38 21.99 -21.40
CA SER B 126 18.95 21.88 -21.18
CA SER B 126 18.94 21.88 -21.20
C SER B 126 18.21 23.07 -21.78
N GLU B 127 18.73 24.29 -21.59
CA GLU B 127 18.02 25.47 -22.11
C GLU B 127 18.07 25.52 -23.64
N GLU B 128 19.18 25.09 -24.26
CA GLU B 128 19.20 25.00 -25.72
C GLU B 128 18.20 23.94 -26.22
N GLU B 129 18.05 22.84 -25.50
CA GLU B 129 17.01 21.88 -25.89
C GLU B 129 15.62 22.50 -25.80
N HIS B 130 15.38 23.32 -24.80
CA HIS B 130 14.11 24.01 -24.72
C HIS B 130 13.93 24.98 -25.89
N ILE B 131 14.99 25.70 -26.26
CA ILE B 131 14.92 26.60 -27.41
C ILE B 131 14.57 25.81 -28.66
N ASP B 132 15.24 24.68 -28.88
CA ASP B 132 14.89 23.79 -29.99
C ASP B 132 13.40 23.46 -29.99
N TYR B 133 12.89 23.02 -28.84
CA TYR B 133 11.46 22.71 -28.74
C TYR B 133 10.60 23.91 -29.13
N LEU B 134 10.91 25.09 -28.58
CA LEU B 134 10.05 26.26 -28.82
C LEU B 134 10.10 26.70 -30.28
N GLU B 135 11.31 26.85 -30.85
CA GLU B 135 11.44 27.22 -32.25
C GLU B 135 10.69 26.24 -33.13
N THR B 136 10.76 24.95 -32.79
CA THR B 136 10.09 23.91 -33.58
C THR B 136 8.57 24.02 -33.48
N GLN B 137 8.03 24.35 -32.29
CA GLN B 137 6.58 24.51 -32.20
C GLN B 137 6.12 25.71 -33.02
N LEU B 138 6.84 26.81 -32.93
CA LEU B 138 6.45 27.99 -33.69
C LEU B 138 6.53 27.71 -35.18
N GLY B 139 7.49 26.89 -35.60
CA GLY B 139 7.55 26.48 -36.99
C GLY B 139 6.38 25.61 -37.41
N LEU B 140 5.95 24.71 -36.51
CA LEU B 140 4.84 23.81 -36.83
C LEU B 140 3.54 24.58 -36.99
N ILE B 141 3.32 25.61 -36.15
CA ILE B 141 2.13 26.44 -36.30
C ILE B 141 2.05 26.97 -37.73
N GLN B 142 3.20 27.37 -38.29
CA GLN B 142 3.22 27.89 -39.65
C GLN B 142 2.97 26.79 -40.68
N LYS B 143 3.47 25.58 -40.42
CA LYS B 143 3.40 24.50 -41.39
C LYS B 143 2.04 23.82 -41.41
N VAL B 144 1.42 23.62 -40.24
CA VAL B 144 0.16 22.89 -40.18
C VAL B 144 -1.04 23.79 -39.95
N GLY B 145 -0.82 25.10 -39.70
CA GLY B 145 -1.89 26.03 -39.36
C GLY B 145 -2.22 26.00 -37.88
N LEU B 146 -2.63 27.13 -37.31
CA LEU B 146 -2.87 27.17 -35.86
C LEU B 146 -3.97 26.20 -35.43
N GLU B 147 -5.07 26.13 -36.17
CA GLU B 147 -6.17 25.25 -35.74
C GLU B 147 -5.72 23.79 -35.62
N ASN B 148 -5.00 23.29 -36.63
CA ASN B 148 -4.45 21.92 -36.53
C ASN B 148 -3.45 21.80 -35.40
N TYR B 149 -2.57 22.79 -35.24
CA TYR B 149 -1.56 22.69 -34.19
C TYR B 149 -2.21 22.54 -32.83
N LEU B 150 -3.21 23.37 -32.55
CA LEU B 150 -3.91 23.29 -31.28
C LEU B 150 -4.68 21.99 -31.17
N GLN B 151 -5.33 21.57 -32.26
CA GLN B 151 -6.02 20.28 -32.26
C GLN B 151 -5.07 19.16 -31.83
N SER B 152 -3.86 19.15 -32.36
CA SER B 152 -2.88 18.11 -32.05
C SER B 152 -2.42 18.13 -30.60
N HIS B 153 -2.78 19.17 -29.84
CA HIS B 153 -2.37 19.27 -28.45
C HIS B 153 -3.55 19.24 -27.49
N MET B 154 -4.71 18.79 -27.95
CA MET B 154 -5.85 18.66 -27.07
C MET B 154 -5.70 17.49 -26.11
N HIS B 155 -5.34 16.32 -26.62
CA HIS B 155 -5.43 15.10 -25.83
C HIS B 155 -4.03 14.57 -25.48
N MET C 1 -34.48 8.51 10.77
CA MET C 1 -34.26 9.72 11.63
C MET C 1 -35.05 10.88 11.04
N LYS C 2 -35.87 11.54 11.86
CA LYS C 2 -36.81 12.53 11.32
C LYS C 2 -36.04 13.73 10.77
N GLY C 3 -36.08 13.91 9.45
CA GLY C 3 -35.40 15.03 8.84
C GLY C 3 -36.26 16.29 8.85
N ASP C 4 -35.60 17.41 8.56
CA ASP C 4 -36.30 18.68 8.37
C ASP C 4 -37.09 18.64 7.06
N LYS C 5 -38.35 19.09 7.12
CA LYS C 5 -39.22 19.00 5.94
C LYS C 5 -38.68 19.79 4.76
N LYS C 6 -38.17 21.00 5.01
CA LYS C 6 -37.63 21.81 3.93
C LYS C 6 -36.32 21.24 3.40
N VAL C 7 -35.49 20.62 4.25
CA VAL C 7 -34.32 19.92 3.72
C VAL C 7 -34.77 18.85 2.73
N ILE C 8 -35.77 18.06 3.10
CA ILE C 8 -36.24 17.01 2.21
C ILE C 8 -36.74 17.62 0.91
N GLN C 9 -37.44 18.75 0.99
CA GLN C 9 -37.89 19.42 -0.23
C GLN C 9 -36.71 19.84 -1.10
N HIS C 10 -35.68 20.46 -0.49
CA HIS C 10 -34.47 20.79 -1.24
C HIS C 10 -33.84 19.54 -1.84
N LEU C 11 -33.77 18.43 -1.08
CA LEU C 11 -33.12 17.24 -1.62
C LEU C 11 -33.91 16.68 -2.79
N ASN C 12 -35.25 16.75 -2.72
CA ASN C 12 -36.06 16.31 -3.85
C ASN C 12 -35.91 17.22 -5.05
N LYS C 13 -35.62 18.51 -4.82
CA LYS C 13 -35.39 19.40 -5.95
C LYS C 13 -34.07 19.06 -6.64
N ILE C 14 -33.02 18.81 -5.85
CA ILE C 14 -31.74 18.41 -6.42
C ILE C 14 -31.89 17.08 -7.15
N LEU C 15 -32.59 16.13 -6.54
CA LEU C 15 -32.87 14.85 -7.19
C LEU C 15 -33.57 15.07 -8.51
N GLY C 16 -34.57 15.93 -8.52
CA GLY C 16 -35.26 16.25 -9.77
C GLY C 16 -34.31 16.77 -10.84
N ASN C 17 -33.37 17.63 -10.45
CA ASN C 17 -32.36 18.09 -11.39
C ASN C 17 -31.50 16.93 -11.89
N GLU C 18 -31.11 16.01 -11.00
CA GLU C 18 -30.29 14.89 -11.43
C GLU C 18 -31.07 13.98 -12.39
N LEU C 19 -32.37 13.81 -12.15
CA LEU C 19 -33.15 12.92 -13.00
C LEU C 19 -33.26 13.50 -14.41
N ILE C 20 -33.39 14.82 -14.54
CA ILE C 20 -33.35 15.45 -15.87
C ILE C 20 -32.01 15.18 -16.53
N ALA C 21 -30.93 15.43 -15.79
CA ALA C 21 -29.58 15.29 -16.35
C ALA C 21 -29.30 13.87 -16.78
N ILE C 22 -29.72 12.87 -15.98
CA ILE C 22 -29.53 11.48 -16.37
C ILE C 22 -30.06 11.27 -17.79
N ASN C 23 -31.32 11.65 -18.01
CA ASN C 23 -31.96 11.38 -19.31
C ASN C 23 -31.38 12.24 -20.41
N GLN C 24 -31.13 13.52 -20.13
CA GLN C 24 -30.59 14.41 -21.15
C GLN C 24 -29.19 13.95 -21.58
N TYR C 25 -28.32 13.65 -20.62
CA TYR C 25 -26.98 13.18 -20.97
C TYR C 25 -27.02 11.80 -21.64
N PHE C 26 -27.91 10.89 -21.20
CA PHE C 26 -27.95 9.59 -21.86
C PHE C 26 -28.39 9.73 -23.31
N LEU C 27 -29.41 10.55 -23.58
CA LEU C 27 -29.85 10.71 -24.97
C LEU C 27 -28.77 11.41 -25.79
N HIS C 28 -28.18 12.47 -25.25
CA HIS C 28 -27.07 13.12 -25.97
C HIS C 28 -25.94 12.14 -26.27
N SER C 29 -25.62 11.27 -25.30
CA SER C 29 -24.59 10.27 -25.52
C SER C 29 -24.94 9.38 -26.72
N ARG C 30 -26.18 8.87 -26.75
CA ARG C 30 -26.56 7.93 -27.80
C ARG C 30 -26.74 8.61 -29.15
N MET C 31 -27.04 9.90 -29.15
CA MET C 31 -27.03 10.65 -30.41
C MET C 31 -25.62 10.76 -30.95
N TRP C 32 -24.67 11.14 -30.08
CA TRP C 32 -23.27 11.25 -30.50
C TRP C 32 -22.75 9.90 -31.01
N ASN C 33 -23.10 8.80 -30.34
CA ASN C 33 -22.68 7.49 -30.84
C ASN C 33 -23.30 7.21 -32.20
N ASP C 34 -24.59 7.49 -32.35
CA ASP C 34 -25.25 7.30 -33.64
C ASP C 34 -24.55 8.10 -34.74
N TRP C 35 -24.08 9.30 -34.43
CA TRP C 35 -23.43 10.14 -35.42
C TRP C 35 -21.97 9.76 -35.66
N GLY C 36 -21.45 8.77 -34.96
CA GLY C 36 -20.07 8.38 -35.11
C GLY C 36 -19.08 9.16 -34.27
N LEU C 37 -19.55 10.00 -33.37
CA LEU C 37 -18.70 10.81 -32.52
C LEU C 37 -18.52 10.09 -31.18
N LYS C 38 -17.84 8.94 -31.26
CA LYS C 38 -17.87 7.99 -30.14
C LYS C 38 -17.10 8.49 -28.92
N ARG C 39 -16.13 9.41 -29.07
CA ARG C 39 -15.45 9.90 -27.87
C ARG C 39 -16.37 10.82 -27.08
N LEU C 40 -17.17 11.64 -27.79
CA LEU C 40 -18.21 12.41 -27.12
C LEU C 40 -19.27 11.49 -26.55
N GLY C 41 -19.68 10.47 -27.31
CA GLY C 41 -20.68 9.56 -26.80
C GLY C 41 -20.23 8.88 -25.53
N ALA C 42 -18.99 8.40 -25.50
CA ALA C 42 -18.49 7.73 -24.31
C ALA C 42 -18.38 8.70 -23.14
N HIS C 43 -17.87 9.91 -23.37
CA HIS C 43 -17.73 10.85 -22.24
C HIS C 43 -19.08 11.25 -21.68
N GLU C 44 -20.06 11.47 -22.56
CA GLU C 44 -21.40 11.87 -22.12
C GLU C 44 -22.10 10.75 -21.39
N TYR C 45 -21.84 9.50 -21.81
CA TYR C 45 -22.35 8.34 -21.09
C TYR C 45 -21.85 8.34 -19.65
N HIS C 46 -20.54 8.57 -19.46
CA HIS C 46 -20.00 8.62 -18.11
C HIS C 46 -20.56 9.79 -17.30
N GLU C 47 -20.88 10.91 -17.95
CA GLU C 47 -21.59 11.99 -17.25
C GLU C 47 -22.95 11.51 -16.75
N SER C 48 -23.68 10.76 -17.59
CA SER C 48 -25.00 10.29 -17.21
C SER C 48 -24.91 9.32 -16.05
N ILE C 49 -23.95 8.40 -16.10
CA ILE C 49 -23.72 7.48 -14.99
C ILE C 49 -23.41 8.24 -13.71
N ASP C 50 -22.59 9.29 -13.78
CA ASP C 50 -22.26 10.02 -12.56
C ASP C 50 -23.51 10.64 -11.94
N GLU C 51 -24.42 11.13 -12.78
CA GLU C 51 -25.67 11.70 -12.26
C GLU C 51 -26.54 10.61 -11.64
N MET C 52 -26.53 9.42 -12.24
CA MET C 52 -27.24 8.29 -11.64
C MET C 52 -26.73 8.00 -10.24
N LYS C 53 -25.41 8.02 -10.05
CA LYS C 53 -24.84 7.77 -8.73
C LYS C 53 -25.25 8.86 -7.73
N HIS C 54 -25.23 10.13 -8.17
CA HIS C 54 -25.72 11.20 -7.30
C HIS C 54 -27.18 10.99 -6.93
N ALA C 55 -28.03 10.63 -7.91
CA ALA C 55 -29.44 10.41 -7.62
C ALA C 55 -29.61 9.28 -6.61
N ASP C 56 -28.80 8.22 -6.73
CA ASP C 56 -28.86 7.13 -5.75
C ASP C 56 -28.63 7.66 -4.33
N LYS C 57 -27.55 8.42 -4.13
CA LYS C 57 -27.25 8.91 -2.79
C LYS C 57 -28.33 9.85 -2.27
N LEU C 58 -28.88 10.69 -3.13
CA LEU C 58 -29.98 11.55 -2.70
C LEU C 58 -31.20 10.75 -2.27
N ILE C 59 -31.59 9.74 -3.05
CA ILE C 59 -32.70 8.87 -2.68
C ILE C 59 -32.45 8.21 -1.33
N GLU C 60 -31.25 7.66 -1.14
CA GLU C 60 -30.90 7.03 0.12
C GLU C 60 -31.01 8.00 1.29
N ARG C 61 -30.51 9.24 1.11
CA ARG C 61 -30.54 10.21 2.19
C ARG C 61 -31.97 10.62 2.53
N ILE C 62 -32.79 10.85 1.50
CA ILE C 62 -34.19 11.23 1.73
C ILE C 62 -34.91 10.17 2.54
N LEU C 63 -34.72 8.90 2.17
CA LEU C 63 -35.39 7.83 2.90
C LEU C 63 -34.90 7.76 4.34
N PHE C 64 -33.59 7.87 4.55
CA PHE C 64 -33.07 7.89 5.91
C PHE C 64 -33.73 9.00 6.72
N LEU C 65 -33.90 10.17 6.13
CA LEU C 65 -34.54 11.28 6.80
C LEU C 65 -36.06 11.16 6.83
N GLU C 66 -36.61 10.01 6.42
CA GLU C 66 -38.04 9.71 6.53
C GLU C 66 -38.90 10.58 5.61
N GLY C 67 -38.33 10.96 4.47
CA GLY C 67 -39.05 11.59 3.39
C GLY C 67 -39.35 10.59 2.26
N LEU C 68 -40.13 11.08 1.29
CA LEU C 68 -40.51 10.33 0.10
C LEU C 68 -39.73 10.85 -1.08
N PRO C 69 -38.80 10.09 -1.65
CA PRO C 69 -38.04 10.60 -2.80
C PRO C 69 -38.97 10.66 -4.00
N ASN C 70 -38.92 11.77 -4.73
CA ASN C 70 -39.81 12.00 -5.85
C ASN C 70 -39.09 11.58 -7.13
N LEU C 71 -39.42 10.40 -7.63
CA LEU C 71 -38.95 9.96 -8.93
C LEU C 71 -40.04 10.03 -10.00
N GLN C 72 -41.17 10.67 -9.69
CA GLN C 72 -42.33 10.73 -10.59
C GLN C 72 -42.32 11.97 -11.46
N ASP C 73 -41.93 13.11 -10.90
CA ASP C 73 -41.94 14.35 -11.65
C ASP C 73 -40.61 14.48 -12.36
N LEU C 74 -40.68 14.67 -13.66
CA LEU C 74 -39.51 14.84 -14.51
C LEU C 74 -39.68 16.18 -15.20
N GLY C 75 -38.74 17.09 -14.97
CA GLY C 75 -38.72 18.39 -15.62
C GLY C 75 -38.29 18.33 -17.08
N LYS C 76 -38.15 19.52 -17.67
CA LYS C 76 -37.90 19.66 -19.10
C LYS C 76 -36.46 19.25 -19.46
N LEU C 77 -36.32 18.27 -20.34
CA LEU C 77 -35.04 17.94 -20.93
C LEU C 77 -34.65 19.01 -21.95
N LEU C 78 -33.38 19.43 -21.94
CA LEU C 78 -32.85 20.37 -22.92
C LEU C 78 -32.01 19.59 -23.94
N ILE C 79 -32.62 19.26 -25.07
CA ILE C 79 -31.97 18.41 -26.08
C ILE C 79 -31.54 19.29 -27.24
N GLY C 80 -30.25 19.28 -27.56
CA GLY C 80 -29.78 20.05 -28.70
C GLY C 80 -29.92 19.29 -30.01
N GLU C 81 -29.70 20.01 -31.11
CA GLU C 81 -29.85 19.45 -32.45
C GLU C 81 -28.52 19.34 -33.19
N ASN C 82 -27.44 19.82 -32.60
CA ASN C 82 -26.09 19.65 -33.10
C ASN C 82 -25.17 19.71 -31.89
N THR C 83 -23.90 19.37 -32.11
CA THR C 83 -22.95 19.22 -31.01
C THR C 83 -22.83 20.49 -30.18
N GLN C 84 -22.65 21.63 -30.85
CA GLN C 84 -22.56 22.89 -30.10
C GLN C 84 -23.77 23.11 -29.22
N GLU C 85 -24.98 22.92 -29.78
CA GLU C 85 -26.20 23.14 -29.01
C GLU C 85 -26.33 22.15 -27.86
N MET C 86 -25.94 20.91 -28.09
CA MET C 86 -26.04 19.89 -27.04
C MET C 86 -25.16 20.26 -25.85
N LEU C 87 -23.92 20.68 -26.10
CA LEU C 87 -23.01 21.11 -25.04
C LEU C 87 -23.57 22.31 -24.30
N GLN C 88 -24.14 23.27 -25.04
CA GLN C 88 -24.72 24.44 -24.39
C GLN C 88 -25.95 24.06 -23.57
N CYS C 89 -26.76 23.14 -24.06
CA CYS C 89 -27.90 22.63 -23.29
C CYS C 89 -27.44 22.00 -21.98
N ASP C 90 -26.43 21.11 -22.06
CA ASP C 90 -25.84 20.54 -20.85
C ASP C 90 -25.36 21.65 -19.91
N LEU C 91 -24.68 22.66 -20.45
CA LEU C 91 -24.15 23.72 -19.59
C LEU C 91 -25.28 24.51 -18.94
N ASN C 92 -26.34 24.81 -19.69
CA ASN C 92 -27.45 25.55 -19.10
C ASN C 92 -28.08 24.77 -17.96
N LEU C 93 -28.26 23.46 -18.13
CA LEU C 93 -28.81 22.62 -17.08
C LEU C 93 -27.91 22.62 -15.86
N GLU C 94 -26.59 22.49 -16.07
CA GLU C 94 -25.67 22.44 -14.94
C GLU C 94 -25.65 23.75 -14.15
N LEU C 95 -25.76 24.90 -14.83
CA LEU C 95 -25.81 26.18 -14.12
C LEU C 95 -27.06 26.30 -13.25
N LYS C 96 -28.19 25.82 -13.75
CA LYS C 96 -29.38 25.74 -12.90
C LYS C 96 -29.13 24.79 -11.73
N ALA C 97 -28.52 23.64 -12.01
CA ALA C 97 -28.27 22.67 -10.95
C ALA C 97 -27.39 23.25 -9.84
N THR C 98 -26.33 23.99 -10.18
CA THR C 98 -25.42 24.47 -9.15
C THR C 98 -26.06 25.62 -8.37
N LYS C 99 -26.85 26.47 -9.03
CA LYS C 99 -27.66 27.43 -8.26
C LYS C 99 -28.51 26.71 -7.21
N ASP C 100 -29.26 25.69 -7.62
CA ASP C 100 -30.15 25.00 -6.69
C ASP C 100 -29.36 24.30 -5.58
N LEU C 101 -28.20 23.72 -5.92
CA LEU C 101 -27.35 23.11 -4.89
C LEU C 101 -26.92 24.13 -3.84
N ARG C 102 -26.56 25.33 -4.27
CA ARG C 102 -26.11 26.35 -3.31
C ARG C 102 -27.24 26.74 -2.36
N GLU C 103 -28.47 26.90 -2.87
CA GLU C 103 -29.61 27.20 -2.02
C GLU C 103 -29.92 26.06 -1.07
N ALA C 104 -29.77 24.82 -1.52
CA ALA C 104 -29.99 23.69 -0.62
C ALA C 104 -28.93 23.65 0.48
N ILE C 105 -27.67 23.93 0.12
CA ILE C 105 -26.61 23.91 1.13
C ILE C 105 -26.88 24.98 2.19
N VAL C 106 -27.28 26.18 1.77
CA VAL C 106 -27.66 27.22 2.74
C VAL C 106 -28.67 26.67 3.73
N HIS C 107 -29.72 26.03 3.22
CA HIS C 107 -30.77 25.59 4.14
C HIS C 107 -30.30 24.47 5.05
N CYS C 108 -29.51 23.50 4.53
CA CYS C 108 -28.96 22.47 5.40
C CYS C 108 -28.13 23.09 6.52
N GLU C 109 -27.32 24.10 6.19
CA GLU C 109 -26.48 24.73 7.20
C GLU C 109 -27.35 25.37 8.28
N GLN C 110 -28.44 26.02 7.89
CA GLN C 110 -29.27 26.74 8.84
C GLN C 110 -30.00 25.83 9.80
N VAL C 111 -30.38 24.62 9.38
CA VAL C 111 -31.01 23.69 10.31
C VAL C 111 -30.02 22.68 10.89
N HIS C 112 -28.73 22.89 10.67
CA HIS C 112 -27.66 22.07 11.25
C HIS C 112 -27.63 20.66 10.70
N ASP C 113 -28.12 20.46 9.47
CA ASP C 113 -28.09 19.14 8.84
C ASP C 113 -26.77 19.06 8.08
N TYR C 114 -25.71 18.85 8.85
CA TYR C 114 -24.38 18.99 8.28
C TYR C 114 -24.03 17.81 7.39
N VAL C 115 -24.60 16.63 7.62
CA VAL C 115 -24.32 15.48 6.79
C VAL C 115 -24.95 15.65 5.41
N SER C 116 -26.21 16.13 5.36
CA SER C 116 -26.80 16.46 4.07
C SER C 116 -26.00 17.53 3.34
N ARG C 117 -25.52 18.56 4.07
CA ARG C 117 -24.68 19.57 3.43
C ARG C 117 -23.46 18.92 2.79
N ASP C 118 -22.81 18.03 3.51
CA ASP C 118 -21.59 17.41 3.00
C ASP C 118 -21.86 16.60 1.73
N LEU C 119 -22.99 15.90 1.69
CA LEU C 119 -23.36 15.18 0.47
C LEU C 119 -23.56 16.16 -0.69
N LEU C 120 -24.30 17.25 -0.43
CA LEU C 120 -24.56 18.21 -1.49
C LEU C 120 -23.29 18.89 -1.95
N LYS C 121 -22.37 19.16 -1.01
CA LYS C 121 -21.08 19.74 -1.39
C LYS C 121 -20.30 18.81 -2.32
N ASP C 122 -20.28 17.52 -2.03
CA ASP C 122 -19.64 16.55 -2.93
C ASP C 122 -20.29 16.54 -4.31
N ILE C 123 -21.64 16.57 -4.36
CA ILE C 123 -22.34 16.64 -5.65
C ILE C 123 -21.99 17.93 -6.36
N LEU C 124 -21.88 19.04 -5.63
CA LEU C 124 -21.55 20.32 -6.26
C LEU C 124 -20.15 20.30 -6.86
N GLU C 125 -19.20 19.65 -6.18
CA GLU C 125 -17.86 19.49 -6.76
C GLU C 125 -17.91 18.75 -8.08
N SER C 126 -18.72 17.68 -8.16
CA SER C 126 -18.88 16.96 -9.41
CA SER C 126 -18.88 16.96 -9.42
C SER C 126 -19.51 17.85 -10.48
N GLU C 127 -20.54 18.63 -10.10
CA GLU C 127 -21.20 19.44 -11.12
C GLU C 127 -20.29 20.56 -11.61
N GLU C 128 -19.47 21.17 -10.72
CA GLU C 128 -18.52 22.15 -11.21
C GLU C 128 -17.45 21.53 -12.09
N GLU C 129 -17.06 20.27 -11.84
CA GLU C 129 -16.15 19.60 -12.77
C GLU C 129 -16.82 19.43 -14.14
N HIS C 130 -18.11 19.13 -14.15
CA HIS C 130 -18.82 19.02 -15.42
C HIS C 130 -18.88 20.37 -16.14
N ILE C 131 -19.16 21.44 -15.39
CA ILE C 131 -19.14 22.78 -15.98
C ILE C 131 -17.77 23.08 -16.58
N ASP C 132 -16.70 22.74 -15.87
CA ASP C 132 -15.36 22.98 -16.41
C ASP C 132 -15.21 22.27 -17.76
N TYR C 133 -15.58 21.00 -17.79
CA TYR C 133 -15.48 20.21 -19.01
C TYR C 133 -16.25 20.88 -20.14
N LEU C 134 -17.50 21.27 -19.85
CA LEU C 134 -18.38 21.82 -20.87
C LEU C 134 -17.87 23.15 -21.42
N GLU C 135 -17.53 24.09 -20.52
CA GLU C 135 -16.97 25.37 -20.97
C GLU C 135 -15.72 25.18 -21.81
N THR C 136 -14.89 24.22 -21.40
CA THR C 136 -13.67 23.95 -22.13
C THR C 136 -13.96 23.42 -23.53
N GLN C 137 -14.92 22.51 -23.65
CA GLN C 137 -15.27 22.00 -24.97
C GLN C 137 -15.77 23.11 -25.88
N LEU C 138 -16.61 24.00 -25.33
CA LEU C 138 -17.13 25.09 -26.14
C LEU C 138 -16.02 26.05 -26.55
N GLY C 139 -15.04 26.27 -25.65
CA GLY C 139 -13.87 27.07 -26.01
C GLY C 139 -13.00 26.39 -27.06
N LEU C 140 -12.87 25.07 -26.98
CA LEU C 140 -12.05 24.37 -27.98
C LEU C 140 -12.66 24.48 -29.37
N ILE C 141 -13.98 24.42 -29.47
CA ILE C 141 -14.62 24.59 -30.78
C ILE C 141 -14.19 25.90 -31.41
N GLN C 142 -14.04 26.95 -30.60
CA GLN C 142 -13.64 28.24 -31.13
C GLN C 142 -12.17 28.26 -31.50
N LYS C 143 -11.34 27.52 -30.76
CA LYS C 143 -9.91 27.57 -31.02
C LYS C 143 -9.49 26.68 -32.19
N VAL C 144 -10.08 25.47 -32.30
CA VAL C 144 -9.61 24.53 -33.32
C VAL C 144 -10.55 24.48 -34.51
N GLY C 145 -11.72 25.11 -34.42
CA GLY C 145 -12.75 24.98 -35.45
C GLY C 145 -13.66 23.79 -35.19
N LEU C 146 -14.92 23.92 -35.62
CA LEU C 146 -15.87 22.86 -35.36
C LEU C 146 -15.48 21.55 -36.03
N GLU C 147 -15.05 21.60 -37.29
CA GLU C 147 -14.72 20.39 -38.01
C GLU C 147 -13.59 19.61 -37.31
N ASN C 148 -12.50 20.30 -36.95
CA ASN C 148 -11.44 19.67 -36.18
C ASN C 148 -11.93 19.15 -34.85
N TYR C 149 -12.74 19.95 -34.14
CA TYR C 149 -13.24 19.52 -32.83
C TYR C 149 -14.00 18.20 -32.96
N LEU C 150 -14.88 18.10 -33.97
CA LEU C 150 -15.65 16.89 -34.17
C LEU C 150 -14.74 15.75 -34.60
N GLN C 151 -13.78 16.02 -35.49
CA GLN C 151 -12.82 14.99 -35.88
C GLN C 151 -12.14 14.36 -34.68
N SER C 152 -11.71 15.20 -33.74
CA SER C 152 -11.02 14.76 -32.54
C SER C 152 -11.89 13.92 -31.64
N HIS C 153 -13.21 13.87 -31.87
CA HIS C 153 -14.10 13.08 -31.04
C HIS C 153 -14.74 11.92 -31.80
N MET C 154 -14.18 11.57 -32.96
CA MET C 154 -14.67 10.41 -33.69
C MET C 154 -14.31 9.09 -33.01
N HIS C 155 -13.06 8.91 -32.63
CA HIS C 155 -12.59 7.57 -32.24
C HIS C 155 -12.32 7.46 -30.73
N MET D 1 7.19 -42.82 37.90
CA MET D 1 7.32 -42.01 39.15
C MET D 1 6.11 -42.27 40.02
N LYS D 2 6.27 -42.91 41.18
CA LYS D 2 5.10 -43.36 41.93
C LYS D 2 4.29 -42.18 42.41
N GLY D 3 3.02 -42.11 42.01
CA GLY D 3 2.13 -41.07 42.46
C GLY D 3 1.48 -41.36 43.80
N ASP D 4 0.92 -40.31 44.37
CA ASP D 4 0.05 -40.44 45.54
C ASP D 4 -1.17 -41.27 45.19
N LYS D 5 -1.46 -42.28 46.03
CA LYS D 5 -2.55 -43.20 45.74
C LYS D 5 -3.88 -42.48 45.59
N LYS D 6 -4.19 -41.53 46.47
CA LYS D 6 -5.47 -40.84 46.38
C LYS D 6 -5.51 -39.89 45.19
N VAL D 7 -4.38 -39.32 44.78
CA VAL D 7 -4.34 -38.56 43.52
C VAL D 7 -4.78 -39.46 42.38
N ILE D 8 -4.20 -40.67 42.33
CA ILE D 8 -4.51 -41.60 41.26
C ILE D 8 -5.99 -41.96 41.30
N GLN D 9 -6.55 -42.15 42.50
CA GLN D 9 -7.98 -42.45 42.59
C GLN D 9 -8.81 -41.29 42.06
N HIS D 10 -8.39 -40.05 42.36
CA HIS D 10 -9.09 -38.88 41.82
C HIS D 10 -8.98 -38.86 40.30
N LEU D 11 -7.78 -39.09 39.78
CA LEU D 11 -7.58 -39.09 38.34
C LEU D 11 -8.46 -40.12 37.67
N ASN D 12 -8.58 -41.31 38.28
CA ASN D 12 -9.46 -42.32 37.71
C ASN D 12 -10.93 -41.91 37.81
N LYS D 13 -11.31 -41.18 38.86
CA LYS D 13 -12.69 -40.71 38.91
C LYS D 13 -12.96 -39.70 37.80
N ILE D 14 -12.01 -38.78 37.58
CA ILE D 14 -12.17 -37.81 36.49
C ILE D 14 -12.20 -38.53 35.15
N LEU D 15 -11.31 -39.49 34.96
CA LEU D 15 -11.32 -40.29 33.74
C LEU D 15 -12.67 -40.95 33.55
N GLY D 16 -13.24 -41.49 34.63
CA GLY D 16 -14.55 -42.11 34.54
C GLY D 16 -15.60 -41.14 34.05
N ASN D 17 -15.54 -39.88 34.50
CA ASN D 17 -16.51 -38.89 34.04
C ASN D 17 -16.31 -38.60 32.56
N GLU D 18 -15.05 -38.49 32.12
CA GLU D 18 -14.77 -38.25 30.71
C GLU D 18 -15.24 -39.41 29.85
N LEU D 19 -15.07 -40.66 30.31
CA LEU D 19 -15.53 -41.81 29.53
C LEU D 19 -17.05 -41.82 29.36
N ILE D 20 -17.80 -41.48 30.42
CA ILE D 20 -19.24 -41.27 30.28
C ILE D 20 -19.53 -40.22 29.20
N ALA D 21 -18.87 -39.06 29.32
CA ALA D 21 -19.07 -37.94 28.41
C ALA D 21 -18.78 -38.31 26.96
N ILE D 22 -17.69 -39.05 26.72
CA ILE D 22 -17.41 -39.50 25.34
C ILE D 22 -18.61 -40.19 24.75
N ASN D 23 -19.13 -41.18 25.45
CA ASN D 23 -20.21 -42.01 24.91
C ASN D 23 -21.52 -41.24 24.82
N GLN D 24 -21.83 -40.45 25.85
CA GLN D 24 -23.07 -39.68 25.85
C GLN D 24 -23.06 -38.64 24.73
N TYR D 25 -21.96 -37.92 24.57
CA TYR D 25 -21.88 -36.91 23.51
C TYR D 25 -21.84 -37.56 22.13
N PHE D 26 -21.17 -38.70 22.00
CA PHE D 26 -21.12 -39.33 20.69
C PHE D 26 -22.49 -39.80 20.26
N LEU D 27 -23.24 -40.42 21.18
CA LEU D 27 -24.59 -40.87 20.84
C LEU D 27 -25.50 -39.70 20.55
N HIS D 28 -25.43 -38.65 21.38
CA HIS D 28 -26.24 -37.46 21.11
C HIS D 28 -25.90 -36.88 19.74
N SER D 29 -24.62 -36.86 19.39
CA SER D 29 -24.22 -36.36 18.08
C SER D 29 -24.87 -37.15 16.96
N ARG D 30 -24.83 -38.48 17.07
CA ARG D 30 -25.34 -39.29 15.98
C ARG D 30 -26.87 -39.29 15.96
N MET D 31 -27.49 -39.10 17.12
CA MET D 31 -28.94 -38.88 17.13
C MET D 31 -29.31 -37.60 16.40
N TRP D 32 -28.62 -36.49 16.70
CA TRP D 32 -28.92 -35.24 16.01
C TRP D 32 -28.67 -35.36 14.51
N ASN D 33 -27.60 -36.03 14.10
CA ASN D 33 -27.40 -36.22 12.67
C ASN D 33 -28.54 -37.01 12.04
N ASP D 34 -28.98 -38.08 12.72
CA ASP D 34 -30.06 -38.89 12.18
C ASP D 34 -31.34 -38.08 12.05
N TRP D 35 -31.54 -37.09 12.91
CA TRP D 35 -32.72 -36.23 12.86
C TRP D 35 -32.57 -35.10 11.87
N GLY D 36 -31.43 -34.97 11.21
CA GLY D 36 -31.22 -33.89 10.26
C GLY D 36 -30.78 -32.59 10.88
N LEU D 37 -30.39 -32.61 12.13
CA LEU D 37 -29.93 -31.41 12.81
C LEU D 37 -28.40 -31.41 12.83
N LYS D 38 -27.83 -31.25 11.63
CA LYS D 38 -26.42 -31.58 11.42
C LYS D 38 -25.49 -30.58 12.09
N ARG D 39 -25.93 -29.35 12.35
CA ARG D 39 -25.02 -28.43 13.02
C ARG D 39 -24.85 -28.81 14.47
N LEU D 40 -25.94 -29.28 15.09
CA LEU D 40 -25.83 -29.83 16.44
C LEU D 40 -25.02 -31.10 16.44
N GLY D 41 -25.26 -31.96 15.44
CA GLY D 41 -24.50 -33.20 15.35
C GLY D 41 -23.00 -32.94 15.26
N ALA D 42 -22.60 -31.99 14.42
CA ALA D 42 -21.18 -31.69 14.27
C ALA D 42 -20.61 -31.10 15.55
N HIS D 43 -21.32 -30.15 16.17
CA HIS D 43 -20.78 -29.53 17.38
C HIS D 43 -20.62 -30.57 18.48
N GLU D 44 -21.60 -31.47 18.61
CA GLU D 44 -21.57 -32.47 19.66
C GLU D 44 -20.50 -33.52 19.40
N TYR D 45 -20.26 -33.83 18.13
CA TYR D 45 -19.12 -34.68 17.78
C TYR D 45 -17.82 -34.07 18.27
N HIS D 46 -17.65 -32.76 18.04
CA HIS D 46 -16.42 -32.12 18.50
C HIS D 46 -16.31 -32.10 20.01
N GLU D 47 -17.44 -32.00 20.73
CA GLU D 47 -17.40 -32.12 22.17
C GLU D 47 -16.96 -33.52 22.59
N SER D 48 -17.46 -34.55 21.90
CA SER D 48 -17.03 -35.92 22.19
C SER D 48 -15.53 -36.10 21.95
N ILE D 49 -15.03 -35.56 20.83
CA ILE D 49 -13.61 -35.66 20.53
C ILE D 49 -12.79 -34.97 21.61
N ASP D 50 -13.27 -33.81 22.09
CA ASP D 50 -12.57 -33.08 23.14
C ASP D 50 -12.43 -33.93 24.39
N GLU D 51 -13.50 -34.63 24.77
CA GLU D 51 -13.43 -35.50 25.95
C GLU D 51 -12.51 -36.68 25.70
N MET D 52 -12.46 -37.20 24.47
CA MET D 52 -11.52 -38.25 24.14
C MET D 52 -10.08 -37.80 24.36
N LYS D 53 -9.77 -36.57 23.95
CA LYS D 53 -8.44 -36.04 24.17
C LYS D 53 -8.14 -35.87 25.65
N HIS D 54 -9.12 -35.40 26.44
CA HIS D 54 -8.89 -35.29 27.89
C HIS D 54 -8.66 -36.67 28.50
N ALA D 55 -9.43 -37.66 28.06
CA ALA D 55 -9.26 -38.99 28.61
C ALA D 55 -7.87 -39.53 28.29
N ASP D 56 -7.39 -39.29 27.07
CA ASP D 56 -6.03 -39.68 26.71
C ASP D 56 -5.01 -39.07 27.67
N LYS D 57 -5.08 -37.77 27.94
CA LYS D 57 -4.12 -37.15 28.83
C LYS D 57 -4.20 -37.71 30.25
N LEU D 58 -5.41 -38.05 30.70
CA LEU D 58 -5.56 -38.61 32.05
C LEU D 58 -4.97 -40.01 32.13
N ILE D 59 -5.25 -40.84 31.12
CA ILE D 59 -4.63 -42.17 31.00
C ILE D 59 -3.11 -42.05 31.02
N GLU D 60 -2.58 -41.14 30.22
CA GLU D 60 -1.13 -40.95 30.17
C GLU D 60 -0.56 -40.57 31.53
N ARG D 61 -1.23 -39.66 32.24
CA ARG D 61 -0.73 -39.22 33.53
C ARG D 61 -0.80 -40.35 34.56
N ILE D 62 -1.90 -41.10 34.57
CA ILE D 62 -2.06 -42.20 35.52
C ILE D 62 -0.95 -43.21 35.30
N LEU D 63 -0.65 -43.54 34.04
CA LEU D 63 0.42 -44.49 33.79
C LEU D 63 1.77 -43.97 34.22
N PHE D 64 2.05 -42.67 33.97
CA PHE D 64 3.30 -42.08 34.42
C PHE D 64 3.44 -42.19 35.94
N LEU D 65 2.34 -41.98 36.66
CA LEU D 65 2.33 -42.12 38.12
C LEU D 65 2.26 -43.58 38.59
N GLU D 66 2.31 -44.53 37.66
CA GLU D 66 2.39 -45.96 37.94
C GLU D 66 1.10 -46.47 38.55
N GLY D 67 -0.02 -45.87 38.13
CA GLY D 67 -1.33 -46.38 38.45
C GLY D 67 -1.93 -47.13 37.27
N LEU D 68 -3.09 -47.72 37.54
CA LEU D 68 -3.86 -48.46 36.55
C LEU D 68 -5.04 -47.63 36.10
N PRO D 69 -5.05 -47.13 34.86
CA PRO D 69 -6.21 -46.37 34.37
C PRO D 69 -7.41 -47.29 34.22
N ASN D 70 -8.53 -46.87 34.77
CA ASN D 70 -9.75 -47.68 34.78
C ASN D 70 -10.60 -47.32 33.55
N LEU D 71 -10.54 -48.15 32.51
CA LEU D 71 -11.43 -48.04 31.37
C LEU D 71 -12.52 -49.08 31.36
N GLN D 72 -12.64 -49.86 32.45
CA GLN D 72 -13.61 -50.95 32.55
C GLN D 72 -14.95 -50.51 33.12
N ASP D 73 -14.90 -49.70 34.16
CA ASP D 73 -16.10 -49.26 34.83
C ASP D 73 -16.63 -48.04 34.08
N LEU D 74 -17.85 -48.16 33.58
CA LEU D 74 -18.53 -47.07 32.90
C LEU D 74 -19.79 -46.75 33.68
N GLY D 75 -19.88 -45.52 34.17
CA GLY D 75 -21.02 -45.06 34.91
C GLY D 75 -22.20 -44.75 34.00
N LYS D 76 -23.23 -44.16 34.61
CA LYS D 76 -24.51 -44.04 33.93
C LYS D 76 -24.48 -42.91 32.91
N LEU D 77 -24.82 -43.24 31.66
CA LEU D 77 -24.99 -42.24 30.62
C LEU D 77 -26.32 -41.54 30.79
N LEU D 78 -26.34 -40.23 30.60
CA LEU D 78 -27.57 -39.45 30.68
C LEU D 78 -27.98 -39.13 29.23
N ILE D 79 -28.82 -39.99 28.65
CA ILE D 79 -29.25 -39.88 27.26
C ILE D 79 -30.63 -39.25 27.21
N GLY D 80 -30.73 -38.10 26.55
CA GLY D 80 -32.01 -37.47 26.32
C GLY D 80 -32.70 -38.00 25.08
N GLU D 81 -33.95 -37.60 24.91
CA GLU D 81 -34.73 -38.06 23.78
C GLU D 81 -35.30 -36.90 22.97
N ASN D 82 -34.96 -35.67 23.31
CA ASN D 82 -35.28 -34.53 22.47
C ASN D 82 -34.19 -33.50 22.71
N THR D 83 -34.10 -32.50 21.82
CA THR D 83 -32.94 -31.62 21.82
C THR D 83 -32.75 -30.92 23.17
N GLN D 84 -33.81 -30.30 23.70
CA GLN D 84 -33.64 -29.57 24.96
C GLN D 84 -33.20 -30.52 26.07
N GLU D 85 -33.77 -31.71 26.11
CA GLU D 85 -33.40 -32.67 27.15
C GLU D 85 -31.97 -33.14 26.99
N MET D 86 -31.51 -33.37 25.75
CA MET D 86 -30.14 -33.81 25.57
C MET D 86 -29.15 -32.75 26.03
N LEU D 87 -29.43 -31.48 25.72
CA LEU D 87 -28.57 -30.39 26.19
C LEU D 87 -28.53 -30.34 27.70
N GLN D 88 -29.70 -30.50 28.33
CA GLN D 88 -29.74 -30.50 29.80
C GLN D 88 -29.03 -31.71 30.38
N CYS D 89 -29.16 -32.88 29.74
CA CYS D 89 -28.39 -34.05 30.18
C CYS D 89 -26.89 -33.78 30.14
N ASP D 90 -26.41 -33.17 29.05
CA ASP D 90 -25.00 -32.80 28.95
C ASP D 90 -24.61 -31.83 30.07
N LEU D 91 -25.46 -30.83 30.31
CA LEU D 91 -25.17 -29.85 31.36
C LEU D 91 -25.08 -30.50 32.74
N ASN D 92 -26.06 -31.36 33.06
CA ASN D 92 -26.02 -32.04 34.36
C ASN D 92 -24.76 -32.89 34.52
N LEU D 93 -24.34 -33.56 33.45
CA LEU D 93 -23.10 -34.33 33.52
C LEU D 93 -21.91 -33.41 33.76
N GLU D 94 -21.88 -32.25 33.07
CA GLU D 94 -20.75 -31.34 33.19
C GLU D 94 -20.67 -30.75 34.59
N LEU D 95 -21.82 -30.46 35.20
CA LEU D 95 -21.82 -29.91 36.55
C LEU D 95 -21.31 -30.92 37.56
N LYS D 96 -21.67 -32.19 37.40
CA LYS D 96 -21.04 -33.23 38.20
C LYS D 96 -19.54 -33.26 37.94
N ALA D 97 -19.16 -33.18 36.67
CA ALA D 97 -17.75 -33.29 36.31
C ALA D 97 -16.91 -32.20 36.95
N THR D 98 -17.42 -30.95 36.96
CA THR D 98 -16.62 -29.87 37.51
C THR D 98 -16.55 -29.94 39.04
N LYS D 99 -17.60 -30.40 39.71
CA LYS D 99 -17.49 -30.61 41.14
C LYS D 99 -16.38 -31.60 41.46
N ASP D 100 -16.34 -32.71 40.72
CA ASP D 100 -15.30 -33.71 40.96
C ASP D 100 -13.90 -33.18 40.65
N LEU D 101 -13.79 -32.36 39.60
CA LEU D 101 -12.50 -31.74 39.27
C LEU D 101 -12.00 -30.87 40.41
N ARG D 102 -12.89 -30.06 40.99
CA ARG D 102 -12.50 -29.19 42.10
C ARG D 102 -12.00 -30.00 43.28
N GLU D 103 -12.71 -31.07 43.64
CA GLU D 103 -12.25 -31.92 44.74
C GLU D 103 -10.90 -32.55 44.44
N ALA D 104 -10.69 -32.99 43.19
CA ALA D 104 -9.40 -33.55 42.82
C ALA D 104 -8.28 -32.52 42.93
N ILE D 105 -8.55 -31.27 42.50
CA ILE D 105 -7.52 -30.24 42.55
C ILE D 105 -7.16 -29.92 44.00
N VAL D 106 -8.14 -29.85 44.89
CA VAL D 106 -7.86 -29.65 46.32
C VAL D 106 -6.84 -30.67 46.81
N HIS D 107 -7.06 -31.94 46.46
CA HIS D 107 -6.18 -32.98 46.99
C HIS D 107 -4.80 -32.92 46.34
N CYS D 108 -4.73 -32.70 45.02
CA CYS D 108 -3.43 -32.50 44.38
C CYS D 108 -2.64 -31.39 45.06
N GLU D 109 -3.30 -30.27 45.39
CA GLU D 109 -2.61 -29.16 46.03
C GLU D 109 -2.06 -29.59 47.38
N GLN D 110 -2.87 -30.28 48.17
CA GLN D 110 -2.47 -30.72 49.51
C GLN D 110 -1.26 -31.65 49.50
N VAL D 111 -1.15 -32.54 48.50
CA VAL D 111 0.00 -33.44 48.47
C VAL D 111 1.07 -32.96 47.50
N HIS D 112 0.95 -31.73 46.99
CA HIS D 112 1.99 -31.05 46.24
C HIS D 112 2.19 -31.64 44.85
N ASP D 113 1.16 -32.25 44.29
CA ASP D 113 1.24 -32.77 42.92
C ASP D 113 0.76 -31.68 41.98
N TYR D 114 1.65 -30.72 41.74
CA TYR D 114 1.27 -29.50 41.06
C TYR D 114 1.09 -29.73 39.56
N VAL D 115 1.75 -30.73 38.99
CA VAL D 115 1.54 -31.04 37.58
C VAL D 115 0.19 -31.70 37.37
N SER D 116 -0.21 -32.64 38.24
CA SER D 116 -1.56 -33.17 38.11
C SER D 116 -2.57 -32.05 38.29
N ARG D 117 -2.32 -31.13 39.23
CA ARG D 117 -3.25 -30.03 39.40
C ARG D 117 -3.38 -29.23 38.11
N ASP D 118 -2.25 -28.93 37.47
CA ASP D 118 -2.26 -28.12 36.26
C ASP D 118 -3.06 -28.80 35.15
N LEU D 119 -2.87 -30.11 34.97
CA LEU D 119 -3.66 -30.87 34.00
C LEU D 119 -5.14 -30.78 34.32
N LEU D 120 -5.52 -30.96 35.59
CA LEU D 120 -6.93 -30.91 35.95
C LEU D 120 -7.51 -29.51 35.78
N LYS D 121 -6.71 -28.48 36.04
CA LYS D 121 -7.17 -27.12 35.80
C LYS D 121 -7.45 -26.87 34.32
N ASP D 122 -6.58 -27.39 33.44
CA ASP D 122 -6.83 -27.23 32.01
C ASP D 122 -8.10 -27.95 31.59
N ILE D 123 -8.33 -29.13 32.15
CA ILE D 123 -9.55 -29.85 31.84
C ILE D 123 -10.75 -29.08 32.37
N LEU D 124 -10.64 -28.53 33.57
CA LEU D 124 -11.73 -27.74 34.13
C LEU D 124 -12.06 -26.54 33.27
N GLU D 125 -11.04 -25.88 32.72
CA GLU D 125 -11.28 -24.77 31.81
C GLU D 125 -12.09 -25.23 30.59
N SER D 126 -11.73 -26.39 30.02
CA SER D 126 -12.51 -26.91 28.90
CA SER D 126 -12.51 -26.91 28.90
C SER D 126 -13.95 -27.21 29.31
N GLU D 127 -14.14 -27.82 30.49
CA GLU D 127 -15.50 -28.19 30.87
C GLU D 127 -16.34 -26.95 31.22
N GLU D 128 -15.74 -25.92 31.80
CA GLU D 128 -16.50 -24.68 32.03
C GLU D 128 -16.86 -24.02 30.71
N GLU D 129 -15.98 -24.11 29.70
CA GLU D 129 -16.36 -23.63 28.37
C GLU D 129 -17.55 -24.43 27.82
N HIS D 130 -17.56 -25.74 28.01
CA HIS D 130 -18.70 -26.54 27.60
C HIS D 130 -19.97 -26.12 28.35
N ILE D 131 -19.84 -25.90 29.67
CA ILE D 131 -21.00 -25.42 30.43
C ILE D 131 -21.51 -24.11 29.84
N ASP D 132 -20.60 -23.19 29.52
CA ASP D 132 -20.98 -21.91 28.92
C ASP D 132 -21.80 -22.15 27.64
N TYR D 133 -21.29 -23.03 26.78
CA TYR D 133 -22.01 -23.36 25.56
C TYR D 133 -23.40 -23.90 25.86
N LEU D 134 -23.50 -24.85 26.81
CA LEU D 134 -24.77 -25.51 27.08
C LEU D 134 -25.80 -24.55 27.68
N GLU D 135 -25.41 -23.79 28.70
CA GLU D 135 -26.30 -22.80 29.27
C GLU D 135 -26.78 -21.82 28.21
N THR D 136 -25.89 -21.44 27.30
CA THR D 136 -26.25 -20.50 26.25
C THR D 136 -27.24 -21.11 25.28
N GLN D 137 -27.05 -22.37 24.86
CA GLN D 137 -28.02 -23.01 23.96
C GLN D 137 -29.39 -23.08 24.62
N LEU D 138 -29.43 -23.49 25.89
CA LEU D 138 -30.71 -23.57 26.57
C LEU D 138 -31.39 -22.20 26.66
N GLY D 139 -30.61 -21.14 26.93
CA GLY D 139 -31.15 -19.81 26.93
C GLY D 139 -31.65 -19.40 25.55
N LEU D 140 -30.92 -19.80 24.50
CA LEU D 140 -31.35 -19.44 23.15
C LEU D 140 -32.68 -20.09 22.81
N ILE D 141 -32.87 -21.35 23.21
CA ILE D 141 -34.16 -22.00 22.98
C ILE D 141 -35.28 -21.13 23.54
N GLN D 142 -35.09 -20.60 24.75
CA GLN D 142 -36.13 -19.74 25.35
C GLN D 142 -36.31 -18.43 24.58
N LYS D 143 -35.23 -17.88 24.01
CA LYS D 143 -35.30 -16.56 23.39
C LYS D 143 -35.85 -16.61 21.96
N VAL D 144 -35.36 -17.55 21.16
CA VAL D 144 -35.76 -17.64 19.75
C VAL D 144 -36.90 -18.62 19.50
N GLY D 145 -37.26 -19.43 20.49
CA GLY D 145 -38.25 -20.48 20.31
C GLY D 145 -37.64 -21.78 19.83
N LEU D 146 -38.24 -22.89 20.25
CA LEU D 146 -37.63 -24.19 19.97
C LEU D 146 -37.60 -24.47 18.46
N GLU D 147 -38.70 -24.18 17.75
CA GLU D 147 -38.74 -24.43 16.31
C GLU D 147 -37.63 -23.66 15.57
N ASN D 148 -37.48 -22.37 15.88
CA ASN D 148 -36.39 -21.59 15.28
C ASN D 148 -35.02 -22.12 15.68
N TYR D 149 -34.85 -22.48 16.95
CA TYR D 149 -33.55 -22.97 17.38
C TYR D 149 -33.18 -24.22 16.59
N LEU D 150 -34.13 -25.15 16.45
CA LEU D 150 -33.85 -26.37 15.70
C LEU D 150 -33.59 -26.05 14.23
N GLN D 151 -34.40 -25.15 13.66
CA GLN D 151 -34.19 -24.73 12.28
C GLN D 151 -32.75 -24.25 12.08
N SER D 152 -32.26 -23.43 12.98
CA SER D 152 -30.91 -22.87 12.87
C SER D 152 -29.82 -23.92 13.01
N HIS D 153 -30.16 -25.14 13.38
CA HIS D 153 -29.15 -26.19 13.47
C HIS D 153 -29.34 -27.30 12.46
N MET D 154 -30.19 -27.08 11.43
CA MET D 154 -30.39 -28.09 10.40
C MET D 154 -29.17 -28.21 9.50
N HIS D 155 -28.64 -27.08 9.04
CA HIS D 155 -27.57 -27.13 8.05
C HIS D 155 -26.22 -26.72 8.65
N MET E 1 -16.01 29.35 -15.50
CA MET E 1 -17.21 29.72 -14.67
C MET E 1 -16.92 31.04 -13.95
N LYS E 2 -17.82 32.02 -14.04
CA LYS E 2 -17.52 33.36 -13.56
C LYS E 2 -17.49 33.38 -12.03
N GLY E 3 -16.30 33.45 -11.44
CA GLY E 3 -16.18 33.48 -10.01
C GLY E 3 -16.45 34.86 -9.41
N ASP E 4 -16.67 34.86 -8.10
CA ASP E 4 -16.72 36.09 -7.31
C ASP E 4 -15.35 36.77 -7.30
N LYS E 5 -15.34 38.06 -7.66
CA LYS E 5 -14.09 38.80 -7.75
C LYS E 5 -13.32 38.76 -6.43
N LYS E 6 -14.03 38.88 -5.32
CA LYS E 6 -13.35 38.90 -4.03
C LYS E 6 -12.91 37.51 -3.59
N VAL E 7 -13.64 36.44 -3.94
CA VAL E 7 -13.07 35.09 -3.79
C VAL E 7 -11.74 35.02 -4.51
N ILE E 8 -11.68 35.49 -5.76
CA ILE E 8 -10.43 35.37 -6.50
C ILE E 8 -9.31 36.14 -5.81
N GLN E 9 -9.63 37.31 -5.25
CA GLN E 9 -8.62 38.05 -4.49
C GLN E 9 -8.12 37.24 -3.30
N HIS E 10 -9.04 36.62 -2.57
CA HIS E 10 -8.64 35.79 -1.44
C HIS E 10 -7.76 34.63 -1.89
N LEU E 11 -8.17 33.94 -2.96
CA LEU E 11 -7.38 32.82 -3.47
C LEU E 11 -6.00 33.29 -3.87
N ASN E 12 -5.89 34.48 -4.48
CA ASN E 12 -4.58 35.02 -4.82
C ASN E 12 -3.77 35.38 -3.60
N LYS E 13 -4.42 35.81 -2.51
CA LYS E 13 -3.67 36.09 -1.30
C LYS E 13 -3.13 34.81 -0.68
N ILE E 14 -3.94 33.74 -0.66
CA ILE E 14 -3.49 32.44 -0.15
C ILE E 14 -2.37 31.90 -1.03
N LEU E 15 -2.51 32.07 -2.35
CA LEU E 15 -1.47 31.67 -3.28
C LEU E 15 -0.17 32.43 -3.00
N GLY E 16 -0.27 33.73 -2.75
CA GLY E 16 0.91 34.50 -2.38
C GLY E 16 1.60 33.94 -1.16
N ASN E 17 0.83 33.57 -0.14
CA ASN E 17 1.41 32.97 1.05
C ASN E 17 2.10 31.66 0.72
N GLU E 18 1.50 30.85 -0.14
CA GLU E 18 2.10 29.57 -0.49
C GLU E 18 3.37 29.79 -1.27
N LEU E 19 3.42 30.81 -2.13
CA LEU E 19 4.63 31.09 -2.89
C LEU E 19 5.77 31.52 -1.99
N ILE E 20 5.49 32.30 -0.95
CA ILE E 20 6.52 32.62 0.04
C ILE E 20 7.02 31.35 0.70
N ALA E 21 6.08 30.51 1.13
CA ALA E 21 6.43 29.29 1.86
C ALA E 21 7.24 28.30 1.01
N ILE E 22 6.89 28.14 -0.28
CA ILE E 22 7.68 27.29 -1.18
C ILE E 22 9.16 27.67 -1.10
N ASN E 23 9.46 28.97 -1.27
CA ASN E 23 10.84 29.43 -1.35
C ASN E 23 11.52 29.40 0.00
N GLN E 24 10.82 29.84 1.03
CA GLN E 24 11.37 29.84 2.39
C GLN E 24 11.71 28.41 2.81
N TYR E 25 10.78 27.48 2.62
CA TYR E 25 11.03 26.11 3.04
C TYR E 25 12.07 25.45 2.15
N PHE E 26 12.11 25.78 0.86
CA PHE E 26 13.14 25.17 0.03
C PHE E 26 14.54 25.63 0.43
N LEU E 27 14.69 26.93 0.71
CA LEU E 27 16.00 27.43 1.15
C LEU E 27 16.39 26.87 2.51
N HIS E 28 15.44 26.83 3.46
CA HIS E 28 15.74 26.23 4.76
C HIS E 28 16.17 24.77 4.61
N SER E 29 15.48 24.03 3.75
CA SER E 29 15.83 22.64 3.48
C SER E 29 17.25 22.50 3.00
N ARG E 30 17.66 23.36 2.05
CA ARG E 30 19.00 23.22 1.49
C ARG E 30 20.07 23.77 2.42
N MET E 31 19.74 24.74 3.27
CA MET E 31 20.63 25.12 4.36
C MET E 31 20.87 23.95 5.31
N TRP E 32 19.79 23.29 5.75
CA TRP E 32 19.95 22.15 6.65
C TRP E 32 20.75 21.02 6.00
N ASN E 33 20.54 20.78 4.71
CA ASN E 33 21.32 19.75 4.04
C ASN E 33 22.79 20.13 4.01
N ASP E 34 23.08 21.38 3.67
CA ASP E 34 24.45 21.88 3.64
C ASP E 34 25.11 21.76 5.01
N TRP E 35 24.35 21.93 6.08
CA TRP E 35 24.92 21.81 7.41
C TRP E 35 25.02 20.36 7.88
N GLY E 36 24.52 19.42 7.08
CA GLY E 36 24.60 18.02 7.44
C GLY E 36 23.45 17.55 8.29
N LEU E 37 22.41 18.37 8.44
CA LEU E 37 21.22 17.99 9.20
C LEU E 37 20.19 17.44 8.22
N LYS E 38 20.51 16.27 7.67
CA LYS E 38 19.77 15.78 6.49
C LYS E 38 18.35 15.34 6.81
N ARG E 39 18.04 14.92 8.03
CA ARG E 39 16.64 14.59 8.33
C ARG E 39 15.77 15.83 8.34
N LEU E 40 16.29 16.94 8.88
CA LEU E 40 15.59 18.21 8.82
C LEU E 40 15.47 18.69 7.38
N GLY E 41 16.57 18.58 6.61
CA GLY E 41 16.53 18.96 5.21
C GLY E 41 15.49 18.20 4.40
N ALA E 42 15.41 16.88 4.60
CA ALA E 42 14.41 16.09 3.87
C ALA E 42 13.01 16.48 4.30
N HIS E 43 12.79 16.66 5.62
CA HIS E 43 11.45 16.95 6.07
C HIS E 43 11.00 18.31 5.54
N GLU E 44 11.91 19.29 5.54
CA GLU E 44 11.61 20.63 5.08
C GLU E 44 11.43 20.67 3.56
N TYR E 45 12.16 19.81 2.84
CA TYR E 45 11.94 19.65 1.41
C TYR E 45 10.51 19.17 1.15
N HIS E 46 10.05 18.16 1.89
CA HIS E 46 8.69 17.69 1.71
C HIS E 46 7.66 18.75 2.08
N GLU E 47 7.94 19.58 3.09
CA GLU E 47 7.04 20.70 3.39
C GLU E 47 6.97 21.64 2.20
N SER E 48 8.12 21.93 1.59
CA SER E 48 8.15 22.79 0.42
C SER E 48 7.31 22.21 -0.73
N ILE E 49 7.46 20.91 -1.01
CA ILE E 49 6.70 20.24 -2.06
C ILE E 49 5.22 20.29 -1.77
N ASP E 50 4.84 20.09 -0.50
CA ASP E 50 3.43 20.16 -0.16
C ASP E 50 2.88 21.55 -0.47
N GLU E 51 3.64 22.62 -0.21
CA GLU E 51 3.16 23.94 -0.55
C GLU E 51 3.05 24.13 -2.05
N MET E 52 3.98 23.53 -2.82
CA MET E 52 3.88 23.58 -4.28
C MET E 52 2.60 22.93 -4.76
N LYS E 53 2.20 21.82 -4.15
CA LYS E 53 0.95 21.19 -4.56
C LYS E 53 -0.25 22.08 -4.25
N HIS E 54 -0.25 22.72 -3.07
CA HIS E 54 -1.35 23.63 -2.74
C HIS E 54 -1.41 24.79 -3.73
N ALA E 55 -0.25 25.36 -4.07
CA ALA E 55 -0.20 26.46 -5.03
C ALA E 55 -0.76 26.03 -6.37
N ASP E 56 -0.43 24.81 -6.80
CA ASP E 56 -1.00 24.26 -8.03
C ASP E 56 -2.52 24.23 -7.97
N LYS E 57 -3.10 23.71 -6.89
CA LYS E 57 -4.56 23.64 -6.83
C LYS E 57 -5.19 25.03 -6.82
N LEU E 58 -4.54 25.99 -6.15
CA LEU E 58 -5.05 27.37 -6.11
C LEU E 58 -5.00 28.01 -7.50
N ILE E 59 -3.91 27.81 -8.21
CA ILE E 59 -3.80 28.34 -9.56
C ILE E 59 -4.90 27.77 -10.44
N GLU E 60 -5.13 26.46 -10.32
CA GLU E 60 -6.11 25.78 -11.16
C GLU E 60 -7.52 26.32 -10.87
N ARG E 61 -7.83 26.51 -9.59
CA ARG E 61 -9.15 27.04 -9.18
C ARG E 61 -9.36 28.47 -9.67
N ILE E 62 -8.35 29.33 -9.48
CA ILE E 62 -8.42 30.71 -9.95
C ILE E 62 -8.71 30.75 -11.44
N LEU E 63 -7.99 29.95 -12.22
CA LEU E 63 -8.20 29.93 -13.67
C LEU E 63 -9.60 29.44 -14.03
N PHE E 64 -10.06 28.38 -13.37
CA PHE E 64 -11.43 27.91 -13.58
C PHE E 64 -12.45 29.02 -13.31
N LEU E 65 -12.24 29.81 -12.26
CA LEU E 65 -13.15 30.89 -11.90
C LEU E 65 -12.93 32.13 -12.77
N GLU E 66 -12.09 32.02 -13.79
CA GLU E 66 -11.85 33.08 -14.78
C GLU E 66 -11.12 34.28 -14.17
N GLY E 67 -10.27 34.02 -13.17
CA GLY E 67 -9.36 35.02 -12.66
C GLY E 67 -7.94 34.81 -13.18
N LEU E 68 -7.08 35.75 -12.83
CA LEU E 68 -5.66 35.71 -13.18
C LEU E 68 -4.86 35.33 -11.95
N PRO E 69 -4.21 34.17 -11.93
CA PRO E 69 -3.37 33.81 -10.78
C PRO E 69 -2.11 34.65 -10.72
N ASN E 70 -1.82 35.23 -9.55
CA ASN E 70 -0.69 36.12 -9.39
C ASN E 70 0.55 35.33 -8.94
N LEU E 71 1.44 35.04 -9.87
CA LEU E 71 2.74 34.45 -9.58
C LEU E 71 3.88 35.45 -9.68
N GLN E 72 3.57 36.74 -9.84
CA GLN E 72 4.59 37.77 -10.03
C GLN E 72 5.02 38.40 -8.71
N ASP E 73 4.07 38.64 -7.82
CA ASP E 73 4.37 39.32 -6.58
C ASP E 73 4.81 38.26 -5.59
N LEU E 74 5.92 38.51 -4.92
CA LEU E 74 6.46 37.61 -3.93
C LEU E 74 6.75 38.39 -2.67
N GLY E 75 6.04 38.07 -1.60
CA GLY E 75 6.24 38.72 -0.32
C GLY E 75 7.56 38.32 0.34
N LYS E 76 7.69 38.79 1.58
CA LYS E 76 8.97 38.73 2.29
C LYS E 76 9.23 37.32 2.83
N LEU E 77 10.36 36.73 2.44
CA LEU E 77 10.77 35.46 3.03
C LEU E 77 11.33 35.69 4.44
N LEU E 78 10.99 34.79 5.37
CA LEU E 78 11.53 34.84 6.73
C LEU E 78 12.57 33.73 6.85
N ILE E 79 13.85 34.09 6.70
CA ILE E 79 14.97 33.14 6.68
C ILE E 79 15.71 33.22 7.99
N GLY E 80 15.80 32.10 8.71
CA GLY E 80 16.53 32.08 9.96
C GLY E 80 18.03 31.85 9.76
N GLU E 81 18.79 32.11 10.83
CA GLU E 81 20.24 31.99 10.81
C GLU E 81 20.73 30.82 11.64
N ASN E 82 19.82 30.07 12.24
CA ASN E 82 20.13 28.82 12.91
C ASN E 82 18.84 28.02 13.05
N THR E 83 18.98 26.77 13.48
CA THR E 83 17.86 25.85 13.42
C THR E 83 16.65 26.37 14.19
N GLN E 84 16.85 26.84 15.42
CA GLN E 84 15.72 27.34 16.18
C GLN E 84 15.04 28.51 15.48
N GLU E 85 15.84 29.44 14.94
CA GLU E 85 15.26 30.59 14.26
C GLU E 85 14.53 30.17 12.99
N MET E 86 15.06 29.17 12.27
CA MET E 86 14.41 28.74 11.05
C MET E 86 13.06 28.12 11.36
N LEU E 87 12.98 27.33 12.43
CA LEU E 87 11.70 26.75 12.81
C LEU E 87 10.71 27.84 13.23
N GLN E 88 11.17 28.81 14.01
CA GLN E 88 10.29 29.91 14.45
C GLN E 88 9.85 30.78 13.27
N CYS E 89 10.73 30.97 12.27
CA CYS E 89 10.34 31.70 11.06
C CYS E 89 9.26 30.97 10.28
N ASP E 90 9.39 29.64 10.18
CA ASP E 90 8.37 28.82 9.54
C ASP E 90 7.06 28.91 10.30
N LEU E 91 7.12 28.85 11.63
CA LEU E 91 5.89 28.92 12.42
C LEU E 91 5.24 30.30 12.28
N ASN E 92 6.03 31.37 12.32
CA ASN E 92 5.47 32.72 12.14
C ASN E 92 4.76 32.84 10.80
N LEU E 93 5.36 32.31 9.73
CA LEU E 93 4.73 32.32 8.42
C LEU E 93 3.44 31.51 8.43
N GLU E 94 3.45 30.33 9.06
CA GLU E 94 2.27 29.47 9.08
C GLU E 94 1.11 30.10 9.86
N LEU E 95 1.42 30.81 10.93
CA LEU E 95 0.38 31.47 11.72
C LEU E 95 -0.27 32.58 10.93
N LYS E 96 0.51 33.33 10.14
CA LYS E 96 -0.07 34.29 9.22
C LYS E 96 -0.93 33.58 8.17
N ALA E 97 -0.41 32.47 7.64
CA ALA E 97 -1.13 31.74 6.59
C ALA E 97 -2.49 31.25 7.06
N THR E 98 -2.57 30.72 8.28
CA THR E 98 -3.86 30.16 8.71
C THR E 98 -4.85 31.27 9.04
N LYS E 99 -4.36 32.40 9.54
CA LYS E 99 -5.24 33.56 9.73
C LYS E 99 -5.87 33.96 8.40
N ASP E 100 -5.03 34.09 7.36
CA ASP E 100 -5.51 34.45 6.04
C ASP E 100 -6.48 33.40 5.48
N LEU E 101 -6.19 32.11 5.72
CA LEU E 101 -7.10 31.05 5.26
C LEU E 101 -8.46 31.14 5.93
N ARG E 102 -8.49 31.44 7.23
CA ARG E 102 -9.78 31.55 7.91
C ARG E 102 -10.60 32.70 7.33
N GLU E 103 -9.94 33.84 7.07
CA GLU E 103 -10.66 34.98 6.48
C GLU E 103 -11.16 34.65 5.07
N ALA E 104 -10.36 33.91 4.29
CA ALA E 104 -10.83 33.49 2.95
C ALA E 104 -12.02 32.55 3.04
N ILE E 105 -12.02 31.63 4.01
CA ILE E 105 -13.12 30.69 4.17
C ILE E 105 -14.40 31.44 4.55
N VAL E 106 -14.29 32.40 5.46
CA VAL E 106 -15.48 33.20 5.82
C VAL E 106 -16.09 33.78 4.54
N HIS E 107 -15.27 34.40 3.71
CA HIS E 107 -15.82 35.05 2.53
C HIS E 107 -16.39 34.05 1.53
N CYS E 108 -15.72 32.91 1.32
CA CYS E 108 -16.28 31.92 0.40
C CYS E 108 -17.64 31.42 0.88
N GLU E 109 -17.78 31.24 2.18
CA GLU E 109 -19.03 30.80 2.77
C GLU E 109 -20.12 31.84 2.53
N GLN E 110 -19.76 33.12 2.68
CA GLN E 110 -20.74 34.19 2.56
C GLN E 110 -21.25 34.35 1.12
N VAL E 111 -20.43 34.08 0.10
CA VAL E 111 -20.88 34.15 -1.28
C VAL E 111 -21.23 32.78 -1.87
N HIS E 112 -21.34 31.75 -1.04
CA HIS E 112 -21.81 30.42 -1.44
C HIS E 112 -20.85 29.71 -2.39
N ASP E 113 -19.55 30.02 -2.33
CA ASP E 113 -18.56 29.32 -3.16
C ASP E 113 -18.04 28.17 -2.29
N TYR E 114 -18.88 27.14 -2.22
CA TYR E 114 -18.63 26.07 -1.26
C TYR E 114 -17.48 25.18 -1.70
N VAL E 115 -17.21 25.10 -3.01
CA VAL E 115 -16.09 24.30 -3.49
C VAL E 115 -14.77 24.99 -3.18
N SER E 116 -14.68 26.32 -3.39
CA SER E 116 -13.49 27.05 -2.96
C SER E 116 -13.29 26.89 -1.46
N ARG E 117 -14.38 26.94 -0.69
CA ARG E 117 -14.25 26.75 0.75
C ARG E 117 -13.64 25.38 1.05
N ASP E 118 -14.07 24.35 0.35
CA ASP E 118 -13.59 23.00 0.66
C ASP E 118 -12.10 22.88 0.35
N LEU E 119 -11.66 23.45 -0.77
CA LEU E 119 -10.24 23.48 -1.08
C LEU E 119 -9.44 24.17 0.02
N LEU E 120 -9.91 25.35 0.47
CA LEU E 120 -9.20 26.10 1.52
C LEU E 120 -9.20 25.36 2.84
N LYS E 121 -10.28 24.64 3.14
CA LYS E 121 -10.32 23.86 4.37
C LYS E 121 -9.27 22.73 4.35
N ASP E 122 -9.16 22.04 3.21
CA ASP E 122 -8.12 21.04 3.05
C ASP E 122 -6.71 21.63 3.23
N ILE E 123 -6.45 22.78 2.60
CA ILE E 123 -5.16 23.43 2.78
C ILE E 123 -4.95 23.80 4.26
N LEU E 124 -5.98 24.34 4.91
CA LEU E 124 -5.87 24.69 6.33
C LEU E 124 -5.55 23.47 7.18
N GLU E 125 -6.13 22.30 6.84
CA GLU E 125 -5.79 21.10 7.58
C GLU E 125 -4.31 20.78 7.45
N SER E 126 -3.78 20.94 6.23
CA SER E 126 -2.35 20.72 6.01
CA SER E 126 -2.35 20.73 6.00
C SER E 126 -1.50 21.74 6.76
N GLU E 127 -1.90 23.01 6.75
CA GLU E 127 -1.11 24.03 7.44
C GLU E 127 -1.17 23.83 8.95
N GLU E 128 -2.32 23.41 9.49
CA GLU E 128 -2.37 23.11 10.93
C GLU E 128 -1.51 21.89 11.28
N GLU E 129 -1.43 20.89 10.40
CA GLU E 129 -0.50 19.79 10.64
C GLU E 129 0.95 20.30 10.66
N HIS E 130 1.29 21.24 9.79
CA HIS E 130 2.63 21.83 9.83
C HIS E 130 2.87 22.63 11.10
N ILE E 131 1.84 23.32 11.59
CA ILE E 131 2.00 24.05 12.86
C ILE E 131 2.25 23.08 14.00
N ASP E 132 1.52 21.96 14.04
CA ASP E 132 1.78 20.93 15.06
C ASP E 132 3.23 20.44 14.98
N TYR E 133 3.68 20.11 13.78
CA TYR E 133 5.06 19.69 13.59
C TYR E 133 6.03 20.73 14.17
N LEU E 134 5.85 22.00 13.79
CA LEU E 134 6.79 23.04 14.16
C LEU E 134 6.76 23.30 15.66
N GLU E 135 5.58 23.46 16.24
CA GLU E 135 5.49 23.65 17.68
C GLU E 135 6.15 22.49 18.41
N THR E 136 5.94 21.28 17.89
CA THR E 136 6.49 20.10 18.55
C THR E 136 8.01 20.10 18.49
N GLN E 137 8.58 20.50 17.35
CA GLN E 137 10.04 20.53 17.25
C GLN E 137 10.63 21.53 18.23
N LEU E 138 10.01 22.71 18.32
CA LEU E 138 10.52 23.71 19.23
C LEU E 138 10.41 23.24 20.67
N GLY E 139 9.33 22.50 20.98
CA GLY E 139 9.22 21.91 22.30
C GLY E 139 10.24 20.82 22.56
N LEU E 140 10.53 20.01 21.55
CA LEU E 140 11.57 18.98 21.71
C LEU E 140 12.94 19.60 21.98
N ILE E 141 13.26 20.71 21.32
CA ILE E 141 14.55 21.34 21.57
C ILE E 141 14.68 21.68 23.05
N GLN E 142 13.57 22.08 23.66
CA GLN E 142 13.62 22.41 25.09
C GLN E 142 13.76 21.16 25.95
N LYS E 143 13.12 20.06 25.53
CA LYS E 143 13.06 18.84 26.33
C LYS E 143 14.35 18.02 26.23
N VAL E 144 14.90 17.87 25.03
CA VAL E 144 16.10 17.04 24.83
C VAL E 144 17.38 17.87 24.71
N GLY E 145 17.30 19.19 24.66
CA GLY E 145 18.47 20.01 24.44
C GLY E 145 18.82 20.19 22.97
N LEU E 146 19.38 21.34 22.61
CA LEU E 146 19.64 21.61 21.20
C LEU E 146 20.62 20.60 20.60
N GLU E 147 21.72 20.29 21.31
CA GLU E 147 22.71 19.37 20.74
C GLU E 147 22.09 18.02 20.41
N ASN E 148 21.25 17.49 21.29
CA ASN E 148 20.61 16.20 21.02
C ASN E 148 19.59 16.34 19.90
N TYR E 149 18.85 17.45 19.89
CA TYR E 149 17.84 17.63 18.84
C TYR E 149 18.52 17.63 17.47
N LEU E 150 19.60 18.37 17.32
CA LEU E 150 20.31 18.38 16.06
C LEU E 150 20.91 17.01 15.75
N GLN E 151 21.51 16.35 16.75
CA GLN E 151 22.04 15.01 16.52
C GLN E 151 21.00 14.08 15.92
N SER E 152 19.79 14.10 16.48
CA SER E 152 18.71 13.25 16.03
C SER E 152 18.27 13.58 14.61
N HIS E 153 18.74 14.69 14.03
CA HIS E 153 18.34 15.07 12.68
C HIS E 153 19.51 15.05 11.72
N MET E 154 20.61 14.38 12.10
CA MET E 154 21.74 14.30 11.17
C MET E 154 21.51 13.32 10.03
N HIS E 155 21.04 12.12 10.34
CA HIS E 155 21.05 11.02 9.36
C HIS E 155 19.66 10.76 8.78
N MET F 1 -1.10 24.73 19.50
CA MET F 1 -1.72 25.96 18.93
C MET F 1 -2.91 26.30 19.81
N LYS F 2 -3.01 27.54 20.29
CA LYS F 2 -3.95 27.82 21.37
C LYS F 2 -5.38 27.82 20.83
N GLY F 3 -6.20 26.88 21.30
CA GLY F 3 -7.57 26.81 20.86
C GLY F 3 -8.51 27.73 21.64
N ASP F 4 -9.69 27.93 21.06
CA ASP F 4 -10.78 28.62 21.73
C ASP F 4 -11.26 27.80 22.92
N LYS F 5 -11.37 28.45 24.09
CA LYS F 5 -11.70 27.75 25.32
C LYS F 5 -13.04 27.03 25.23
N LYS F 6 -14.04 27.66 24.62
CA LYS F 6 -15.35 27.03 24.49
C LYS F 6 -15.35 25.90 23.46
N VAL F 7 -14.56 26.01 22.39
CA VAL F 7 -14.38 24.84 21.51
C VAL F 7 -13.88 23.65 22.31
N ILE F 8 -12.88 23.88 23.15
CA ILE F 8 -12.31 22.78 23.92
C ILE F 8 -13.37 22.22 24.86
N GLN F 9 -14.18 23.08 25.47
CA GLN F 9 -15.28 22.58 26.29
C GLN F 9 -16.25 21.74 25.46
N HIS F 10 -16.58 22.18 24.24
CA HIS F 10 -17.46 21.38 23.39
C HIS F 10 -16.79 20.04 23.03
N LEU F 11 -15.49 20.06 22.70
CA LEU F 11 -14.81 18.82 22.34
C LEU F 11 -14.76 17.87 23.53
N ASN F 12 -14.62 18.41 24.75
CA ASN F 12 -14.65 17.55 25.92
C ASN F 12 -16.04 17.00 26.17
N LYS F 13 -17.08 17.76 25.81
CA LYS F 13 -18.43 17.23 25.95
C LYS F 13 -18.65 16.10 24.96
N ILE F 14 -18.20 16.26 23.70
CA ILE F 14 -18.31 15.16 22.73
C ILE F 14 -17.50 13.96 23.21
N LEU F 15 -16.29 14.19 23.71
CA LEU F 15 -15.48 13.10 24.24
C LEU F 15 -16.19 12.35 25.35
N GLY F 16 -16.80 13.08 26.28
CA GLY F 16 -17.57 12.45 27.34
C GLY F 16 -18.68 11.56 26.81
N ASN F 17 -19.38 12.00 25.75
CA ASN F 17 -20.42 11.16 25.15
C ASN F 17 -19.82 9.91 24.52
N GLU F 18 -18.70 10.05 23.83
CA GLU F 18 -18.03 8.89 23.26
C GLU F 18 -17.59 7.90 24.35
N LEU F 19 -17.11 8.41 25.50
CA LEU F 19 -16.66 7.52 26.57
C LEU F 19 -17.80 6.71 27.16
N ILE F 20 -18.98 7.34 27.29
CA ILE F 20 -20.16 6.59 27.70
C ILE F 20 -20.47 5.51 26.69
N ALA F 21 -20.46 5.88 25.41
CA ALA F 21 -20.81 4.95 24.34
C ALA F 21 -19.84 3.78 24.28
N ILE F 22 -18.53 4.05 24.42
CA ILE F 22 -17.58 2.96 24.41
C ILE F 22 -18.01 1.87 25.40
N ASN F 23 -18.30 2.27 26.63
CA ASN F 23 -18.55 1.30 27.69
C ASN F 23 -19.93 0.65 27.53
N GLN F 24 -20.94 1.46 27.19
CA GLN F 24 -22.29 0.95 26.97
C GLN F 24 -22.31 -0.09 25.86
N TYR F 25 -21.70 0.25 24.72
CA TYR F 25 -21.69 -0.69 23.60
C TYR F 25 -20.82 -1.92 23.91
N PHE F 26 -19.72 -1.75 24.63
CA PHE F 26 -18.92 -2.91 24.95
C PHE F 26 -19.68 -3.87 25.86
N LEU F 27 -20.37 -3.34 26.87
CA LEU F 27 -21.13 -4.20 27.76
C LEU F 27 -22.26 -4.88 27.01
N HIS F 28 -23.00 -4.11 26.21
CA HIS F 28 -24.08 -4.70 25.42
C HIS F 28 -23.55 -5.82 24.52
N SER F 29 -22.39 -5.60 23.90
CA SER F 29 -21.79 -6.60 23.03
C SER F 29 -21.55 -7.90 23.78
N ARG F 30 -20.93 -7.79 24.95
CA ARG F 30 -20.57 -8.98 25.72
C ARG F 30 -21.81 -9.61 26.34
N MET F 31 -22.85 -8.82 26.65
CA MET F 31 -24.12 -9.42 27.04
C MET F 31 -24.68 -10.26 25.90
N TRP F 32 -24.76 -9.69 24.70
CA TRP F 32 -25.30 -10.44 23.57
C TRP F 32 -24.47 -11.68 23.28
N ASN F 33 -23.14 -11.60 23.46
CA ASN F 33 -22.33 -12.80 23.23
C ASN F 33 -22.61 -13.87 24.27
N ASP F 34 -22.78 -13.47 25.51
CA ASP F 34 -23.09 -14.44 26.56
C ASP F 34 -24.45 -15.09 26.30
N TRP F 35 -25.42 -14.34 25.77
CA TRP F 35 -26.73 -14.89 25.45
C TRP F 35 -26.74 -15.73 24.18
N GLY F 36 -25.63 -15.78 23.45
CA GLY F 36 -25.56 -16.58 22.22
C GLY F 36 -25.96 -15.84 20.97
N LEU F 37 -26.19 -14.54 21.06
CA LEU F 37 -26.57 -13.75 19.90
C LEU F 37 -25.30 -13.10 19.32
N LYS F 38 -24.45 -13.96 18.75
CA LYS F 38 -23.10 -13.54 18.40
C LYS F 38 -23.05 -12.56 17.24
N ARG F 39 -24.06 -12.55 16.37
CA ARG F 39 -24.03 -11.55 15.31
C ARG F 39 -24.26 -10.15 15.88
N LEU F 40 -25.16 -10.05 16.84
CA LEU F 40 -25.35 -8.78 17.55
C LEU F 40 -24.13 -8.43 18.38
N GLY F 41 -23.56 -9.44 19.06
CA GLY F 41 -22.36 -9.20 19.84
C GLY F 41 -21.21 -8.63 19.01
N ALA F 42 -20.99 -9.20 17.82
CA ALA F 42 -19.91 -8.74 16.95
C ALA F 42 -20.20 -7.35 16.39
N HIS F 43 -21.44 -7.08 15.97
CA HIS F 43 -21.72 -5.76 15.42
C HIS F 43 -21.56 -4.68 16.48
N GLU F 44 -22.03 -4.96 17.69
CA GLU F 44 -21.95 -4.00 18.78
C GLU F 44 -20.51 -3.79 19.24
N TYR F 45 -19.70 -4.85 19.20
CA TYR F 45 -18.27 -4.71 19.44
C TYR F 45 -17.66 -3.73 18.45
N HIS F 46 -18.00 -3.86 17.17
CA HIS F 46 -17.46 -2.94 16.18
C HIS F 46 -17.97 -1.51 16.40
N GLU F 47 -19.21 -1.35 16.90
CA GLU F 47 -19.68 -0.02 17.24
C GLU F 47 -18.84 0.59 18.38
N SER F 48 -18.47 -0.24 19.37
CA SER F 48 -17.68 0.25 20.48
C SER F 48 -16.28 0.65 20.02
N ILE F 49 -15.68 -0.15 19.13
CA ILE F 49 -14.36 0.17 18.60
C ILE F 49 -14.42 1.47 17.82
N ASP F 50 -15.49 1.68 17.05
CA ASP F 50 -15.60 2.92 16.31
CA ASP F 50 -15.63 2.92 16.31
C ASP F 50 -15.64 4.13 17.25
N GLU F 51 -16.34 4.01 18.38
CA GLU F 51 -16.37 5.11 19.34
C GLU F 51 -15.01 5.32 19.97
N MET F 52 -14.27 4.23 20.23
CA MET F 52 -12.90 4.34 20.69
C MET F 52 -12.06 5.16 19.72
N LYS F 53 -12.22 4.92 18.43
CA LYS F 53 -11.40 5.66 17.46
C LYS F 53 -11.79 7.13 17.43
N HIS F 54 -13.08 7.45 17.55
CA HIS F 54 -13.51 8.84 17.61
C HIS F 54 -12.94 9.51 18.85
N ALA F 55 -12.99 8.79 19.99
CA ALA F 55 -12.46 9.35 21.22
C ALA F 55 -10.98 9.68 21.06
N ASP F 56 -10.22 8.78 20.43
CA ASP F 56 -8.81 9.03 20.16
C ASP F 56 -8.61 10.33 19.39
N LYS F 57 -9.34 10.51 18.29
CA LYS F 57 -9.18 11.72 17.49
C LYS F 57 -9.55 12.96 18.29
N LEU F 58 -10.56 12.87 19.14
CA LEU F 58 -10.93 14.03 19.95
C LEU F 58 -9.84 14.35 20.99
N ILE F 59 -9.30 13.32 21.64
CA ILE F 59 -8.20 13.53 22.57
C ILE F 59 -7.02 14.21 21.88
N GLU F 60 -6.66 13.70 20.70
CA GLU F 60 -5.55 14.28 19.95
C GLU F 60 -5.82 15.75 19.60
N ARG F 61 -7.04 16.06 19.18
CA ARG F 61 -7.35 17.44 18.79
C ARG F 61 -7.31 18.37 20.00
N ILE F 62 -7.88 17.94 21.14
CA ILE F 62 -7.87 18.76 22.35
C ILE F 62 -6.45 19.06 22.77
N LEU F 63 -5.57 18.05 22.70
CA LEU F 63 -4.19 18.28 23.11
C LEU F 63 -3.49 19.24 22.17
N PHE F 64 -3.68 19.07 20.87
CA PHE F 64 -3.10 20.01 19.91
C PHE F 64 -3.53 21.45 20.22
N LEU F 65 -4.82 21.66 20.56
CA LEU F 65 -5.36 22.96 20.90
C LEU F 65 -4.98 23.42 22.31
N GLU F 66 -4.11 22.67 22.99
CA GLU F 66 -3.56 23.04 24.29
C GLU F 66 -4.63 23.03 25.38
N GLY F 67 -5.58 22.10 25.26
CA GLY F 67 -6.53 21.83 26.32
C GLY F 67 -6.20 20.52 27.03
N LEU F 68 -7.03 20.22 28.04
CA LEU F 68 -6.88 19.00 28.82
C LEU F 68 -8.05 18.08 28.52
N PRO F 69 -7.82 16.93 27.89
CA PRO F 69 -8.93 16.02 27.58
C PRO F 69 -9.41 15.36 28.86
N ASN F 70 -10.72 15.39 29.07
CA ASN F 70 -11.31 14.86 30.29
C ASN F 70 -11.68 13.38 30.08
N LEU F 71 -10.87 12.48 30.63
CA LEU F 71 -11.15 11.05 30.64
C LEU F 71 -11.57 10.57 32.02
N GLN F 72 -11.78 11.49 32.95
CA GLN F 72 -12.08 11.15 34.33
C GLN F 72 -13.57 11.07 34.62
N ASP F 73 -14.34 11.97 34.04
CA ASP F 73 -15.76 12.04 34.32
C ASP F 73 -16.49 11.15 33.32
N LEU F 74 -17.16 10.14 33.83
CA LEU F 74 -17.93 9.24 33.00
C LEU F 74 -19.39 9.42 33.35
N GLY F 75 -20.21 9.77 32.35
CA GLY F 75 -21.63 9.92 32.55
C GLY F 75 -22.36 8.60 32.64
N LYS F 76 -23.69 8.70 32.64
CA LYS F 76 -24.55 7.57 32.97
C LYS F 76 -24.66 6.60 31.81
N LEU F 77 -24.29 5.34 32.05
CA LEU F 77 -24.52 4.26 31.10
C LEU F 77 -25.99 3.90 31.03
N LEU F 78 -26.51 3.71 29.82
CA LEU F 78 -27.90 3.31 29.55
C LEU F 78 -27.86 1.84 29.13
N ILE F 79 -28.07 0.95 30.10
CA ILE F 79 -27.91 -0.48 29.90
C ILE F 79 -29.29 -1.11 29.85
N GLY F 80 -29.58 -1.80 28.74
CA GLY F 80 -30.85 -2.49 28.60
C GLY F 80 -30.83 -3.88 29.24
N GLU F 81 -32.04 -4.41 29.44
CA GLU F 81 -32.22 -5.72 30.05
C GLU F 81 -32.75 -6.75 29.08
N ASN F 82 -33.00 -6.35 27.84
CA ASN F 82 -33.30 -7.28 26.77
C ASN F 82 -32.93 -6.61 25.47
N THR F 83 -32.97 -7.39 24.38
CA THR F 83 -32.44 -6.90 23.11
C THR F 83 -33.12 -5.61 22.65
N GLN F 84 -34.46 -5.57 22.67
CA GLN F 84 -35.16 -4.34 22.29
C GLN F 84 -34.73 -3.15 23.15
N GLU F 85 -34.66 -3.34 24.48
CA GLU F 85 -34.28 -2.23 25.34
C GLU F 85 -32.85 -1.78 25.09
N MET F 86 -31.94 -2.74 24.87
CA MET F 86 -30.55 -2.39 24.63
C MET F 86 -30.43 -1.55 23.36
N LEU F 87 -31.08 -1.97 22.28
CA LEU F 87 -31.09 -1.17 21.05
C LEU F 87 -31.65 0.24 21.30
N GLN F 88 -32.76 0.35 22.04
CA GLN F 88 -33.33 1.66 22.30
C GLN F 88 -32.41 2.51 23.16
N CYS F 89 -31.71 1.88 24.12
CA CYS F 89 -30.75 2.63 24.93
C CYS F 89 -29.62 3.18 24.08
N ASP F 90 -29.10 2.36 23.16
CA ASP F 90 -28.08 2.85 22.23
C ASP F 90 -28.64 4.00 21.41
N LEU F 91 -29.89 3.89 20.95
CA LEU F 91 -30.45 4.94 20.11
C LEU F 91 -30.65 6.24 20.89
N ASN F 92 -31.19 6.14 22.11
CA ASN F 92 -31.31 7.33 22.94
C ASN F 92 -29.97 8.02 23.15
N LEU F 93 -28.93 7.24 23.41
CA LEU F 93 -27.59 7.81 23.58
C LEU F 93 -27.12 8.50 22.30
N GLU F 94 -27.27 7.84 21.15
CA GLU F 94 -26.82 8.44 19.89
C GLU F 94 -27.56 9.74 19.58
N LEU F 95 -28.85 9.81 19.91
CA LEU F 95 -29.61 11.03 19.64
C LEU F 95 -29.12 12.20 20.47
N LYS F 96 -28.80 11.95 21.74
CA LYS F 96 -28.15 12.97 22.56
C LYS F 96 -26.79 13.33 21.96
N ALA F 97 -26.04 12.32 21.52
CA ALA F 97 -24.71 12.55 20.95
C ALA F 97 -24.77 13.45 19.71
N THR F 98 -25.71 13.19 18.80
CA THR F 98 -25.77 14.01 17.59
C THR F 98 -26.27 15.41 17.88
N LYS F 99 -27.19 15.57 18.85
CA LYS F 99 -27.57 16.91 19.29
C LYS F 99 -26.35 17.68 19.77
N ASP F 100 -25.51 17.05 20.59
CA ASP F 100 -24.34 17.76 21.11
C ASP F 100 -23.33 18.05 20.00
N LEU F 101 -23.16 17.11 19.05
CA LEU F 101 -22.26 17.35 17.92
C LEU F 101 -22.69 18.56 17.11
N ARG F 102 -23.98 18.70 16.84
CA ARG F 102 -24.44 19.84 16.05
C ARG F 102 -24.14 21.16 16.75
N GLU F 103 -24.42 21.22 18.05
CA GLU F 103 -24.14 22.45 18.80
C GLU F 103 -22.66 22.76 18.80
N ALA F 104 -21.81 21.72 18.89
CA ALA F 104 -20.37 21.93 18.86
C ALA F 104 -19.92 22.47 17.50
N ILE F 105 -20.50 21.96 16.41
CA ILE F 105 -20.15 22.46 15.08
C ILE F 105 -20.54 23.94 14.93
N VAL F 106 -21.72 24.30 15.42
CA VAL F 106 -22.13 25.71 15.38
C VAL F 106 -21.06 26.59 15.99
N HIS F 107 -20.57 26.20 17.16
CA HIS F 107 -19.61 27.05 17.83
C HIS F 107 -18.25 27.06 17.13
N CYS F 108 -17.79 25.89 16.63
CA CYS F 108 -16.56 25.87 15.82
C CYS F 108 -16.66 26.85 14.66
N GLU F 109 -17.79 26.82 13.95
CA GLU F 109 -17.96 27.70 12.81
C GLU F 109 -17.89 29.16 13.25
N GLN F 110 -18.55 29.49 14.37
CA GLN F 110 -18.58 30.87 14.86
C GLN F 110 -17.18 31.43 15.14
N VAL F 111 -16.28 30.61 15.68
CA VAL F 111 -14.94 31.09 16.00
C VAL F 111 -13.90 30.67 14.94
N HIS F 112 -14.36 30.18 13.80
CA HIS F 112 -13.53 29.89 12.62
C HIS F 112 -12.55 28.74 12.86
N ASP F 113 -12.89 27.80 13.74
CA ASP F 113 -12.09 26.57 13.90
C ASP F 113 -12.64 25.54 12.91
N TYR F 114 -12.31 25.75 11.64
CA TYR F 114 -12.86 24.93 10.58
C TYR F 114 -12.33 23.51 10.61
N VAL F 115 -11.12 23.28 11.15
CA VAL F 115 -10.57 21.93 11.21
C VAL F 115 -11.29 21.12 12.27
N SER F 116 -11.53 21.72 13.44
CA SER F 116 -12.34 21.04 14.46
C SER F 116 -13.73 20.74 13.94
N ARG F 117 -14.33 21.68 13.21
CA ARG F 117 -15.63 21.42 12.60
C ARG F 117 -15.57 20.20 11.67
N ASP F 118 -14.54 20.11 10.83
CA ASP F 118 -14.44 18.98 9.89
C ASP F 118 -14.38 17.65 10.63
N LEU F 119 -13.60 17.59 11.71
CA LEU F 119 -13.52 16.38 12.53
C LEU F 119 -14.88 16.00 13.09
N LEU F 120 -15.60 16.97 13.64
CA LEU F 120 -16.91 16.70 14.22
C LEU F 120 -17.92 16.28 13.16
N LYS F 121 -17.84 16.87 11.96
CA LYS F 121 -18.71 16.46 10.88
C LYS F 121 -18.49 14.99 10.53
N ASP F 122 -17.21 14.58 10.45
CA ASP F 122 -16.90 13.18 10.19
C ASP F 122 -17.44 12.26 11.28
N ILE F 123 -17.28 12.64 12.55
CA ILE F 123 -17.86 11.84 13.62
C ILE F 123 -19.37 11.81 13.51
N LEU F 124 -19.98 12.96 13.22
CA LEU F 124 -21.43 13.03 13.06
C LEU F 124 -21.89 12.08 11.97
N GLU F 125 -21.13 11.98 10.88
CA GLU F 125 -21.50 11.04 9.82
C GLU F 125 -21.49 9.60 10.32
N SER F 126 -20.48 9.25 11.13
CA SER F 126 -20.44 7.91 11.72
CA SER F 126 -20.45 7.91 11.71
C SER F 126 -21.61 7.70 12.67
N GLU F 127 -21.96 8.72 13.46
CA GLU F 127 -23.05 8.54 14.42
C GLU F 127 -24.40 8.44 13.71
N GLU F 128 -24.61 9.20 12.62
CA GLU F 128 -25.86 9.05 11.89
C GLU F 128 -25.94 7.68 11.22
N GLU F 129 -24.79 7.13 10.80
CA GLU F 129 -24.81 5.74 10.31
C GLU F 129 -25.23 4.78 11.42
N HIS F 130 -24.78 5.01 12.65
CA HIS F 130 -25.21 4.15 13.75
C HIS F 130 -26.69 4.28 14.02
N ILE F 131 -27.22 5.51 13.94
CA ILE F 131 -28.66 5.71 14.14
C ILE F 131 -29.45 4.95 13.09
N ASP F 132 -29.04 5.04 11.83
CA ASP F 132 -29.69 4.27 10.76
C ASP F 132 -29.71 2.78 11.08
N TYR F 133 -28.56 2.23 11.49
CA TYR F 133 -28.51 0.83 11.91
C TYR F 133 -29.53 0.54 12.99
N LEU F 134 -29.53 1.35 14.06
CA LEU F 134 -30.39 1.07 15.21
C LEU F 134 -31.87 1.18 14.88
N GLU F 135 -32.28 2.27 14.20
CA GLU F 135 -33.67 2.40 13.77
C GLU F 135 -34.08 1.23 12.89
N THR F 136 -33.20 0.81 12.01
CA THR F 136 -33.52 -0.31 11.14
C THR F 136 -33.69 -1.60 11.94
N GLN F 137 -32.80 -1.87 12.91
CA GLN F 137 -32.97 -3.07 13.72
C GLN F 137 -34.30 -3.05 14.46
N LEU F 138 -34.63 -1.92 15.09
CA LEU F 138 -35.91 -1.81 15.79
C LEU F 138 -37.09 -2.03 14.86
N GLY F 139 -36.99 -1.53 13.62
CA GLY F 139 -38.06 -1.74 12.66
C GLY F 139 -38.14 -3.19 12.20
N LEU F 140 -36.99 -3.85 12.05
CA LEU F 140 -36.98 -5.26 11.65
C LEU F 140 -37.65 -6.12 12.72
N ILE F 141 -37.45 -5.80 13.99
CA ILE F 141 -38.12 -6.57 15.05
C ILE F 141 -39.63 -6.56 14.82
N GLN F 142 -40.16 -5.41 14.38
CA GLN F 142 -41.61 -5.33 14.19
C GLN F 142 -42.03 -6.06 12.92
N LYS F 143 -41.17 -6.11 11.89
CA LYS F 143 -41.55 -6.72 10.62
C LYS F 143 -41.41 -8.24 10.65
N VAL F 144 -40.34 -8.76 11.26
CA VAL F 144 -40.09 -10.20 11.24
C VAL F 144 -40.47 -10.89 12.55
N GLY F 145 -40.76 -10.14 13.60
CA GLY F 145 -41.00 -10.71 14.91
C GLY F 145 -39.73 -10.84 15.73
N LEU F 146 -39.87 -10.74 17.05
CA LEU F 146 -38.67 -10.77 17.89
C LEU F 146 -37.93 -12.09 17.78
N GLU F 147 -38.67 -13.21 17.82
CA GLU F 147 -38.02 -14.52 17.79
C GLU F 147 -37.22 -14.72 16.51
N ASN F 148 -37.79 -14.37 15.34
CA ASN F 148 -37.02 -14.42 14.10
C ASN F 148 -35.85 -13.44 14.14
N TYR F 149 -36.07 -12.23 14.65
CA TYR F 149 -34.98 -11.25 14.69
C TYR F 149 -33.79 -11.79 15.48
N LEU F 150 -34.07 -12.38 16.66
CA LEU F 150 -33.00 -12.94 17.47
C LEU F 150 -32.37 -14.15 16.79
N GLN F 151 -33.19 -15.03 16.21
CA GLN F 151 -32.68 -16.16 15.46
C GLN F 151 -31.66 -15.72 14.41
N SER F 152 -31.98 -14.64 13.68
CA SER F 152 -31.12 -14.15 12.61
C SER F 152 -29.81 -13.58 13.13
N HIS F 153 -29.66 -13.36 14.45
CA HIS F 153 -28.44 -12.82 15.02
C HIS F 153 -27.73 -13.82 15.93
N MET F 154 -28.08 -15.11 15.82
CA MET F 154 -27.38 -16.14 16.60
C MET F 154 -25.98 -16.39 16.06
N HIS F 155 -25.84 -16.54 14.76
CA HIS F 155 -24.62 -17.07 14.17
C HIS F 155 -23.90 -15.99 13.38
N GLU F 156 -22.58 -15.96 13.50
CA GLU F 156 -21.76 -15.15 12.62
C GLU F 156 -21.51 -15.86 11.29
N MET G 1 -32.03 -33.41 -45.82
CA MET G 1 -33.48 -33.15 -45.52
C MET G 1 -34.07 -32.34 -46.65
N LYS G 2 -35.16 -32.82 -47.27
CA LYS G 2 -35.66 -32.19 -48.47
C LYS G 2 -36.23 -30.81 -48.15
N GLY G 3 -35.61 -29.74 -48.67
CA GLY G 3 -36.12 -28.39 -48.45
C GLY G 3 -37.19 -27.96 -49.48
N ASP G 4 -37.90 -26.89 -49.12
CA ASP G 4 -38.83 -26.22 -50.03
C ASP G 4 -38.06 -25.60 -51.20
N LYS G 5 -38.49 -25.88 -52.43
CA LYS G 5 -37.75 -25.45 -53.61
C LYS G 5 -37.61 -23.92 -53.67
N LYS G 6 -38.66 -23.17 -53.32
CA LYS G 6 -38.56 -21.73 -53.35
C LYS G 6 -37.71 -21.18 -52.20
N VAL G 7 -37.71 -21.81 -51.03
CA VAL G 7 -36.73 -21.43 -50.00
C VAL G 7 -35.32 -21.52 -50.56
N ILE G 8 -35.02 -22.64 -51.23
CA ILE G 8 -33.65 -22.83 -51.75
C ILE G 8 -33.33 -21.76 -52.78
N GLN G 9 -34.29 -21.41 -53.63
CA GLN G 9 -34.09 -20.29 -54.55
C GLN G 9 -33.83 -18.97 -53.81
N HIS G 10 -34.58 -18.70 -52.75
CA HIS G 10 -34.29 -17.51 -51.95
C HIS G 10 -32.88 -17.59 -51.35
N LEU G 11 -32.52 -18.73 -50.78
CA LEU G 11 -31.19 -18.83 -50.17
C LEU G 11 -30.10 -18.63 -51.20
N ASN G 12 -30.29 -19.16 -52.43
CA ASN G 12 -29.33 -18.91 -53.49
C ASN G 12 -29.29 -17.45 -53.89
N LYS G 13 -30.42 -16.74 -53.83
CA LYS G 13 -30.41 -15.31 -54.12
C LYS G 13 -29.64 -14.54 -53.06
N ILE G 14 -29.84 -14.88 -51.78
CA ILE G 14 -29.09 -14.21 -50.72
C ILE G 14 -27.62 -14.53 -50.86
N LEU G 15 -27.31 -15.80 -51.14
CA LEU G 15 -25.93 -16.19 -51.37
C LEU G 15 -25.31 -15.37 -52.50
N GLY G 16 -26.06 -15.15 -53.58
CA GLY G 16 -25.51 -14.36 -54.67
C GLY G 16 -25.20 -12.93 -54.25
N ASN G 17 -26.04 -12.35 -53.38
CA ASN G 17 -25.76 -11.01 -52.89
C ASN G 17 -24.49 -11.01 -52.03
N GLU G 18 -24.35 -12.02 -51.16
CA GLU G 18 -23.15 -12.14 -50.34
C GLU G 18 -21.89 -12.30 -51.21
N LEU G 19 -21.98 -13.07 -52.30
CA LEU G 19 -20.84 -13.25 -53.20
C LEU G 19 -20.43 -11.95 -53.87
N ILE G 20 -21.42 -11.13 -54.28
CA ILE G 20 -21.09 -9.79 -54.79
C ILE G 20 -20.38 -8.99 -53.72
N ALA G 21 -20.92 -9.01 -52.50
CA ALA G 21 -20.39 -8.20 -51.41
C ALA G 21 -18.96 -8.60 -51.05
N ILE G 22 -18.67 -9.90 -50.99
CA ILE G 22 -17.31 -10.36 -50.72
C ILE G 22 -16.34 -9.65 -51.64
N ASN G 23 -16.61 -9.69 -52.94
CA ASN G 23 -15.68 -9.16 -53.91
C ASN G 23 -15.63 -7.64 -53.90
N GLN G 24 -16.79 -7.00 -53.82
CA GLN G 24 -16.86 -5.54 -53.76
C GLN G 24 -16.09 -5.01 -52.56
N TYR G 25 -16.35 -5.57 -51.39
CA TYR G 25 -15.66 -5.10 -50.18
C TYR G 25 -14.18 -5.47 -50.20
N PHE G 26 -13.82 -6.63 -50.74
CA PHE G 26 -12.40 -6.97 -50.79
C PHE G 26 -11.63 -6.01 -51.69
N LEU G 27 -12.18 -5.68 -52.85
CA LEU G 27 -11.53 -4.73 -53.73
C LEU G 27 -11.49 -3.33 -53.11
N HIS G 28 -12.59 -2.87 -52.53
CA HIS G 28 -12.57 -1.58 -51.85
C HIS G 28 -11.50 -1.55 -50.75
N SER G 29 -11.40 -2.62 -49.96
CA SER G 29 -10.38 -2.72 -48.92
C SER G 29 -8.98 -2.52 -49.50
N ARG G 30 -8.67 -3.25 -50.58
CA ARG G 30 -7.33 -3.18 -51.12
C ARG G 30 -7.08 -1.87 -51.85
N MET G 31 -8.12 -1.24 -52.40
CA MET G 31 -7.98 0.12 -52.92
C MET G 31 -7.62 1.09 -51.79
N TRP G 32 -8.36 1.03 -50.68
CA TRP G 32 -8.06 1.93 -49.58
C TRP G 32 -6.66 1.69 -49.03
N ASN G 33 -6.24 0.43 -48.92
CA ASN G 33 -4.87 0.15 -48.51
C ASN G 33 -3.85 0.76 -49.48
N ASP G 34 -4.07 0.60 -50.77
CA ASP G 34 -3.16 1.18 -51.76
C ASP G 34 -3.09 2.70 -51.66
N TRP G 35 -4.21 3.34 -51.31
CA TRP G 35 -4.25 4.79 -51.17
C TRP G 35 -3.70 5.28 -49.84
N GLY G 36 -3.28 4.38 -48.94
CA GLY G 36 -2.77 4.84 -47.66
C GLY G 36 -3.83 5.09 -46.62
N LEU G 37 -5.07 4.68 -46.87
CA LEU G 37 -6.16 4.84 -45.92
C LEU G 37 -6.41 3.49 -45.24
N LYS G 38 -5.43 3.13 -44.40
CA LYS G 38 -5.32 1.78 -43.88
C LYS G 38 -6.41 1.45 -42.87
N ARG G 39 -6.93 2.45 -42.15
CA ARG G 39 -8.01 2.14 -41.22
C ARG G 39 -9.29 1.77 -41.97
N LEU G 40 -9.57 2.47 -43.07
CA LEU G 40 -10.68 2.05 -43.93
C LEU G 40 -10.38 0.71 -44.59
N GLY G 41 -9.15 0.52 -45.02
CA GLY G 41 -8.80 -0.76 -45.62
C GLY G 41 -9.01 -1.92 -44.67
N ALA G 42 -8.57 -1.76 -43.42
CA ALA G 42 -8.74 -2.84 -42.43
C ALA G 42 -10.21 -3.05 -42.11
N HIS G 43 -10.98 -1.97 -41.96
CA HIS G 43 -12.36 -2.16 -41.62
C HIS G 43 -13.12 -2.84 -42.76
N GLU G 44 -12.83 -2.44 -43.99
CA GLU G 44 -13.50 -3.01 -45.15
C GLU G 44 -13.10 -4.47 -45.38
N TYR G 45 -11.87 -4.82 -45.03
CA TYR G 45 -11.44 -6.22 -45.07
C TYR G 45 -12.27 -7.05 -44.12
N HIS G 46 -12.49 -6.55 -42.90
CA HIS G 46 -13.30 -7.32 -41.97
C HIS G 46 -14.75 -7.41 -42.43
N GLU G 47 -15.28 -6.39 -43.11
CA GLU G 47 -16.61 -6.52 -43.71
C GLU G 47 -16.64 -7.64 -44.76
N SER G 48 -15.60 -7.73 -45.58
CA SER G 48 -15.53 -8.81 -46.59
C SER G 48 -15.51 -10.19 -45.93
N ILE G 49 -14.67 -10.36 -44.92
CA ILE G 49 -14.60 -11.62 -44.16
C ILE G 49 -15.95 -11.98 -43.57
N ASP G 50 -16.67 -11.00 -43.02
CA ASP G 50 -17.96 -11.33 -42.45
CA ASP G 50 -17.99 -11.26 -42.47
C ASP G 50 -18.92 -11.83 -43.53
N GLU G 51 -18.86 -11.25 -44.72
CA GLU G 51 -19.69 -11.74 -45.81
C GLU G 51 -19.27 -13.14 -46.23
N MET G 52 -17.95 -13.42 -46.21
CA MET G 52 -17.50 -14.77 -46.47
C MET G 52 -18.11 -15.74 -45.48
N LYS G 53 -18.18 -15.37 -44.21
CA LYS G 53 -18.75 -16.27 -43.21
C LYS G 53 -20.25 -16.50 -43.46
N HIS G 54 -20.98 -15.47 -43.85
CA HIS G 54 -22.41 -15.64 -44.14
C HIS G 54 -22.60 -16.55 -45.35
N ALA G 55 -21.78 -16.36 -46.38
CA ALA G 55 -21.87 -17.20 -47.57
C ALA G 55 -21.64 -18.66 -47.19
N ASP G 56 -20.68 -18.91 -46.30
CA ASP G 56 -20.42 -20.27 -45.85
C ASP G 56 -21.65 -20.88 -45.22
N LYS G 57 -22.29 -20.16 -44.29
CA LYS G 57 -23.46 -20.72 -43.63
C LYS G 57 -24.58 -20.95 -44.63
N LEU G 58 -24.71 -20.07 -45.63
CA LEU G 58 -25.76 -20.24 -46.62
C LEU G 58 -25.50 -21.46 -47.51
N ILE G 59 -24.24 -21.64 -47.94
CA ILE G 59 -23.86 -22.81 -48.68
C ILE G 59 -24.15 -24.07 -47.87
N GLU G 60 -23.77 -24.06 -46.59
CA GLU G 60 -24.01 -25.23 -45.75
C GLU G 60 -25.51 -25.51 -45.62
N ARG G 61 -26.34 -24.47 -45.44
CA ARG G 61 -27.78 -24.69 -45.30
C ARG G 61 -28.39 -25.25 -46.58
N ILE G 62 -28.00 -24.70 -47.74
CA ILE G 62 -28.52 -25.15 -49.02
C ILE G 62 -28.21 -26.63 -49.25
N LEU G 63 -26.97 -27.06 -48.91
CA LEU G 63 -26.60 -28.45 -49.09
C LEU G 63 -27.39 -29.36 -48.16
N PHE G 64 -27.55 -28.95 -46.90
CA PHE G 64 -28.39 -29.69 -45.97
C PHE G 64 -29.79 -29.89 -46.54
N LEU G 65 -30.37 -28.84 -47.14
CA LEU G 65 -31.71 -28.90 -47.70
C LEU G 65 -31.75 -29.59 -49.07
N GLU G 66 -30.62 -30.15 -49.49
CA GLU G 66 -30.52 -30.96 -50.71
C GLU G 66 -30.68 -30.12 -51.97
N GLY G 67 -30.25 -28.87 -51.89
CA GLY G 67 -30.15 -28.01 -53.05
C GLY G 67 -28.72 -27.84 -53.51
N LEU G 68 -28.58 -27.13 -54.63
CA LEU G 68 -27.30 -26.87 -55.26
C LEU G 68 -26.89 -25.43 -55.04
N PRO G 69 -25.91 -25.13 -54.18
CA PRO G 69 -25.51 -23.73 -53.99
C PRO G 69 -24.97 -23.19 -55.29
N ASN G 70 -25.33 -21.96 -55.65
CA ASN G 70 -24.88 -21.38 -56.91
C ASN G 70 -23.75 -20.41 -56.62
N LEU G 71 -22.52 -20.85 -56.89
CA LEU G 71 -21.34 -20.00 -56.79
C LEU G 71 -20.85 -19.53 -58.16
N GLN G 72 -21.62 -19.78 -59.21
CA GLN G 72 -21.21 -19.51 -60.59
C GLN G 72 -21.66 -18.14 -61.10
N ASP G 73 -22.90 -17.72 -60.78
CA ASP G 73 -23.56 -16.59 -61.45
C ASP G 73 -23.41 -15.28 -60.68
N LEU G 74 -22.22 -14.69 -60.75
CA LEU G 74 -21.90 -13.47 -60.01
C LEU G 74 -22.55 -12.23 -60.64
N GLY G 75 -23.33 -11.51 -59.84
CA GLY G 75 -23.98 -10.29 -60.28
C GLY G 75 -23.03 -9.10 -60.32
N LYS G 76 -23.61 -7.91 -60.51
CA LYS G 76 -22.83 -6.71 -60.80
C LYS G 76 -22.19 -6.16 -59.52
N LEU G 77 -20.86 -6.02 -59.54
CA LEU G 77 -20.16 -5.30 -58.47
C LEU G 77 -20.39 -3.80 -58.61
N LEU G 78 -20.57 -3.12 -57.48
CA LEU G 78 -20.68 -1.66 -57.44
C LEU G 78 -19.35 -1.11 -56.91
N ILE G 79 -18.44 -0.76 -57.81
CA ILE G 79 -17.09 -0.33 -57.42
C ILE G 79 -17.03 1.19 -57.55
N GLY G 80 -16.72 1.85 -56.46
CA GLY G 80 -16.56 3.29 -56.46
C GLY G 80 -15.14 3.67 -56.84
N GLU G 81 -14.93 4.95 -57.08
CA GLU G 81 -13.60 5.39 -57.47
C GLU G 81 -13.06 6.46 -56.56
N ASN G 82 -13.78 6.79 -55.50
CA ASN G 82 -13.29 7.62 -54.42
C ASN G 82 -14.00 7.19 -53.14
N THR G 83 -13.50 7.66 -52.01
CA THR G 83 -13.94 7.11 -50.74
C THR G 83 -15.44 7.28 -50.54
N GLN G 84 -15.97 8.49 -50.74
CA GLN G 84 -17.40 8.69 -50.53
C GLN G 84 -18.22 7.80 -51.45
N GLU G 85 -17.82 7.68 -52.71
CA GLU G 85 -18.57 6.85 -53.63
C GLU G 85 -18.48 5.37 -53.25
N MET G 86 -17.32 4.90 -52.79
CA MET G 86 -17.22 3.52 -52.38
C MET G 86 -18.15 3.21 -51.20
N LEU G 87 -18.20 4.11 -50.21
CA LEU G 87 -19.13 3.92 -49.10
C LEU G 87 -20.57 3.91 -49.59
N GLN G 88 -20.90 4.81 -50.51
CA GLN G 88 -22.27 4.81 -51.03
C GLN G 88 -22.56 3.55 -51.84
N CYS G 89 -21.58 3.05 -52.59
CA CYS G 89 -21.76 1.79 -53.31
C CYS G 89 -22.01 0.64 -52.35
N ASP G 90 -21.25 0.56 -51.26
CA ASP G 90 -21.53 -0.48 -50.27
C ASP G 90 -22.94 -0.32 -49.70
N LEU G 91 -23.34 0.93 -49.41
CA LEU G 91 -24.65 1.15 -48.82
C LEU G 91 -25.75 0.74 -49.78
N ASN G 92 -25.63 1.12 -51.06
CA ASN G 92 -26.64 0.70 -52.04
C ASN G 92 -26.73 -0.81 -52.12
N LEU G 93 -25.59 -1.50 -52.08
CA LEU G 93 -25.60 -2.95 -52.12
C LEU G 93 -26.31 -3.51 -50.91
N GLU G 94 -26.03 -2.96 -49.73
CA GLU G 94 -26.62 -3.48 -48.51
C GLU G 94 -28.13 -3.27 -48.48
N LEU G 95 -28.60 -2.14 -49.02
CA LEU G 95 -30.03 -1.89 -49.04
C LEU G 95 -30.74 -2.88 -49.97
N LYS G 96 -30.13 -3.21 -51.11
CA LYS G 96 -30.68 -4.28 -51.94
C LYS G 96 -30.67 -5.58 -51.17
N ALA G 97 -29.60 -5.84 -50.43
CA ALA G 97 -29.47 -7.12 -49.73
C ALA G 97 -30.52 -7.27 -48.64
N THR G 98 -30.79 -6.22 -47.88
CA THR G 98 -31.74 -6.38 -46.79
C THR G 98 -33.17 -6.48 -47.34
N LYS G 99 -33.46 -5.81 -48.45
CA LYS G 99 -34.75 -6.01 -49.11
C LYS G 99 -34.97 -7.47 -49.46
N ASP G 100 -33.95 -8.10 -50.07
CA ASP G 100 -34.03 -9.50 -50.45
C ASP G 100 -34.13 -10.40 -49.23
N LEU G 101 -33.39 -10.09 -48.16
CA LEU G 101 -33.48 -10.92 -46.96
C LEU G 101 -34.90 -10.91 -46.39
N ARG G 102 -35.55 -9.74 -46.39
CA ARG G 102 -36.91 -9.66 -45.83
C ARG G 102 -37.89 -10.50 -46.64
N GLU G 103 -37.78 -10.46 -47.97
CA GLU G 103 -38.66 -11.28 -48.80
C GLU G 103 -38.39 -12.76 -48.59
N ALA G 104 -37.13 -13.15 -48.41
CA ALA G 104 -36.82 -14.55 -48.16
C ALA G 104 -37.38 -15.01 -46.82
N ILE G 105 -37.28 -14.15 -45.80
CA ILE G 105 -37.82 -14.51 -44.49
C ILE G 105 -39.32 -14.71 -44.56
N VAL G 106 -40.04 -13.80 -45.24
CA VAL G 106 -41.48 -13.97 -45.44
C VAL G 106 -41.78 -15.36 -45.97
N HIS G 107 -41.04 -15.80 -46.98
CA HIS G 107 -41.35 -17.10 -47.58
C HIS G 107 -41.00 -18.24 -46.64
N CYS G 108 -39.86 -18.14 -45.95
CA CYS G 108 -39.53 -19.17 -44.97
C CYS G 108 -40.65 -19.31 -43.94
N GLU G 109 -41.18 -18.18 -43.46
CA GLU G 109 -42.24 -18.21 -42.46
C GLU G 109 -43.46 -18.92 -43.04
N GLN G 110 -43.79 -18.59 -44.28
CA GLN G 110 -45.01 -19.11 -44.90
C GLN G 110 -44.97 -20.64 -45.03
N VAL G 111 -43.80 -21.22 -45.34
CA VAL G 111 -43.69 -22.67 -45.48
C VAL G 111 -43.11 -23.34 -44.22
N HIS G 112 -42.98 -22.60 -43.11
CA HIS G 112 -42.63 -23.15 -41.79
C HIS G 112 -41.16 -23.60 -41.73
N ASP G 113 -40.28 -23.01 -42.53
CA ASP G 113 -38.86 -23.31 -42.45
C ASP G 113 -38.23 -22.31 -41.48
N TYR G 114 -38.47 -22.57 -40.21
CA TYR G 114 -38.13 -21.65 -39.15
C TYR G 114 -36.62 -21.59 -38.90
N VAL G 115 -35.90 -22.69 -39.17
CA VAL G 115 -34.44 -22.64 -39.01
C VAL G 115 -33.80 -21.79 -40.11
N SER G 116 -34.23 -21.96 -41.37
CA SER G 116 -33.76 -21.04 -42.40
C SER G 116 -34.09 -19.59 -42.07
N ARG G 117 -35.29 -19.33 -41.55
CA ARG G 117 -35.63 -17.96 -41.18
C ARG G 117 -34.66 -17.42 -40.15
N ASP G 118 -34.30 -18.23 -39.15
CA ASP G 118 -33.42 -17.77 -38.08
C ASP G 118 -32.04 -17.44 -38.60
N LEU G 119 -31.50 -18.30 -39.47
CA LEU G 119 -30.23 -17.99 -40.13
C LEU G 119 -30.32 -16.67 -40.87
N LEU G 120 -31.40 -16.45 -41.63
CA LEU G 120 -31.50 -15.23 -42.41
C LEU G 120 -31.68 -14.01 -41.50
N LYS G 121 -32.35 -14.19 -40.38
CA LYS G 121 -32.51 -13.09 -39.43
C LYS G 121 -31.16 -12.70 -38.87
N ASP G 122 -30.34 -13.69 -38.53
CA ASP G 122 -28.98 -13.40 -38.05
C ASP G 122 -28.17 -12.66 -39.11
N ILE G 123 -28.26 -13.08 -40.37
CA ILE G 123 -27.55 -12.36 -41.43
C ILE G 123 -28.08 -10.93 -41.54
N LEU G 124 -29.40 -10.77 -41.46
CA LEU G 124 -30.01 -9.45 -41.56
C LEU G 124 -29.50 -8.53 -40.45
N GLU G 125 -29.36 -9.06 -39.24
CA GLU G 125 -28.80 -8.27 -38.14
C GLU G 125 -27.40 -7.78 -38.48
N SER G 126 -26.57 -8.67 -39.02
CA SER G 126 -25.23 -8.25 -39.43
CA SER G 126 -25.22 -8.25 -39.45
C SER G 126 -25.30 -7.19 -40.53
N GLU G 127 -26.18 -7.37 -41.52
CA GLU G 127 -26.24 -6.39 -42.60
C GLU G 127 -26.76 -5.04 -42.11
N GLU G 128 -27.74 -5.02 -41.20
CA GLU G 128 -28.18 -3.74 -40.64
C GLU G 128 -27.07 -3.09 -39.81
N GLU G 129 -26.23 -3.88 -39.15
CA GLU G 129 -25.09 -3.27 -38.47
C GLU G 129 -24.15 -2.63 -39.49
N HIS G 130 -24.01 -3.25 -40.67
CA HIS G 130 -23.15 -2.67 -41.69
C HIS G 130 -23.76 -1.39 -42.26
N ILE G 131 -25.07 -1.39 -42.44
CA ILE G 131 -25.77 -0.18 -42.86
C ILE G 131 -25.54 0.93 -41.84
N ASP G 132 -25.62 0.60 -40.55
CA ASP G 132 -25.39 1.61 -39.51
C ASP G 132 -24.00 2.21 -39.65
N TYR G 133 -23.00 1.34 -39.82
CA TYR G 133 -21.64 1.81 -40.01
C TYR G 133 -21.56 2.75 -41.20
N LEU G 134 -22.13 2.35 -42.33
CA LEU G 134 -21.98 3.10 -43.58
C LEU G 134 -22.67 4.46 -43.52
N GLU G 135 -23.92 4.48 -43.08
CA GLU G 135 -24.64 5.74 -42.91
C GLU G 135 -23.87 6.69 -42.00
N THR G 136 -23.30 6.14 -40.92
CA THR G 136 -22.53 6.95 -39.99
C THR G 136 -21.28 7.51 -40.66
N GLN G 137 -20.59 6.70 -41.47
CA GLN G 137 -19.38 7.20 -42.12
C GLN G 137 -19.74 8.33 -43.07
N LEU G 138 -20.83 8.16 -43.83
CA LEU G 138 -21.24 9.21 -44.75
C LEU G 138 -21.66 10.46 -43.98
N GLY G 139 -22.31 10.29 -42.84
CA GLY G 139 -22.64 11.44 -42.03
C GLY G 139 -21.41 12.13 -41.46
N LEU G 140 -20.40 11.33 -41.07
CA LEU G 140 -19.18 11.93 -40.56
C LEU G 140 -18.50 12.78 -41.61
N ILE G 141 -18.51 12.32 -42.87
CA ILE G 141 -17.86 13.11 -43.91
C ILE G 141 -18.50 14.48 -43.99
N GLN G 142 -19.82 14.54 -43.82
CA GLN G 142 -20.52 15.82 -43.84
C GLN G 142 -20.17 16.67 -42.62
N LYS G 143 -19.96 16.04 -41.47
CA LYS G 143 -19.75 16.79 -40.22
C LYS G 143 -18.31 17.26 -40.07
N VAL G 144 -17.33 16.41 -40.35
CA VAL G 144 -15.92 16.76 -40.10
C VAL G 144 -15.22 17.25 -41.37
N GLY G 145 -15.84 17.12 -42.53
CA GLY G 145 -15.21 17.47 -43.79
C GLY G 145 -14.45 16.28 -44.36
N LEU G 146 -14.40 16.20 -45.69
CA LEU G 146 -13.80 15.04 -46.34
C LEU G 146 -12.31 14.90 -46.00
N GLU G 147 -11.57 16.01 -46.06
CA GLU G 147 -10.13 15.95 -45.80
C GLU G 147 -9.84 15.42 -44.40
N ASN G 148 -10.56 15.94 -43.38
CA ASN G 148 -10.42 15.40 -42.02
C ASN G 148 -10.86 13.96 -41.93
N TYR G 149 -11.97 13.60 -42.56
CA TYR G 149 -12.42 12.20 -42.50
C TYR G 149 -11.33 11.27 -43.02
N LEU G 150 -10.76 11.60 -44.17
CA LEU G 150 -9.72 10.77 -44.75
C LEU G 150 -8.47 10.76 -43.85
N GLN G 151 -8.08 11.92 -43.33
CA GLN G 151 -6.94 12.00 -42.41
C GLN G 151 -7.09 11.02 -41.25
N SER G 152 -8.29 10.95 -40.68
CA SER G 152 -8.58 10.11 -39.54
C SER G 152 -8.56 8.64 -39.90
N HIS G 153 -8.47 8.30 -41.19
CA HIS G 153 -8.43 6.91 -41.60
C HIS G 153 -7.10 6.51 -42.23
N MET G 154 -6.07 7.35 -42.11
CA MET G 154 -4.77 7.01 -42.63
C MET G 154 -4.12 5.91 -41.81
N HIS G 155 -4.14 6.04 -40.50
CA HIS G 155 -3.34 5.14 -39.65
C HIS G 155 -4.23 4.17 -38.87
N MET H 1 11.25 -4.96 41.28
CA MET H 1 10.11 -5.15 42.23
C MET H 1 10.60 -6.03 43.39
N LYS H 2 10.54 -5.52 44.62
CA LYS H 2 11.20 -6.21 45.73
C LYS H 2 10.51 -7.54 46.03
N GLY H 3 11.24 -8.64 45.86
CA GLY H 3 10.69 -9.95 46.16
C GLY H 3 10.91 -10.36 47.59
N ASP H 4 10.17 -11.39 47.97
CA ASP H 4 10.34 -12.06 49.27
C ASP H 4 11.73 -12.69 49.35
N LYS H 5 12.43 -12.42 50.46
CA LYS H 5 13.80 -12.89 50.58
C LYS H 5 13.88 -14.40 50.48
N LYS H 6 12.97 -15.11 51.13
CA LYS H 6 13.01 -16.57 51.10
C LYS H 6 12.61 -17.09 49.73
N VAL H 7 11.69 -16.40 49.02
CA VAL H 7 11.43 -16.80 47.64
C VAL H 7 12.73 -16.77 46.83
N ILE H 8 13.48 -15.67 46.96
CA ILE H 8 14.72 -15.55 46.19
C ILE H 8 15.69 -16.66 46.58
N GLN H 9 15.73 -17.02 47.87
CA GLN H 9 16.59 -18.11 48.30
C GLN H 9 16.17 -19.44 47.66
N HIS H 10 14.86 -19.70 47.62
CA HIS H 10 14.37 -20.89 46.94
C HIS H 10 14.75 -20.87 45.47
N LEU H 11 14.55 -19.73 44.80
CA LEU H 11 14.89 -19.61 43.38
C LEU H 11 16.37 -19.84 43.13
N ASN H 12 17.25 -19.34 44.02
CA ASN H 12 18.66 -19.63 43.86
C ASN H 12 18.98 -21.10 44.09
N LYS H 13 18.23 -21.78 44.97
CA LYS H 13 18.45 -23.20 45.17
C LYS H 13 18.03 -23.99 43.93
N ILE H 14 16.88 -23.64 43.35
CA ILE H 14 16.47 -24.27 42.09
C ILE H 14 17.51 -24.00 41.02
N LEU H 15 17.95 -22.72 40.91
CA LEU H 15 18.97 -22.38 39.94
C LEU H 15 20.20 -23.24 40.13
N GLY H 16 20.60 -23.44 41.39
CA GLY H 16 21.77 -24.24 41.66
C GLY H 16 21.62 -25.66 41.13
N ASN H 17 20.42 -26.23 41.30
CA ASN H 17 20.15 -27.56 40.76
C ASN H 17 20.26 -27.57 39.24
N GLU H 18 19.68 -26.56 38.58
CA GLU H 18 19.76 -26.48 37.12
C GLU H 18 21.20 -26.36 36.65
N LEU H 19 22.04 -25.60 37.36
CA LEU H 19 23.44 -25.46 36.99
C LEU H 19 24.20 -26.79 37.09
N ILE H 20 23.92 -27.59 38.12
CA ILE H 20 24.48 -28.94 38.17
C ILE H 20 24.04 -29.75 36.95
N ALA H 21 22.74 -29.72 36.67
CA ALA H 21 22.19 -30.52 35.60
C ALA H 21 22.76 -30.13 34.24
N ILE H 22 22.92 -28.83 33.99
CA ILE H 22 23.54 -28.40 32.73
C ILE H 22 24.84 -29.15 32.52
N ASN H 23 25.72 -29.08 33.51
CA ASN H 23 27.06 -29.63 33.35
C ASN H 23 27.03 -31.13 33.33
N GLN H 24 26.20 -31.73 34.18
CA GLN H 24 26.15 -33.18 34.24
C GLN H 24 25.62 -33.76 32.93
N TYR H 25 24.55 -33.18 32.41
CA TYR H 25 23.99 -33.65 31.13
C TYR H 25 24.93 -33.33 29.97
N PHE H 26 25.61 -32.19 30.00
CA PHE H 26 26.52 -31.89 28.90
C PHE H 26 27.68 -32.90 28.87
N LEU H 27 28.24 -33.21 30.04
CA LEU H 27 29.32 -34.19 30.07
C LEU H 27 28.83 -35.57 29.64
N HIS H 28 27.67 -36.01 30.15
CA HIS H 28 27.15 -37.31 29.74
C HIS H 28 26.93 -37.36 28.23
N SER H 29 26.39 -36.27 27.66
CA SER H 29 26.20 -36.22 26.21
C SER H 29 27.50 -36.44 25.45
N ARG H 30 28.56 -35.73 25.87
CA ARG H 30 29.81 -35.84 25.16
C ARG H 30 30.51 -37.17 25.41
N MET H 31 30.32 -37.77 26.59
CA MET H 31 30.79 -39.13 26.82
C MET H 31 30.11 -40.10 25.85
N TRP H 32 28.78 -40.05 25.77
CA TRP H 32 28.06 -40.93 24.86
C TRP H 32 28.51 -40.71 23.43
N ASN H 33 28.75 -39.46 23.02
CA ASN H 33 29.23 -39.23 21.65
C ASN H 33 30.60 -39.85 21.46
N ASP H 34 31.50 -39.67 22.43
CA ASP H 34 32.83 -40.27 22.34
C ASP H 34 32.75 -41.78 22.21
N TRP H 35 31.77 -42.40 22.86
CA TRP H 35 31.61 -43.87 22.86
C TRP H 35 30.87 -44.39 21.62
N GLY H 36 30.42 -43.52 20.74
CA GLY H 36 29.70 -43.93 19.55
C GLY H 36 28.23 -44.13 19.75
N LEU H 37 27.67 -43.68 20.89
CA LEU H 37 26.25 -43.82 21.16
C LEU H 37 25.57 -42.47 20.87
N LYS H 38 25.54 -42.15 19.56
CA LYS H 38 25.21 -40.80 19.12
C LYS H 38 23.75 -40.42 19.36
N ARG H 39 22.83 -41.38 19.38
CA ARG H 39 21.45 -41.02 19.66
C ARG H 39 21.26 -40.61 21.13
N LEU H 40 21.94 -41.31 22.05
CA LEU H 40 21.95 -40.88 23.44
C LEU H 40 22.68 -39.55 23.59
N GLY H 41 23.80 -39.39 22.90
CA GLY H 41 24.53 -38.13 22.98
C GLY H 41 23.69 -36.96 22.52
N ALA H 42 22.93 -37.13 21.43
CA ALA H 42 22.08 -36.05 20.94
C ALA H 42 20.95 -35.75 21.91
N HIS H 43 20.28 -36.79 22.40
CA HIS H 43 19.15 -36.56 23.30
C HIS H 43 19.61 -35.86 24.57
N GLU H 44 20.75 -36.31 25.11
CA GLU H 44 21.29 -35.74 26.35
C GLU H 44 21.74 -34.29 26.16
N TYR H 45 22.29 -33.98 25.00
CA TYR H 45 22.58 -32.59 24.63
C TYR H 45 21.33 -31.72 24.72
N HIS H 46 20.22 -32.21 24.17
CA HIS H 46 18.99 -31.42 24.21
C HIS H 46 18.43 -31.32 25.64
N GLU H 47 18.65 -32.33 26.48
CA GLU H 47 18.32 -32.18 27.89
C GLU H 47 19.17 -31.09 28.55
N SER H 48 20.46 -31.03 28.22
CA SER H 48 21.33 -29.98 28.77
C SER H 48 20.85 -28.60 28.33
N ILE H 49 20.51 -28.46 27.05
CA ILE H 49 19.99 -27.19 26.53
C ILE H 49 18.73 -26.78 27.27
N ASP H 50 17.82 -27.73 27.50
CA ASP H 50 16.59 -27.43 28.20
CA ASP H 50 16.59 -27.42 28.20
C ASP H 50 16.87 -26.85 29.59
N GLU H 51 17.82 -27.44 30.30
CA GLU H 51 18.18 -26.93 31.62
C GLU H 51 18.81 -25.55 31.54
N MET H 52 19.58 -25.30 30.47
CA MET H 52 20.13 -23.97 30.26
C MET H 52 19.02 -22.92 30.13
N LYS H 53 17.95 -23.27 29.42
CA LYS H 53 16.84 -22.35 29.25
C LYS H 53 16.12 -22.09 30.58
N HIS H 54 15.92 -23.14 31.39
CA HIS H 54 15.32 -22.95 32.71
C HIS H 54 16.20 -22.06 33.59
N ALA H 55 17.50 -22.29 33.55
CA ALA H 55 18.43 -21.46 34.32
C ALA H 55 18.30 -20.00 33.92
N ASP H 56 18.24 -19.73 32.61
CA ASP H 56 18.04 -18.37 32.13
C ASP H 56 16.79 -17.74 32.73
N LYS H 57 15.66 -18.46 32.73
CA LYS H 57 14.43 -17.88 33.25
C LYS H 57 14.52 -17.64 34.75
N LEU H 58 15.18 -18.52 35.48
CA LEU H 58 15.35 -18.30 36.92
C LEU H 58 16.22 -17.08 37.19
N ILE H 59 17.31 -16.93 36.44
CA ILE H 59 18.18 -15.77 36.55
C ILE H 59 17.41 -14.49 36.28
N GLU H 60 16.60 -14.49 35.21
CA GLU H 60 15.79 -13.31 34.90
C GLU H 60 14.81 -12.98 36.01
N ARG H 61 14.17 -14.00 36.57
CA ARG H 61 13.18 -13.76 37.61
C ARG H 61 13.84 -13.22 38.88
N ILE H 62 15.01 -13.77 39.23
CA ILE H 62 15.69 -13.34 40.44
C ILE H 62 16.09 -11.88 40.33
N LEU H 63 16.61 -11.48 39.16
CA LEU H 63 17.00 -10.10 38.94
C LEU H 63 15.81 -9.16 39.00
N PHE H 64 14.69 -9.57 38.41
CA PHE H 64 13.48 -8.75 38.47
C PHE H 64 13.07 -8.51 39.92
N LEU H 65 13.22 -9.53 40.77
CA LEU H 65 12.82 -9.44 42.15
C LEU H 65 13.89 -8.81 43.04
N GLU H 66 14.93 -8.25 42.42
CA GLU H 66 16.01 -7.51 43.07
C GLU H 66 16.87 -8.40 43.96
N GLY H 67 17.00 -9.67 43.57
CA GLY H 67 17.98 -10.56 44.18
C GLY H 67 19.22 -10.70 43.33
N LEU H 68 20.20 -11.43 43.90
CA LEU H 68 21.47 -11.71 43.25
C LEU H 68 21.47 -13.16 42.82
N PRO H 69 21.46 -13.46 41.52
CA PRO H 69 21.46 -14.87 41.10
C PRO H 69 22.81 -15.50 41.39
N ASN H 70 22.82 -16.66 42.03
CA ASN H 70 24.07 -17.32 42.41
C ASN H 70 24.51 -18.25 41.30
N LEU H 71 25.49 -17.83 40.48
CA LEU H 71 26.11 -18.73 39.50
C LEU H 71 27.49 -19.20 39.94
N GLN H 72 27.86 -18.92 41.18
CA GLN H 72 29.21 -19.19 41.66
C GLN H 72 29.31 -20.53 42.35
N ASP H 73 28.30 -20.88 43.12
CA ASP H 73 28.32 -22.11 43.88
C ASP H 73 27.79 -23.21 42.97
N LEU H 74 28.57 -24.25 42.79
CA LEU H 74 28.20 -25.40 41.97
C LEU H 74 28.27 -26.63 42.86
N GLY H 75 27.12 -27.27 43.06
CA GLY H 75 27.07 -28.49 43.82
C GLY H 75 27.63 -29.68 43.06
N LYS H 76 27.43 -30.85 43.66
CA LYS H 76 28.11 -32.07 43.23
C LYS H 76 27.46 -32.62 41.96
N LEU H 77 28.28 -32.78 40.92
CA LEU H 77 27.88 -33.48 39.72
C LEU H 77 27.83 -34.99 39.99
N LEU H 78 26.79 -35.64 39.49
CA LEU H 78 26.65 -37.10 39.57
C LEU H 78 26.95 -37.70 38.19
N ILE H 79 28.17 -38.20 38.01
CA ILE H 79 28.64 -38.67 36.72
C ILE H 79 28.69 -40.18 36.77
N GLY H 80 28.01 -40.80 35.81
CA GLY H 80 28.02 -42.25 35.73
C GLY H 80 29.24 -42.74 34.99
N GLU H 81 29.50 -44.05 35.08
CA GLU H 81 30.65 -44.63 34.41
C GLU H 81 30.26 -45.67 33.37
N ASN H 82 28.96 -45.86 33.15
CA ASN H 82 28.46 -46.57 31.98
C ASN H 82 27.05 -46.04 31.75
N THR H 83 26.42 -46.50 30.67
CA THR H 83 25.15 -45.92 30.24
C THR H 83 24.07 -46.04 31.31
N GLN H 84 23.91 -47.21 31.91
CA GLN H 84 22.86 -47.38 32.92
C GLN H 84 23.09 -46.46 34.10
N GLU H 85 24.33 -46.31 34.52
CA GLU H 85 24.65 -45.49 35.67
C GLU H 85 24.46 -44.00 35.35
N MET H 86 24.79 -43.59 34.12
CA MET H 86 24.57 -42.19 33.73
C MET H 86 23.09 -41.85 33.78
N LEU H 87 22.24 -42.73 33.23
CA LEU H 87 20.80 -42.50 33.27
C LEU H 87 20.30 -42.43 34.70
N GLN H 88 20.79 -43.33 35.56
CA GLN H 88 20.42 -43.31 36.97
C GLN H 88 20.90 -42.04 37.67
N CYS H 89 22.11 -41.59 37.36
CA CYS H 89 22.60 -40.34 37.94
C CYS H 89 21.72 -39.16 37.56
N ASP H 90 21.32 -39.08 36.28
CA ASP H 90 20.39 -38.05 35.86
C ASP H 90 19.07 -38.16 36.63
N LEU H 91 18.58 -39.39 36.81
CA LEU H 91 17.31 -39.59 37.49
C LEU H 91 17.40 -39.16 38.94
N ASN H 92 18.46 -39.57 39.63
CA ASN H 92 18.64 -39.15 41.02
C ASN H 92 18.68 -37.63 41.15
N LEU H 93 19.40 -36.97 40.26
CA LEU H 93 19.44 -35.51 40.26
C LEU H 93 18.04 -34.93 40.06
N GLU H 94 17.29 -35.46 39.08
CA GLU H 94 15.94 -34.95 38.82
C GLU H 94 15.00 -35.15 40.01
N LEU H 95 15.15 -36.28 40.72
CA LEU H 95 14.26 -36.52 41.85
C LEU H 95 14.52 -35.53 42.98
N LYS H 96 15.79 -35.21 43.23
CA LYS H 96 16.11 -34.12 44.14
C LYS H 96 15.55 -32.80 43.63
N ALA H 97 15.73 -32.53 42.33
CA ALA H 97 15.28 -31.25 41.78
C ALA H 97 13.78 -31.08 41.94
N THR H 98 12.99 -32.13 41.72
CA THR H 98 11.54 -31.97 41.83
C THR H 98 11.10 -31.85 43.29
N LYS H 99 11.79 -32.49 44.21
CA LYS H 99 11.49 -32.25 45.63
C LYS H 99 11.70 -30.78 45.99
N ASP H 100 12.84 -30.21 45.57
CA ASP H 100 13.12 -28.81 45.87
C ASP H 100 12.12 -27.89 45.20
N LEU H 101 11.71 -28.21 43.96
CA LEU H 101 10.70 -27.38 43.29
C LEU H 101 9.40 -27.35 44.09
N ARG H 102 8.97 -28.50 44.61
CA ARG H 102 7.72 -28.54 45.36
C ARG H 102 7.81 -27.68 46.61
N GLU H 103 8.93 -27.76 47.33
CA GLU H 103 9.08 -26.96 48.54
C GLU H 103 9.07 -25.47 48.21
N ALA H 104 9.69 -25.09 47.09
CA ALA H 104 9.71 -23.70 46.66
C ALA H 104 8.31 -23.22 46.29
N ILE H 105 7.54 -24.06 45.59
CA ILE H 105 6.18 -23.67 45.22
C ILE H 105 5.35 -23.45 46.46
N VAL H 106 5.46 -24.35 47.45
CA VAL H 106 4.74 -24.17 48.72
C VAL H 106 4.99 -22.77 49.27
N HIS H 107 6.26 -22.36 49.32
CA HIS H 107 6.56 -21.07 49.91
C HIS H 107 6.04 -19.92 49.06
N CYS H 108 6.19 -20.00 47.73
CA CYS H 108 5.62 -18.98 46.86
C CYS H 108 4.12 -18.83 47.09
N GLU H 109 3.40 -19.94 47.20
CA GLU H 109 1.97 -19.86 47.46
C GLU H 109 1.70 -19.15 48.77
N GLN H 110 2.46 -19.49 49.81
CA GLN H 110 2.24 -18.89 51.13
C GLN H 110 2.41 -17.38 51.12
N VAL H 111 3.37 -16.86 50.36
CA VAL H 111 3.63 -15.41 50.35
C VAL H 111 2.99 -14.72 49.15
N HIS H 112 2.14 -15.42 48.40
CA HIS H 112 1.34 -14.88 47.29
C HIS H 112 2.19 -14.46 46.10
N ASP H 113 3.37 -15.07 45.91
CA ASP H 113 4.18 -14.81 44.73
C ASP H 113 3.73 -15.81 43.67
N TYR H 114 2.59 -15.50 43.07
CA TYR H 114 1.96 -16.45 42.18
C TYR H 114 2.68 -16.54 40.84
N VAL H 115 3.37 -15.47 40.42
CA VAL H 115 4.12 -15.55 39.17
C VAL H 115 5.34 -16.45 39.34
N SER H 116 6.08 -16.31 40.45
CA SER H 116 7.17 -17.24 40.70
C SER H 116 6.66 -18.67 40.80
N ARG H 117 5.49 -18.87 41.42
CA ARG H 117 4.93 -20.22 41.45
C ARG H 117 4.69 -20.76 40.04
N ASP H 118 4.15 -19.92 39.15
CA ASP H 118 3.82 -20.37 37.80
C ASP H 118 5.08 -20.77 37.05
N LEU H 119 6.15 -19.98 37.21
CA LEU H 119 7.42 -20.32 36.58
C LEU H 119 7.94 -21.65 37.07
N LEU H 120 7.92 -21.86 38.38
CA LEU H 120 8.40 -23.12 38.95
C LEU H 120 7.53 -24.30 38.53
N LYS H 121 6.22 -24.09 38.41
CA LYS H 121 5.35 -25.16 37.96
C LYS H 121 5.72 -25.55 36.53
N ASP H 122 6.00 -24.58 35.66
CA ASP H 122 6.41 -24.91 34.29
C ASP H 122 7.72 -25.69 34.28
N ILE H 123 8.68 -25.29 35.11
CA ILE H 123 9.95 -26.01 35.19
C ILE H 123 9.71 -27.41 35.72
N LEU H 124 8.86 -27.55 36.73
CA LEU H 124 8.52 -28.87 37.27
C LEU H 124 7.92 -29.79 36.21
N GLU H 125 7.03 -29.24 35.34
CA GLU H 125 6.48 -30.05 34.24
C GLU H 125 7.59 -30.57 33.34
N SER H 126 8.56 -29.71 32.99
CA SER H 126 9.69 -30.16 32.19
CA SER H 126 9.68 -30.16 32.18
C SER H 126 10.50 -31.23 32.91
N GLU H 127 10.72 -31.06 34.21
CA GLU H 127 11.55 -32.06 34.92
C GLU H 127 10.81 -33.39 35.06
N GLU H 128 9.48 -33.37 35.25
CA GLU H 128 8.75 -34.63 35.29
C GLU H 128 8.76 -35.32 33.93
N GLU H 129 8.71 -34.56 32.83
CA GLU H 129 8.89 -35.19 31.52
C GLU H 129 10.27 -35.82 31.40
N HIS H 130 11.30 -35.15 31.91
CA HIS H 130 12.63 -35.77 31.90
C HIS H 130 12.64 -37.06 32.72
N ILE H 131 12.03 -37.04 33.92
CA ILE H 131 11.94 -38.26 34.72
C ILE H 131 11.26 -39.38 33.95
N ASP H 132 10.17 -39.05 33.24
CA ASP H 132 9.47 -40.05 32.43
C ASP H 132 10.43 -40.66 31.41
N TYR H 133 11.17 -39.81 30.69
CA TYR H 133 12.15 -40.31 29.74
C TYR H 133 13.15 -41.27 30.40
N LEU H 134 13.69 -40.88 31.56
CA LEU H 134 14.77 -41.66 32.19
C LEU H 134 14.26 -42.99 32.73
N GLU H 135 13.12 -42.96 33.42
CA GLU H 135 12.55 -44.22 33.90
C GLU H 135 12.24 -45.14 32.73
N THR H 136 11.78 -44.57 31.62
CA THR H 136 11.47 -45.40 30.46
C THR H 136 12.73 -46.01 29.85
N GLN H 137 13.81 -45.25 29.76
CA GLN H 137 15.05 -45.81 29.25
C GLN H 137 15.55 -46.93 30.15
N LEU H 138 15.48 -46.74 31.46
CA LEU H 138 15.99 -47.76 32.36
C LEU H 138 15.15 -49.00 32.29
N GLY H 139 13.83 -48.85 32.08
CA GLY H 139 12.96 -49.99 31.83
C GLY H 139 13.27 -50.69 30.51
N LEU H 140 13.59 -49.91 29.48
CA LEU H 140 13.94 -50.52 28.19
C LEU H 140 15.21 -51.37 28.28
N ILE H 141 16.20 -50.93 29.07
CA ILE H 141 17.40 -51.73 29.27
C ILE H 141 17.03 -53.12 29.77
N GLN H 142 16.07 -53.19 30.68
CA GLN H 142 15.64 -54.49 31.22
C GLN H 142 14.86 -55.29 30.19
N LYS H 143 14.03 -54.63 29.38
CA LYS H 143 13.15 -55.36 28.48
C LYS H 143 13.87 -55.89 27.23
N VAL H 144 14.74 -55.08 26.62
CA VAL H 144 15.40 -55.50 25.38
C VAL H 144 16.81 -56.00 25.61
N GLY H 145 17.34 -55.86 26.82
CA GLY H 145 18.72 -56.19 27.17
C GLY H 145 19.67 -55.04 26.87
N LEU H 146 20.77 -54.98 27.62
CA LEU H 146 21.67 -53.83 27.50
C LEU H 146 22.30 -53.76 26.11
N GLU H 147 22.75 -54.89 25.57
CA GLU H 147 23.43 -54.85 24.27
C GLU H 147 22.50 -54.31 23.17
N ASN H 148 21.24 -54.78 23.13
CA ASN H 148 20.25 -54.23 22.19
C ASN H 148 19.98 -52.75 22.47
N TYR H 149 19.82 -52.40 23.74
CA TYR H 149 19.53 -51.01 24.08
C TYR H 149 20.63 -50.09 23.56
N LEU H 150 21.89 -50.48 23.79
CA LEU H 150 23.00 -49.66 23.30
C LEU H 150 23.03 -49.66 21.78
N GLN H 151 22.79 -50.82 21.17
CA GLN H 151 22.79 -50.89 19.71
C GLN H 151 21.81 -49.88 19.12
N SER H 152 20.62 -49.79 19.71
CA SER H 152 19.56 -48.89 19.25
C SER H 152 19.92 -47.43 19.40
N HIS H 153 20.98 -47.10 20.13
CA HIS H 153 21.38 -45.70 20.30
C HIS H 153 22.71 -45.38 19.62
N MET H 154 23.20 -46.25 18.74
CA MET H 154 24.46 -45.97 18.04
C MET H 154 24.28 -44.88 16.99
N HIS H 155 23.27 -44.99 16.14
CA HIS H 155 23.18 -44.06 15.01
C HIS H 155 22.06 -43.04 15.22
N MET I 1 -31.16 4.45 -41.00
CA MET I 1 -32.02 3.67 -41.97
C MET I 1 -33.45 4.06 -41.65
N LYS I 2 -34.23 4.48 -42.63
CA LYS I 2 -35.56 5.01 -42.34
C LYS I 2 -36.46 3.91 -41.82
N GLY I 3 -36.87 4.01 -40.56
CA GLY I 3 -37.76 3.03 -39.99
C GLY I 3 -39.24 3.33 -40.26
N ASP I 4 -40.06 2.31 -40.06
CA ASP I 4 -41.51 2.47 -40.10
C ASP I 4 -41.97 3.35 -38.94
N LYS I 5 -42.81 4.34 -39.24
CA LYS I 5 -43.21 5.30 -38.21
C LYS I 5 -43.88 4.59 -37.03
N LYS I 6 -44.73 3.61 -37.30
CA LYS I 6 -45.47 2.97 -36.24
C LYS I 6 -44.57 2.03 -35.43
N VAL I 7 -43.58 1.39 -36.05
CA VAL I 7 -42.57 0.66 -35.28
C VAL I 7 -41.92 1.60 -34.27
N ILE I 8 -41.49 2.78 -34.73
CA ILE I 8 -40.83 3.71 -33.82
C ILE I 8 -41.78 4.11 -32.70
N GLN I 9 -43.07 4.28 -33.00
CA GLN I 9 -44.01 4.61 -31.94
C GLN I 9 -44.12 3.48 -30.92
N HIS I 10 -44.17 2.23 -31.41
CA HIS I 10 -44.16 1.08 -30.52
C HIS I 10 -42.89 1.04 -29.67
N LEU I 11 -41.74 1.26 -30.30
CA LEU I 11 -40.48 1.22 -29.54
C LEU I 11 -40.47 2.30 -28.45
N ASN I 12 -40.98 3.48 -28.77
CA ASN I 12 -41.09 4.54 -27.76
C ASN I 12 -42.06 4.17 -26.65
N LYS I 13 -43.11 3.41 -26.95
CA LYS I 13 -44.02 2.99 -25.89
C LYS I 13 -43.36 1.95 -24.99
N ILE I 14 -42.61 1.02 -25.58
CA ILE I 14 -41.87 0.06 -24.79
C ILE I 14 -40.82 0.77 -23.96
N LEU I 15 -40.12 1.73 -24.56
CA LEU I 15 -39.14 2.51 -23.81
C LEU I 15 -39.82 3.22 -22.64
N GLY I 16 -41.01 3.77 -22.87
CA GLY I 16 -41.70 4.44 -21.79
C GLY I 16 -42.01 3.52 -20.64
N ASN I 17 -42.40 2.27 -20.95
CA ASN I 17 -42.62 1.28 -19.89
C ASN I 17 -41.31 0.97 -19.16
N GLU I 18 -40.20 0.87 -19.89
CA GLU I 18 -38.93 0.60 -19.23
C GLU I 18 -38.53 1.78 -18.33
N LEU I 19 -38.82 3.00 -18.75
CA LEU I 19 -38.44 4.16 -17.93
C LEU I 19 -39.22 4.21 -16.63
N ILE I 20 -40.53 3.87 -16.68
CA ILE I 20 -41.29 3.71 -15.44
C ILE I 20 -40.64 2.65 -14.57
N ALA I 21 -40.36 1.47 -15.16
CA ALA I 21 -39.81 0.35 -14.37
C ALA I 21 -38.46 0.69 -13.72
N ILE I 22 -37.57 1.34 -14.45
CA ILE I 22 -36.28 1.75 -13.88
C ILE I 22 -36.51 2.47 -12.56
N ASN I 23 -37.36 3.49 -12.59
CA ASN I 23 -37.56 4.33 -11.40
C ASN I 23 -38.32 3.60 -10.31
N GLN I 24 -39.38 2.86 -10.68
CA GLN I 24 -40.15 2.11 -9.69
C GLN I 24 -39.29 1.06 -9.00
N TYR I 25 -38.50 0.29 -9.76
CA TYR I 25 -37.67 -0.73 -9.12
C TYR I 25 -36.53 -0.09 -8.32
N PHE I 26 -36.00 1.03 -8.80
CA PHE I 26 -34.91 1.66 -8.04
C PHE I 26 -35.42 2.19 -6.69
N LEU I 27 -36.59 2.82 -6.67
CA LEU I 27 -37.16 3.27 -5.42
C LEU I 27 -37.51 2.10 -4.50
N HIS I 28 -38.14 1.07 -5.05
CA HIS I 28 -38.44 -0.10 -4.23
C HIS I 28 -37.16 -0.69 -3.65
N SER I 29 -36.10 -0.76 -4.45
CA SER I 29 -34.81 -1.27 -3.98
C SER I 29 -34.33 -0.50 -2.77
N ARG I 30 -34.33 0.84 -2.89
CA ARG I 30 -33.77 1.66 -1.83
C ARG I 30 -34.67 1.70 -0.61
N MET I 31 -35.98 1.51 -0.80
CA MET I 31 -36.87 1.35 0.34
C MET I 31 -36.55 0.07 1.10
N TRP I 32 -36.41 -1.04 0.38
CA TRP I 32 -36.05 -2.30 1.04
C TRP I 32 -34.71 -2.19 1.75
N ASN I 33 -33.73 -1.52 1.15
CA ASN I 33 -32.46 -1.35 1.83
C ASN I 33 -32.62 -0.54 3.11
N ASP I 34 -33.40 0.55 3.03
CA ASP I 34 -33.62 1.38 4.21
C ASP I 34 -34.30 0.59 5.33
N TRP I 35 -35.18 -0.35 4.97
CA TRP I 35 -35.89 -1.17 5.95
C TRP I 35 -35.06 -2.32 6.45
N GLY I 36 -33.85 -2.51 5.93
CA GLY I 36 -32.98 -3.58 6.35
C GLY I 36 -33.21 -4.89 5.64
N LEU I 37 -34.01 -4.88 4.56
CA LEU I 37 -34.28 -6.09 3.77
C LEU I 37 -33.34 -6.08 2.57
N LYS I 38 -32.05 -6.29 2.88
CA LYS I 38 -31.01 -5.97 1.92
C LYS I 38 -30.97 -6.98 0.78
N ARG I 39 -31.41 -8.23 0.98
CA ARG I 39 -31.44 -9.16 -0.12
C ARG I 39 -32.51 -8.78 -1.14
N LEU I 40 -33.67 -8.30 -0.67
CA LEU I 40 -34.66 -7.76 -1.61
C LEU I 40 -34.15 -6.50 -2.28
N GLY I 41 -33.52 -5.62 -1.50
CA GLY I 41 -32.97 -4.40 -2.08
C GLY I 41 -31.96 -4.68 -3.18
N ALA I 42 -31.08 -5.65 -2.96
CA ALA I 42 -30.08 -6.00 -3.98
C ALA I 42 -30.73 -6.61 -5.21
N HIS I 43 -31.67 -7.52 -5.02
CA HIS I 43 -32.30 -8.12 -6.18
C HIS I 43 -33.06 -7.08 -7.00
N GLU I 44 -33.82 -6.22 -6.31
CA GLU I 44 -34.61 -5.19 -6.98
C GLU I 44 -33.70 -4.21 -7.71
N TYR I 45 -32.53 -3.92 -7.14
CA TYR I 45 -31.53 -3.09 -7.81
C TYR I 45 -31.09 -3.71 -9.12
N HIS I 46 -30.80 -5.01 -9.11
CA HIS I 46 -30.42 -5.66 -10.37
C HIS I 46 -31.58 -5.67 -11.35
N GLU I 47 -32.83 -5.73 -10.89
CA GLU I 47 -33.96 -5.61 -11.79
C GLU I 47 -33.99 -4.23 -12.44
N SER I 48 -33.72 -3.18 -11.64
CA SER I 48 -33.66 -1.83 -12.17
C SER I 48 -32.56 -1.68 -13.22
N ILE I 49 -31.35 -2.17 -12.91
CA ILE I 49 -30.25 -2.14 -13.88
C ILE I 49 -30.61 -2.86 -15.17
N ASP I 50 -31.26 -4.01 -15.06
CA ASP I 50 -31.66 -4.73 -16.25
C ASP I 50 -32.57 -3.88 -17.14
N GLU I 51 -33.51 -3.16 -16.53
CA GLU I 51 -34.39 -2.30 -17.31
C GLU I 51 -33.64 -1.14 -17.94
N MET I 52 -32.61 -0.61 -17.25
CA MET I 52 -31.74 0.41 -17.83
C MET I 52 -31.06 -0.10 -19.10
N LYS I 53 -30.58 -1.34 -19.07
CA LYS I 53 -29.94 -1.92 -20.24
C LYS I 53 -30.93 -2.07 -21.38
N HIS I 54 -32.15 -2.51 -21.09
CA HIS I 54 -33.15 -2.60 -22.15
C HIS I 54 -33.44 -1.22 -22.71
N ALA I 55 -33.57 -0.21 -21.84
CA ALA I 55 -33.87 1.13 -22.32
C ALA I 55 -32.76 1.61 -23.24
N ASP I 56 -31.51 1.32 -22.90
CA ASP I 56 -30.40 1.72 -23.76
C ASP I 56 -30.56 1.12 -25.16
N LYS I 57 -30.79 -0.19 -25.24
CA LYS I 57 -30.92 -0.82 -26.54
C LYS I 57 -32.09 -0.25 -27.33
N LEU I 58 -33.20 0.09 -26.66
CA LEU I 58 -34.34 0.67 -27.37
C LEU I 58 -34.02 2.05 -27.93
N ILE I 59 -33.34 2.87 -27.13
CA ILE I 59 -32.90 4.19 -27.58
C ILE I 59 -32.00 4.06 -28.80
N GLU I 60 -31.04 3.12 -28.75
CA GLU I 60 -30.10 2.93 -29.85
C GLU I 60 -30.83 2.51 -31.12
N ARG I 61 -31.79 1.60 -30.98
CA ARG I 61 -32.53 1.14 -32.15
C ARG I 61 -33.38 2.28 -32.73
N ILE I 62 -34.05 3.06 -31.87
CA ILE I 62 -34.87 4.17 -32.35
C ILE I 62 -34.03 5.14 -33.17
N LEU I 63 -32.83 5.46 -32.68
CA LEU I 63 -31.98 6.41 -33.38
C LEU I 63 -31.47 5.84 -34.70
N PHE I 64 -31.07 4.56 -34.72
CA PHE I 64 -30.72 3.91 -35.98
C PHE I 64 -31.85 4.05 -37.01
N LEU I 65 -33.09 3.84 -36.57
CA LEU I 65 -34.27 3.92 -37.44
C LEU I 65 -34.70 5.36 -37.73
N GLU I 66 -33.92 6.33 -37.26
CA GLU I 66 -34.10 7.76 -37.55
C GLU I 66 -35.35 8.32 -36.89
N GLY I 67 -35.72 7.74 -35.74
CA GLY I 67 -36.73 8.29 -34.87
C GLY I 67 -36.13 9.07 -33.71
N LEU I 68 -37.01 9.69 -32.92
CA LEU I 68 -36.64 10.47 -31.74
C LEU I 68 -37.00 9.69 -30.49
N PRO I 69 -36.04 9.20 -29.71
CA PRO I 69 -36.40 8.45 -28.50
C PRO I 69 -37.01 9.39 -27.49
N ASN I 70 -38.12 8.99 -26.88
CA ASN I 70 -38.83 9.87 -25.95
C ASN I 70 -38.40 9.53 -24.51
N LEU I 71 -37.52 10.35 -23.93
CA LEU I 71 -37.15 10.22 -22.52
C LEU I 71 -37.82 11.28 -21.65
N GLN I 72 -38.79 12.01 -22.19
CA GLN I 72 -39.37 13.17 -21.51
C GLN I 72 -40.65 12.82 -20.81
N ASP I 73 -41.47 11.98 -21.44
CA ASP I 73 -42.72 11.58 -20.83
C ASP I 73 -42.42 10.42 -19.91
N LEU I 74 -42.90 10.53 -18.68
CA LEU I 74 -42.79 9.46 -17.70
C LEU I 74 -44.19 9.16 -17.18
N GLY I 75 -44.61 7.92 -17.30
CA GLY I 75 -45.91 7.49 -16.85
C GLY I 75 -45.95 7.27 -15.36
N LYS I 76 -47.07 6.73 -14.90
CA LYS I 76 -47.33 6.60 -13.47
C LYS I 76 -46.50 5.48 -12.83
N LEU I 77 -45.70 5.85 -11.83
CA LEU I 77 -45.04 4.88 -10.97
C LEU I 77 -46.02 4.21 -10.02
N LEU I 78 -45.92 2.89 -9.88
CA LEU I 78 -46.72 2.10 -8.95
C LEU I 78 -45.86 1.77 -7.74
N ILE I 79 -45.99 2.56 -6.68
CA ILE I 79 -45.13 2.44 -5.50
C ILE I 79 -45.94 1.81 -4.38
N GLY I 80 -45.47 0.69 -3.84
CA GLY I 80 -46.18 0.04 -2.77
C GLY I 80 -45.79 0.60 -1.42
N GLU I 81 -46.53 0.20 -0.38
CA GLU I 81 -46.29 0.70 0.97
C GLU I 81 -45.85 -0.38 1.95
N ASN I 82 -45.73 -1.61 1.47
CA ASN I 82 -45.15 -2.71 2.22
C ASN I 82 -44.67 -3.73 1.19
N THR I 83 -43.95 -4.74 1.68
CA THR I 83 -43.28 -5.67 0.78
C THR I 83 -44.27 -6.33 -0.17
N GLN I 84 -45.39 -6.85 0.34
CA GLN I 84 -46.35 -7.55 -0.53
C GLN I 84 -46.88 -6.62 -1.61
N GLU I 85 -47.24 -5.40 -1.22
CA GLU I 85 -47.76 -4.42 -2.18
C GLU I 85 -46.72 -4.07 -3.23
N MET I 86 -45.46 -3.92 -2.81
CA MET I 86 -44.40 -3.53 -3.75
C MET I 86 -44.22 -4.61 -4.81
N LEU I 87 -44.18 -5.87 -4.39
CA LEU I 87 -44.10 -6.99 -5.32
C LEU I 87 -45.30 -6.99 -6.27
N GLN I 88 -46.50 -6.80 -5.74
CA GLN I 88 -47.68 -6.77 -6.61
C GLN I 88 -47.63 -5.59 -7.59
N CYS I 89 -47.12 -4.42 -7.14
CA CYS I 89 -46.98 -3.29 -8.04
C CYS I 89 -46.03 -3.60 -9.19
N ASP I 90 -44.87 -4.20 -8.85
CA ASP I 90 -43.96 -4.65 -9.91
C ASP I 90 -44.66 -5.62 -10.85
N LEU I 91 -45.41 -6.57 -10.31
CA LEU I 91 -46.05 -7.56 -11.17
C LEU I 91 -47.08 -6.90 -12.08
N ASN I 92 -47.89 -5.99 -11.53
CA ASN I 92 -48.87 -5.30 -12.36
C ASN I 92 -48.18 -4.54 -13.48
N LEU I 93 -47.06 -3.89 -13.17
CA LEU I 93 -46.33 -3.17 -14.20
C LEU I 93 -45.80 -4.13 -15.25
N GLU I 94 -45.23 -5.27 -14.83
CA GLU I 94 -44.65 -6.21 -15.77
C GLU I 94 -45.72 -6.82 -16.67
N LEU I 95 -46.93 -7.05 -16.15
CA LEU I 95 -47.98 -7.63 -16.98
C LEU I 95 -48.42 -6.64 -18.06
N LYS I 96 -48.51 -5.36 -17.72
CA LYS I 96 -48.74 -4.35 -18.74
C LYS I 96 -47.61 -4.32 -19.75
N ALA I 97 -46.37 -4.44 -19.30
CA ALA I 97 -45.23 -4.35 -20.20
C ALA I 97 -45.24 -5.49 -21.21
N THR I 98 -45.57 -6.71 -20.78
CA THR I 98 -45.50 -7.82 -21.72
C THR I 98 -46.67 -7.78 -22.71
N LYS I 99 -47.84 -7.30 -22.27
CA LYS I 99 -48.92 -7.07 -23.23
C LYS I 99 -48.46 -6.09 -24.30
N ASP I 100 -47.82 -4.99 -23.90
CA ASP I 100 -47.36 -4.00 -24.87
C ASP I 100 -46.28 -4.57 -25.78
N LEU I 101 -45.36 -5.37 -25.22
CA LEU I 101 -44.32 -6.02 -26.04
C LEU I 101 -44.94 -6.90 -27.12
N ARG I 102 -45.96 -7.70 -26.76
CA ARG I 102 -46.60 -8.58 -27.75
C ARG I 102 -47.19 -7.79 -28.89
N GLU I 103 -47.83 -6.66 -28.60
CA GLU I 103 -48.42 -5.86 -29.67
C GLU I 103 -47.35 -5.25 -30.54
N ALA I 104 -46.24 -4.81 -29.95
CA ALA I 104 -45.16 -4.26 -30.74
C ALA I 104 -44.54 -5.31 -31.65
N ILE I 105 -44.43 -6.55 -31.17
CA ILE I 105 -43.81 -7.61 -31.98
C ILE I 105 -44.71 -7.95 -33.17
N VAL I 106 -46.03 -8.07 -32.94
CA VAL I 106 -46.99 -8.23 -34.03
C VAL I 106 -46.73 -7.22 -35.14
N HIS I 107 -46.64 -5.95 -34.77
CA HIS I 107 -46.49 -4.91 -35.78
C HIS I 107 -45.14 -5.01 -36.48
N CYS I 108 -44.05 -5.23 -35.73
CA CYS I 108 -42.75 -5.40 -36.39
C CYS I 108 -42.82 -6.53 -37.41
N GLU I 109 -43.45 -7.65 -37.04
CA GLU I 109 -43.56 -8.78 -37.97
C GLU I 109 -44.30 -8.35 -39.23
N GLN I 110 -45.38 -7.59 -39.06
CA GLN I 110 -46.21 -7.22 -40.21
C GLN I 110 -45.45 -6.34 -41.21
N VAL I 111 -44.59 -5.44 -40.73
CA VAL I 111 -43.82 -4.57 -41.63
C VAL I 111 -42.42 -5.13 -41.92
N HIS I 112 -42.16 -6.37 -41.54
CA HIS I 112 -40.92 -7.07 -41.86
C HIS I 112 -39.69 -6.46 -41.17
N ASP I 113 -39.87 -5.75 -40.06
CA ASP I 113 -38.75 -5.27 -39.25
C ASP I 113 -38.34 -6.38 -38.28
N TYR I 114 -37.68 -7.38 -38.84
CA TYR I 114 -37.37 -8.58 -38.10
C TYR I 114 -36.29 -8.35 -37.05
N VAL I 115 -35.43 -7.34 -37.23
CA VAL I 115 -34.41 -7.06 -36.23
C VAL I 115 -35.02 -6.39 -35.01
N SER I 116 -35.95 -5.44 -35.22
CA SER I 116 -36.69 -4.89 -34.09
C SER I 116 -37.49 -5.99 -33.38
N ARG I 117 -38.12 -6.89 -34.14
CA ARG I 117 -38.81 -8.00 -33.50
C ARG I 117 -37.86 -8.78 -32.57
N ASP I 118 -36.67 -9.11 -33.07
CA ASP I 118 -35.73 -9.93 -32.30
C ASP I 118 -35.30 -9.24 -31.01
N LEU I 119 -35.05 -7.93 -31.08
CA LEU I 119 -34.77 -7.14 -29.87
C LEU I 119 -35.93 -7.20 -28.88
N LEU I 120 -37.16 -6.98 -29.36
CA LEU I 120 -38.29 -6.99 -28.45
C LEU I 120 -38.54 -8.36 -27.88
N LYS I 121 -38.27 -9.41 -28.66
CA LYS I 121 -38.42 -10.75 -28.14
C LYS I 121 -37.44 -11.00 -27.01
N ASP I 122 -36.20 -10.54 -27.17
CA ASP I 122 -35.20 -10.69 -26.11
C ASP I 122 -35.65 -9.96 -24.83
N ILE I 123 -36.18 -8.75 -24.99
CA ILE I 123 -36.70 -8.00 -23.84
C ILE I 123 -37.87 -8.75 -23.21
N LEU I 124 -38.76 -9.28 -24.04
CA LEU I 124 -39.90 -10.04 -23.52
C LEU I 124 -39.45 -11.26 -22.70
N GLU I 125 -38.41 -11.96 -23.16
CA GLU I 125 -37.87 -13.08 -22.38
C GLU I 125 -37.40 -12.61 -21.00
N SER I 126 -36.66 -11.50 -20.96
CA SER I 126 -36.27 -10.92 -19.69
CA SER I 126 -36.27 -10.91 -19.68
C SER I 126 -37.49 -10.55 -18.83
N GLU I 127 -38.51 -9.93 -19.43
CA GLU I 127 -39.66 -9.55 -18.60
C GLU I 127 -40.44 -10.75 -18.11
N GLU I 128 -40.54 -11.82 -18.91
CA GLU I 128 -41.21 -13.02 -18.41
C GLU I 128 -40.43 -13.64 -17.27
N GLU I 129 -39.10 -13.59 -17.32
CA GLU I 129 -38.35 -14.09 -16.18
C GLU I 129 -38.62 -13.25 -14.95
N HIS I 130 -38.74 -11.93 -15.11
CA HIS I 130 -39.12 -11.10 -13.97
C HIS I 130 -40.51 -11.46 -13.44
N ILE I 131 -41.48 -11.70 -14.33
CA ILE I 131 -42.79 -12.15 -13.88
C ILE I 131 -42.64 -13.45 -13.09
N ASP I 132 -41.83 -14.37 -13.58
CA ASP I 132 -41.64 -15.63 -12.86
C ASP I 132 -41.11 -15.36 -11.45
N TYR I 133 -40.06 -14.54 -11.34
CA TYR I 133 -39.53 -14.17 -10.03
C TYR I 133 -40.63 -13.60 -9.12
N LEU I 134 -41.42 -12.65 -9.63
CA LEU I 134 -42.41 -11.95 -8.80
C LEU I 134 -43.52 -12.89 -8.36
N GLU I 135 -44.08 -13.67 -9.29
CA GLU I 135 -45.10 -14.64 -8.92
C GLU I 135 -44.57 -15.61 -7.89
N THR I 136 -43.32 -16.02 -8.04
CA THR I 136 -42.73 -16.95 -7.09
C THR I 136 -42.61 -16.33 -5.71
N GLN I 137 -42.21 -15.06 -5.63
CA GLN I 137 -42.06 -14.42 -4.31
C GLN I 137 -43.41 -14.32 -3.62
N LEU I 138 -44.45 -13.90 -4.35
CA LEU I 138 -45.78 -13.79 -3.76
C LEU I 138 -46.27 -15.14 -3.29
N GLY I 139 -45.99 -16.20 -4.06
CA GLY I 139 -46.26 -17.56 -3.61
C GLY I 139 -45.51 -17.95 -2.37
N LEU I 140 -44.21 -17.59 -2.28
CA LEU I 140 -43.42 -17.95 -1.10
C LEU I 140 -43.96 -17.29 0.16
N ILE I 141 -44.43 -16.05 0.05
CA ILE I 141 -45.00 -15.37 1.22
C ILE I 141 -46.15 -16.18 1.77
N GLN I 142 -46.96 -16.78 0.89
CA GLN I 142 -48.07 -17.62 1.34
C GLN I 142 -47.59 -18.93 1.94
N LYS I 143 -46.46 -19.46 1.46
CA LYS I 143 -46.01 -20.78 1.91
C LYS I 143 -45.23 -20.69 3.22
N VAL I 144 -44.35 -19.68 3.38
CA VAL I 144 -43.49 -19.62 4.57
C VAL I 144 -44.00 -18.61 5.59
N GLY I 145 -44.99 -17.80 5.23
CA GLY I 145 -45.48 -16.75 6.11
C GLY I 145 -44.69 -15.48 5.87
N LEU I 146 -45.32 -14.32 6.06
CA LEU I 146 -44.66 -13.04 5.75
C LEU I 146 -43.43 -12.81 6.64
N GLU I 147 -43.53 -13.13 7.93
CA GLU I 147 -42.40 -12.85 8.83
C GLU I 147 -41.16 -13.63 8.42
N ASN I 148 -41.33 -14.91 8.10
CA ASN I 148 -40.20 -15.71 7.62
C ASN I 148 -39.73 -15.20 6.27
N TYR I 149 -40.65 -14.87 5.36
CA TYR I 149 -40.24 -14.36 4.07
C TYR I 149 -39.33 -13.15 4.24
N LEU I 150 -39.76 -12.19 5.06
CA LEU I 150 -38.95 -11.00 5.27
C LEU I 150 -37.63 -11.37 5.95
N GLN I 151 -37.68 -12.26 6.94
CA GLN I 151 -36.47 -12.69 7.63
C GLN I 151 -35.43 -13.20 6.66
N SER I 152 -35.85 -14.01 5.69
CA SER I 152 -34.98 -14.60 4.68
C SER I 152 -34.38 -13.58 3.75
N HIS I 153 -34.91 -12.36 3.75
CA HIS I 153 -34.37 -11.31 2.90
C HIS I 153 -33.65 -10.22 3.68
N MET I 154 -33.32 -10.46 4.96
CA MET I 154 -32.59 -9.45 5.72
C MET I 154 -31.13 -9.35 5.29
N HIS I 155 -30.46 -10.48 5.09
CA HIS I 155 -29.01 -10.44 4.88
C HIS I 155 -28.61 -10.92 3.48
N MET J 1 42.53 -42.18 22.07
CA MET J 1 43.98 -42.07 21.76
C MET J 1 44.67 -41.48 22.98
N LYS J 2 45.68 -42.13 23.52
CA LYS J 2 46.24 -41.70 24.80
C LYS J 2 46.98 -40.37 24.68
N GLY J 3 46.48 -39.35 25.34
CA GLY J 3 47.13 -38.06 25.32
C GLY J 3 48.17 -37.88 26.43
N ASP J 4 49.00 -36.85 26.24
CA ASP J 4 49.97 -36.43 27.24
C ASP J 4 49.26 -35.92 28.50
N LYS J 5 49.66 -36.41 29.67
CA LYS J 5 48.97 -36.03 30.90
C LYS J 5 49.01 -34.53 31.13
N LYS J 6 50.13 -33.88 30.85
CA LYS J 6 50.22 -32.45 31.11
C LYS J 6 49.45 -31.65 30.05
N VAL J 7 49.36 -32.14 28.80
CA VAL J 7 48.44 -31.52 27.84
C VAL J 7 47.04 -31.51 28.42
N ILE J 8 46.59 -32.66 28.90
CA ILE J 8 45.23 -32.77 29.41
C ILE J 8 45.02 -31.82 30.59
N GLN J 9 46.02 -31.70 31.48
CA GLN J 9 45.90 -30.76 32.58
C GLN J 9 45.75 -29.33 32.06
N HIS J 10 46.54 -28.97 31.05
CA HIS J 10 46.41 -27.64 30.45
C HIS J 10 45.01 -27.45 29.83
N LEU J 11 44.52 -28.46 29.10
CA LEU J 11 43.18 -28.34 28.51
C LEU J 11 42.12 -28.17 29.58
N ASN J 12 42.27 -28.86 30.72
CA ASN J 12 41.31 -28.70 31.78
C ASN J 12 41.39 -27.32 32.44
N LYS J 13 42.59 -26.73 32.47
CA LYS J 13 42.73 -25.38 32.97
C LYS J 13 42.06 -24.37 32.05
N ILE J 14 42.26 -24.53 30.74
CA ILE J 14 41.58 -23.67 29.77
C ILE J 14 40.06 -23.85 29.87
N LEU J 15 39.60 -25.10 29.93
CA LEU J 15 38.20 -25.38 30.14
C LEU J 15 37.67 -24.66 31.38
N GLY J 16 38.42 -24.74 32.47
CA GLY J 16 37.99 -24.05 33.68
C GLY J 16 37.81 -22.57 33.48
N ASN J 17 38.70 -21.93 32.71
CA ASN J 17 38.56 -20.51 32.39
C ASN J 17 37.32 -20.26 31.53
N GLU J 18 37.06 -21.15 30.55
CA GLU J 18 35.86 -20.99 29.73
C GLU J 18 34.59 -21.14 30.57
N LEU J 19 34.61 -22.04 31.55
CA LEU J 19 33.40 -22.23 32.38
C LEU J 19 33.11 -21.02 33.26
N ILE J 20 34.15 -20.37 33.82
CA ILE J 20 33.96 -19.10 34.51
C ILE J 20 33.34 -18.08 33.57
N ALA J 21 33.90 -17.96 32.38
CA ALA J 21 33.46 -16.94 31.44
C ALA J 21 32.02 -17.16 31.01
N ILE J 22 31.63 -18.42 30.77
CA ILE J 22 30.23 -18.71 30.44
C ILE J 22 29.30 -18.05 31.45
N ASN J 23 29.54 -18.31 32.75
CA ASN J 23 28.62 -17.87 33.79
C ASN J 23 28.73 -16.37 34.03
N GLN J 24 29.95 -15.86 34.06
CA GLN J 24 30.17 -14.42 34.20
C GLN J 24 29.48 -13.65 33.08
N TYR J 25 29.71 -14.04 31.84
CA TYR J 25 29.10 -13.33 30.73
C TYR J 25 27.60 -13.52 30.70
N PHE J 26 27.09 -14.69 31.07
CA PHE J 26 25.64 -14.87 31.05
C PHE J 26 24.97 -14.00 32.09
N LEU J 27 25.53 -13.94 33.29
CA LEU J 27 24.96 -13.08 34.32
C LEU J 27 25.07 -11.61 33.94
N HIS J 28 26.22 -11.17 33.42
CA HIS J 28 26.32 -9.79 32.97
C HIS J 28 25.29 -9.48 31.89
N SER J 29 25.09 -10.41 30.96
CA SER J 29 24.08 -10.24 29.91
C SER J 29 22.71 -9.99 30.52
N ARG J 30 22.31 -10.81 31.49
CA ARG J 30 20.97 -10.68 32.04
C ARG J 30 20.84 -9.46 32.95
N MET J 31 21.94 -9.04 33.58
CA MET J 31 21.91 -7.80 34.34
C MET J 31 21.66 -6.63 33.40
N TRP J 32 22.36 -6.58 32.26
CA TRP J 32 22.17 -5.49 31.31
C TRP J 32 20.75 -5.52 30.75
N ASN J 33 20.20 -6.71 30.51
CA ASN J 33 18.82 -6.77 30.04
C ASN J 33 17.87 -6.23 31.08
N ASP J 34 18.07 -6.62 32.35
CA ASP J 34 17.22 -6.15 33.43
C ASP J 34 17.27 -4.63 33.52
N TRP J 35 18.44 -4.03 33.29
CA TRP J 35 18.61 -2.58 33.35
C TRP J 35 18.09 -1.84 32.12
N GLY J 36 17.57 -2.57 31.12
CA GLY J 36 17.12 -1.95 29.88
C GLY J 36 18.20 -1.66 28.87
N LEU J 37 19.39 -2.20 29.06
CA LEU J 37 20.49 -1.98 28.12
C LEU J 37 20.60 -3.22 27.22
N LYS J 38 19.58 -3.38 26.37
CA LYS J 38 19.34 -4.65 25.67
C LYS J 38 20.38 -4.93 24.60
N ARG J 39 21.03 -3.90 24.02
CA ARG J 39 22.06 -4.18 23.03
C ARG J 39 23.31 -4.74 23.69
N LEU J 40 23.66 -4.21 24.87
CA LEU J 40 24.75 -4.79 25.64
C LEU J 40 24.39 -6.20 26.06
N GLY J 41 23.13 -6.40 26.49
CA GLY J 41 22.71 -7.71 26.94
C GLY J 41 22.78 -8.75 25.84
N ALA J 42 22.38 -8.36 24.62
CA ALA J 42 22.43 -9.29 23.49
C ALA J 42 23.88 -9.60 23.11
N HIS J 43 24.72 -8.59 23.06
CA HIS J 43 26.10 -8.85 22.68
C HIS J 43 26.78 -9.74 23.71
N GLU J 44 26.52 -9.49 24.98
CA GLU J 44 27.15 -10.26 26.05
C GLU J 44 26.63 -11.69 26.07
N TYR J 45 25.35 -11.87 25.72
CA TYR J 45 24.78 -13.19 25.52
C TYR J 45 25.55 -13.97 24.46
N HIS J 46 25.83 -13.34 23.33
CA HIS J 46 26.57 -14.03 22.27
C HIS J 46 28.01 -14.34 22.68
N GLU J 47 28.64 -13.47 23.49
CA GLU J 47 29.94 -13.79 24.08
C GLU J 47 29.84 -15.04 24.95
N SER J 48 28.80 -15.14 25.76
CA SER J 48 28.60 -16.33 26.60
C SER J 48 28.45 -17.58 25.73
N ILE J 49 27.64 -17.49 24.66
CA ILE J 49 27.45 -18.62 23.75
C ILE J 49 28.77 -19.03 23.15
N ASP J 50 29.60 -18.06 22.75
CA ASP J 50 30.87 -18.40 22.12
CA ASP J 50 30.88 -18.38 22.12
C ASP J 50 31.75 -19.20 23.07
N GLU J 51 31.73 -18.85 24.37
CA GLU J 51 32.51 -19.58 25.36
C GLU J 51 31.95 -20.98 25.56
N MET J 52 30.64 -21.11 25.54
CA MET J 52 30.01 -22.43 25.58
C MET J 52 30.49 -23.31 24.44
N LYS J 53 30.61 -22.74 23.23
CA LYS J 53 31.10 -23.53 22.10
C LYS J 53 32.56 -23.94 22.30
N HIS J 54 33.39 -23.04 22.82
CA HIS J 54 34.78 -23.40 23.10
C HIS J 54 34.85 -24.48 24.15
N ALA J 55 34.04 -24.38 25.20
CA ALA J 55 34.06 -25.38 26.24
C ALA J 55 33.68 -26.75 25.66
N ASP J 56 32.68 -26.77 24.79
CA ASP J 56 32.29 -28.00 24.11
C ASP J 56 33.50 -28.64 23.41
N LYS J 57 34.21 -27.85 22.61
CA LYS J 57 35.34 -28.39 21.85
C LYS J 57 36.43 -28.92 22.78
N LEU J 58 36.70 -28.21 23.87
CA LEU J 58 37.70 -28.68 24.84
C LEU J 58 37.26 -30.00 25.49
N ILE J 59 35.99 -30.09 25.86
CA ILE J 59 35.47 -31.31 26.47
C ILE J 59 35.64 -32.48 25.52
N GLU J 60 35.27 -32.28 24.25
CA GLU J 60 35.38 -33.33 23.26
C GLU J 60 36.83 -33.76 23.08
N ARG J 61 37.76 -32.79 23.06
CA ARG J 61 39.17 -33.11 22.85
C ARG J 61 39.73 -33.86 24.04
N ILE J 62 39.39 -33.42 25.25
CA ILE J 62 39.88 -34.12 26.45
C ILE J 62 39.40 -35.58 26.43
N LEU J 63 38.14 -35.81 26.11
CA LEU J 63 37.61 -37.17 26.09
C LEU J 63 38.31 -38.03 25.05
N PHE J 64 38.58 -37.46 23.87
CA PHE J 64 39.27 -38.22 22.83
C PHE J 64 40.66 -38.63 23.29
N LEU J 65 41.32 -37.76 24.05
CA LEU J 65 42.64 -38.05 24.57
C LEU J 65 42.60 -38.86 25.84
N GLU J 66 41.44 -39.41 26.18
CA GLU J 66 41.27 -40.35 27.29
C GLU J 66 41.50 -39.68 28.65
N GLY J 67 41.19 -38.37 28.73
CA GLY J 67 41.17 -37.66 29.99
C GLY J 67 39.76 -37.49 30.51
N LEU J 68 39.67 -36.89 31.70
CA LEU J 68 38.39 -36.57 32.31
C LEU J 68 38.20 -35.05 32.28
N PRO J 69 37.24 -34.53 31.52
CA PRO J 69 36.99 -33.09 31.53
C PRO J 69 36.43 -32.63 32.86
N ASN J 70 37.03 -31.63 33.47
CA ASN J 70 36.60 -31.15 34.79
C ASN J 70 35.53 -30.08 34.64
N LEU J 71 34.25 -30.44 34.86
CA LEU J 71 33.16 -29.48 34.93
C LEU J 71 32.69 -29.24 36.36
N GLN J 72 33.41 -29.78 37.35
CA GLN J 72 33.01 -29.68 38.74
C GLN J 72 33.61 -28.46 39.44
N ASP J 73 34.85 -28.14 39.14
CA ASP J 73 35.55 -27.07 39.83
C ASP J 73 35.27 -25.79 39.06
N LEU J 74 34.67 -24.83 39.74
CA LEU J 74 34.37 -23.54 39.15
C LEU J 74 35.15 -22.48 39.92
N GLY J 75 36.02 -21.76 39.22
CA GLY J 75 36.75 -20.65 39.80
C GLY J 75 35.90 -19.40 40.01
N LYS J 76 36.60 -18.33 40.40
CA LYS J 76 35.94 -17.13 40.90
C LYS J 76 35.39 -16.31 39.75
N LEU J 77 34.08 -16.10 39.75
CA LEU J 77 33.46 -15.16 38.83
C LEU J 77 33.80 -13.73 39.25
N LEU J 78 34.11 -12.89 38.24
CA LEU J 78 34.33 -11.45 38.40
C LEU J 78 33.07 -10.70 37.94
N ILE J 79 32.20 -10.35 38.89
CA ILE J 79 30.91 -9.74 38.58
C ILE J 79 30.97 -8.25 38.91
N GLY J 80 30.77 -7.42 37.91
CA GLY J 80 30.73 -6.00 38.13
C GLY J 80 29.40 -5.50 38.68
N GLU J 81 29.40 -4.26 39.16
CA GLU J 81 28.20 -3.64 39.71
C GLU J 81 27.71 -2.49 38.87
N ASN J 82 28.40 -2.19 37.77
CA ASN J 82 27.93 -1.23 36.80
C ASN J 82 28.62 -1.55 35.48
N THR J 83 28.19 -0.86 34.40
CA THR J 83 28.63 -1.24 33.07
C THR J 83 30.16 -1.19 32.93
N GLN J 84 30.78 -0.11 33.43
CA GLN J 84 32.22 0.01 33.31
C GLN J 84 32.92 -1.14 34.03
N GLU J 85 32.46 -1.47 35.23
CA GLU J 85 33.06 -2.58 35.98
C GLU J 85 32.87 -3.92 35.31
N MET J 86 31.66 -4.16 34.76
CA MET J 86 31.39 -5.43 34.09
C MET J 86 32.31 -5.63 32.90
N LEU J 87 32.50 -4.59 32.08
CA LEU J 87 33.43 -4.69 30.97
C LEU J 87 34.85 -4.91 31.45
N GLN J 88 35.26 -4.20 32.50
CA GLN J 88 36.62 -4.40 32.99
C GLN J 88 36.80 -5.79 33.58
N CYS J 89 35.76 -6.32 34.26
CA CYS J 89 35.82 -7.67 34.79
C CYS J 89 35.97 -8.69 33.67
N ASP J 90 35.19 -8.52 32.59
CA ASP J 90 35.37 -9.39 31.42
C ASP J 90 36.79 -9.28 30.87
N LEU J 91 37.31 -8.05 30.75
CA LEU J 91 38.65 -7.90 30.18
C LEU J 91 39.71 -8.55 31.07
N ASN J 92 39.61 -8.35 32.39
CA ASN J 92 40.56 -9.01 33.29
C ASN J 92 40.51 -10.53 33.17
N LEU J 93 39.31 -11.09 33.09
CA LEU J 93 39.19 -12.54 32.89
C LEU J 93 39.81 -12.96 31.57
N GLU J 94 39.57 -12.21 30.50
CA GLU J 94 40.13 -12.59 29.19
C GLU J 94 41.66 -12.53 29.19
N LEU J 95 42.24 -11.55 29.91
CA LEU J 95 43.71 -11.44 29.92
C LEU J 95 44.34 -12.59 30.68
N LYS J 96 43.71 -13.06 31.75
CA LYS J 96 44.16 -14.32 32.36
C LYS J 96 44.02 -15.48 31.37
N ALA J 97 42.88 -15.55 30.67
CA ALA J 97 42.60 -16.67 29.76
C ALA J 97 43.66 -16.75 28.68
N THR J 98 44.08 -15.62 28.14
CA THR J 98 45.01 -15.70 27.02
C THR J 98 46.42 -16.03 27.51
N LYS J 99 46.80 -15.56 28.70
CA LYS J 99 48.06 -16.00 29.30
C LYS J 99 48.07 -17.50 29.45
N ASP J 100 46.98 -18.07 29.96
CA ASP J 100 46.93 -19.52 30.15
C ASP J 100 46.93 -20.26 28.81
N LEU J 101 46.25 -19.72 27.79
CA LEU J 101 46.28 -20.33 26.45
C LEU J 101 47.68 -20.37 25.88
N ARG J 102 48.44 -19.29 26.06
CA ARG J 102 49.79 -19.25 25.53
C ARG J 102 50.66 -20.32 26.18
N GLU J 103 50.54 -20.49 27.51
CA GLU J 103 51.35 -21.52 28.18
C GLU J 103 50.94 -22.92 27.77
N ALA J 104 49.64 -23.14 27.53
CA ALA J 104 49.18 -24.43 27.04
C ALA J 104 49.74 -24.73 25.65
N ILE J 105 49.73 -23.74 24.74
CA ILE J 105 50.24 -23.94 23.39
C ILE J 105 51.73 -24.29 23.42
N VAL J 106 52.50 -23.59 24.24
CA VAL J 106 53.92 -23.92 24.42
C VAL J 106 54.08 -25.40 24.72
N HIS J 107 53.30 -25.92 25.68
CA HIS J 107 53.48 -27.31 26.06
C HIS J 107 53.00 -28.27 24.97
N CYS J 108 51.86 -27.97 24.34
CA CYS J 108 51.42 -28.78 23.21
C CYS J 108 52.50 -28.86 22.13
N GLU J 109 53.14 -27.73 21.84
CA GLU J 109 54.18 -27.73 20.84
C GLU J 109 55.34 -28.61 21.25
N GLN J 110 55.71 -28.56 22.54
CA GLN J 110 56.88 -29.30 23.02
C GLN J 110 56.67 -30.82 22.92
N VAL J 111 55.45 -31.30 23.12
CA VAL J 111 55.18 -32.73 23.07
C VAL J 111 54.56 -33.14 21.75
N HIS J 112 54.52 -32.24 20.77
CA HIS J 112 54.07 -32.55 19.40
C HIS J 112 52.58 -32.86 19.31
N ASP J 113 51.76 -32.32 20.22
CA ASP J 113 50.30 -32.47 20.11
C ASP J 113 49.80 -31.29 19.29
N TYR J 114 50.03 -31.41 17.99
CA TYR J 114 49.80 -30.27 17.10
C TYR J 114 48.32 -29.99 16.89
N VAL J 115 47.46 -31.02 17.00
CA VAL J 115 46.01 -30.80 16.87
C VAL J 115 45.46 -30.08 18.09
N SER J 116 45.87 -30.47 19.29
CA SER J 116 45.49 -29.68 20.46
C SER J 116 45.99 -28.23 20.32
N ARG J 117 47.21 -28.05 19.82
CA ARG J 117 47.69 -26.68 19.62
C ARG J 117 46.78 -25.89 18.68
N ASP J 118 46.39 -26.51 17.56
CA ASP J 118 45.53 -25.82 16.58
C ASP J 118 44.20 -25.40 17.21
N LEU J 119 43.62 -26.27 18.02
CA LEU J 119 42.39 -25.93 18.74
C LEU J 119 42.59 -24.74 19.66
N LEU J 120 43.67 -24.76 20.44
CA LEU J 120 43.93 -23.66 21.38
C LEU J 120 44.22 -22.38 20.63
N LYS J 121 44.86 -22.45 19.47
CA LYS J 121 45.14 -21.27 18.69
C LYS J 121 43.83 -20.66 18.19
N ASP J 122 42.92 -21.49 17.73
CA ASP J 122 41.60 -21.00 17.32
C ASP J 122 40.86 -20.35 18.48
N ILE J 123 40.89 -20.97 19.66
CA ILE J 123 40.26 -20.36 20.82
C ILE J 123 40.94 -19.03 21.18
N LEU J 124 42.27 -19.01 21.12
CA LEU J 124 43.00 -17.77 21.40
C LEU J 124 42.61 -16.65 20.43
N GLU J 125 42.37 -17.00 19.16
CA GLU J 125 41.93 -15.99 18.20
C GLU J 125 40.59 -15.39 18.61
N SER J 126 39.65 -16.24 19.03
CA SER J 126 38.35 -15.75 19.51
CA SER J 126 38.35 -15.76 19.53
C SER J 126 38.53 -14.89 20.75
N GLU J 127 39.37 -15.33 21.69
CA GLU J 127 39.57 -14.54 22.91
C GLU J 127 40.23 -13.20 22.61
N GLU J 128 41.17 -13.15 21.66
CA GLU J 128 41.74 -11.85 21.32
C GLU J 128 40.70 -10.95 20.64
N GLU J 129 39.79 -11.54 19.85
CA GLU J 129 38.69 -10.75 19.32
C GLU J 129 37.85 -10.17 20.45
N HIS J 130 37.60 -10.96 21.49
CA HIS J 130 36.82 -10.46 22.60
C HIS J 130 37.57 -9.34 23.32
N ILE J 131 38.89 -9.48 23.48
CA ILE J 131 39.67 -8.42 24.08
C ILE J 131 39.56 -7.15 23.27
N ASP J 132 39.63 -7.27 21.95
CA ASP J 132 39.45 -6.12 21.06
C ASP J 132 38.11 -5.45 21.34
N TYR J 133 37.03 -6.24 21.36
CA TYR J 133 35.71 -5.68 21.64
C TYR J 133 35.71 -4.92 22.96
N LEU J 134 36.27 -5.54 24.00
CA LEU J 134 36.18 -4.96 25.34
C LEU J 134 36.98 -3.66 25.46
N GLU J 135 38.23 -3.69 24.97
CA GLU J 135 39.07 -2.49 24.98
C GLU J 135 38.40 -1.35 24.23
N THR J 136 37.77 -1.68 23.10
CA THR J 136 37.06 -0.69 22.31
C THR J 136 35.87 -0.13 23.07
N GLN J 137 35.11 -0.98 23.75
CA GLN J 137 33.97 -0.46 24.51
C GLN J 137 34.44 0.49 25.59
N LEU J 138 35.50 0.12 26.31
CA LEU J 138 36.00 1.01 27.36
C LEU J 138 36.50 2.32 26.76
N GLY J 139 37.12 2.25 25.58
CA GLY J 139 37.54 3.47 24.91
C GLY J 139 36.36 4.30 24.46
N LEU J 140 35.30 3.65 23.97
CA LEU J 140 34.11 4.39 23.55
C LEU J 140 33.45 5.10 24.73
N ILE J 141 33.44 4.48 25.91
CA ILE J 141 32.90 5.17 27.07
C ILE J 141 33.65 6.47 27.31
N GLN J 142 34.97 6.49 27.09
CA GLN J 142 35.72 7.75 27.19
C GLN J 142 35.38 8.70 26.07
N LYS J 143 35.26 8.23 24.83
CA LYS J 143 35.14 9.16 23.72
C LYS J 143 33.73 9.75 23.59
N VAL J 144 32.68 8.97 23.86
CA VAL J 144 31.32 9.50 23.75
C VAL J 144 30.71 9.85 25.11
N GLY J 145 31.37 9.49 26.20
CA GLY J 145 30.82 9.71 27.53
C GLY J 145 29.90 8.58 27.95
N LEU J 146 29.80 8.38 29.27
CA LEU J 146 29.07 7.22 29.77
C LEU J 146 27.59 7.27 29.40
N GLU J 147 26.94 8.44 29.60
CA GLU J 147 25.50 8.55 29.31
C GLU J 147 25.19 8.20 27.85
N ASN J 148 25.98 8.75 26.92
CA ASN J 148 25.76 8.42 25.51
C ASN J 148 26.05 6.95 25.24
N TYR J 149 27.12 6.42 25.82
CA TYR J 149 27.45 5.02 25.60
C TYR J 149 26.30 4.12 26.02
N LEU J 150 25.75 4.39 27.20
CA LEU J 150 24.63 3.60 27.69
C LEU J 150 23.40 3.83 26.82
N GLN J 151 23.19 5.08 26.39
CA GLN J 151 22.05 5.38 25.53
C GLN J 151 22.11 4.58 24.24
N SER J 152 23.30 4.50 23.63
CA SER J 152 23.48 3.75 22.39
C SER J 152 23.26 2.26 22.56
N HIS J 153 23.13 1.76 23.79
CA HIS J 153 22.94 0.34 24.04
C HIS J 153 21.57 0.04 24.64
N MET J 154 20.65 0.99 24.60
CA MET J 154 19.31 0.75 25.12
C MET J 154 18.51 -0.15 24.19
N HIS J 155 18.49 0.16 22.90
CA HIS J 155 17.58 -0.53 21.99
C HIS J 155 18.33 -1.48 21.04
N MET K 1 -23.30 -19.96 34.76
CA MET K 1 -22.88 -20.81 35.89
C MET K 1 -22.76 -19.94 37.13
N LYS K 2 -23.47 -20.27 38.21
CA LYS K 2 -23.59 -19.33 39.33
C LYS K 2 -22.26 -19.23 40.07
N GLY K 3 -21.68 -18.04 40.09
CA GLY K 3 -20.41 -17.84 40.75
C GLY K 3 -20.55 -17.40 42.19
N ASP K 4 -19.43 -17.44 42.89
CA ASP K 4 -19.32 -16.99 44.27
C ASP K 4 -19.45 -15.47 44.34
N LYS K 5 -20.34 -14.98 45.18
CA LYS K 5 -20.61 -13.54 45.19
C LYS K 5 -19.34 -12.74 45.44
N LYS K 6 -18.52 -13.17 46.40
CA LYS K 6 -17.31 -12.44 46.72
C LYS K 6 -16.26 -12.56 45.60
N VAL K 7 -16.21 -13.69 44.89
CA VAL K 7 -15.34 -13.74 43.70
C VAL K 7 -15.73 -12.66 42.71
N ILE K 8 -17.03 -12.55 42.43
CA ILE K 8 -17.48 -11.56 41.45
C ILE K 8 -17.15 -10.14 41.92
N GLN K 9 -17.31 -9.85 43.21
CA GLN K 9 -16.88 -8.56 43.75
C GLN K 9 -15.39 -8.32 43.52
N HIS K 10 -14.55 -9.33 43.77
CA HIS K 10 -13.14 -9.21 43.46
C HIS K 10 -12.92 -8.94 41.98
N LEU K 11 -13.60 -9.69 41.10
CA LEU K 11 -13.40 -9.49 39.67
C LEU K 11 -13.81 -8.08 39.27
N ASN K 12 -14.89 -7.59 39.87
CA ASN K 12 -15.29 -6.22 39.57
C ASN K 12 -14.29 -5.19 40.11
N LYS K 13 -13.63 -5.48 41.23
CA LYS K 13 -12.60 -4.57 41.71
C LYS K 13 -11.40 -4.54 40.77
N ILE K 14 -10.94 -5.72 40.33
CA ILE K 14 -9.84 -5.80 39.35
C ILE K 14 -10.24 -5.09 38.06
N LEU K 15 -11.48 -5.30 37.63
CA LEU K 15 -11.99 -4.62 36.43
C LEU K 15 -11.92 -3.11 36.61
N GLY K 16 -12.35 -2.60 37.77
CA GLY K 16 -12.22 -1.18 38.04
C GLY K 16 -10.81 -0.67 37.89
N ASN K 17 -9.83 -1.43 38.40
CA ASN K 17 -8.44 -1.02 38.23
C ASN K 17 -8.06 -0.97 36.77
N GLU K 18 -8.48 -1.98 35.99
CA GLU K 18 -8.14 -2.01 34.57
C GLU K 18 -8.76 -0.81 33.85
N LEU K 19 -9.97 -0.41 34.25
CA LEU K 19 -10.63 0.71 33.58
C LEU K 19 -9.91 2.03 33.86
N ILE K 20 -9.41 2.22 35.08
CA ILE K 20 -8.54 3.38 35.34
C ILE K 20 -7.33 3.34 34.42
N ALA K 21 -6.66 2.18 34.37
CA ALA K 21 -5.41 2.08 33.64
C ALA K 21 -5.61 2.32 32.16
N ILE K 22 -6.71 1.79 31.59
CA ILE K 22 -6.98 2.05 30.17
C ILE K 22 -6.90 3.53 29.89
N ASN K 23 -7.66 4.32 30.67
CA ASN K 23 -7.77 5.76 30.41
C ASN K 23 -6.49 6.50 30.77
N GLN K 24 -5.85 6.14 31.89
CA GLN K 24 -4.60 6.79 32.27
C GLN K 24 -3.52 6.54 31.22
N TYR K 25 -3.34 5.28 30.80
CA TYR K 25 -2.33 5.00 29.78
C TYR K 25 -2.71 5.61 28.43
N PHE K 26 -4.00 5.60 28.05
CA PHE K 26 -4.33 6.22 26.77
C PHE K 26 -4.00 7.70 26.77
N LEU K 27 -4.30 8.39 27.88
CA LEU K 27 -4.02 9.82 27.94
C LEU K 27 -2.51 10.06 27.95
N HIS K 28 -1.77 9.31 28.78
CA HIS K 28 -0.32 9.49 28.80
C HIS K 28 0.26 9.25 27.41
N SER K 29 -0.24 8.24 26.71
CA SER K 29 0.22 7.97 25.35
C SER K 29 0.04 9.20 24.48
N ARG K 30 -1.15 9.76 24.47
CA ARG K 30 -1.44 10.86 23.55
C ARG K 30 -0.72 12.13 23.97
N MET K 31 -0.44 12.29 25.27
CA MET K 31 0.40 13.39 25.70
C MET K 31 1.81 13.23 25.12
N TRP K 32 2.39 12.03 25.23
CA TRP K 32 3.73 11.84 24.70
C TRP K 32 3.76 12.06 23.19
N ASN K 33 2.72 11.63 22.47
CA ASN K 33 2.75 11.85 21.03
C ASN K 33 2.69 13.34 20.72
N ASP K 34 1.83 14.07 21.40
CA ASP K 34 1.72 15.51 21.20
C ASP K 34 3.05 16.21 21.48
N TRP K 35 3.81 15.70 22.45
CA TRP K 35 5.12 16.27 22.73
C TRP K 35 6.20 15.82 21.76
N GLY K 36 5.89 14.95 20.80
CA GLY K 36 6.88 14.44 19.87
C GLY K 36 7.71 13.27 20.36
N LEU K 37 7.32 12.66 21.48
CA LEU K 37 8.00 11.48 22.01
C LEU K 37 7.23 10.24 21.58
N LYS K 38 7.32 9.99 20.27
CA LYS K 38 6.44 9.02 19.62
C LYS K 38 6.73 7.58 20.04
N ARG K 39 7.97 7.26 20.39
CA ARG K 39 8.24 5.89 20.84
C ARG K 39 7.61 5.63 22.20
N LEU K 40 7.62 6.63 23.08
CA LEU K 40 6.90 6.50 24.35
C LEU K 40 5.41 6.46 24.09
N GLY K 41 4.91 7.29 23.18
CA GLY K 41 3.48 7.27 22.86
C GLY K 41 3.03 5.92 22.36
N ALA K 42 3.83 5.31 21.47
CA ALA K 42 3.45 4.03 20.89
C ALA K 42 3.48 2.93 21.95
N HIS K 43 4.54 2.90 22.77
CA HIS K 43 4.60 1.87 23.79
C HIS K 43 3.48 2.01 24.80
N GLU K 44 3.15 3.25 25.20
CA GLU K 44 2.08 3.46 26.17
C GLU K 44 0.72 3.14 25.57
N TYR K 45 0.56 3.36 24.27
CA TYR K 45 -0.66 2.93 23.58
C TYR K 45 -0.83 1.43 23.70
N HIS K 46 0.24 0.67 23.42
CA HIS K 46 0.14 -0.79 23.56
C HIS K 46 -0.14 -1.22 24.99
N GLU K 47 0.37 -0.50 26.00
CA GLU K 47 -0.01 -0.82 27.37
C GLU K 47 -1.51 -0.60 27.59
N SER K 48 -2.06 0.48 27.03
CA SER K 48 -3.49 0.74 27.17
C SER K 48 -4.30 -0.37 26.49
N ILE K 49 -3.90 -0.78 25.29
CA ILE K 49 -4.60 -1.86 24.58
C ILE K 49 -4.59 -3.13 25.40
N ASP K 50 -3.42 -3.44 25.98
CA ASP K 50 -3.31 -4.64 26.79
CA ASP K 50 -3.30 -4.64 26.80
C ASP K 50 -4.31 -4.63 27.93
N GLU K 51 -4.46 -3.47 28.60
CA GLU K 51 -5.43 -3.38 29.69
C GLU K 51 -6.86 -3.52 29.17
N MET K 52 -7.13 -3.02 27.96
CA MET K 52 -8.43 -3.24 27.34
C MET K 52 -8.71 -4.73 27.15
N LYS K 53 -7.70 -5.50 26.74
CA LYS K 53 -7.93 -6.93 26.54
C LYS K 53 -8.18 -7.63 27.87
N HIS K 54 -7.49 -7.20 28.93
CA HIS K 54 -7.74 -7.78 30.27
C HIS K 54 -9.14 -7.45 30.74
N ALA K 55 -9.56 -6.20 30.55
CA ALA K 55 -10.90 -5.81 30.95
C ALA K 55 -11.95 -6.64 30.19
N ASP K 56 -11.74 -6.86 28.90
CA ASP K 56 -12.64 -7.71 28.14
C ASP K 56 -12.79 -9.09 28.79
N LYS K 57 -11.67 -9.74 29.10
CA LYS K 57 -11.74 -11.08 29.67
C LYS K 57 -12.43 -11.07 31.03
N LEU K 58 -12.22 -10.01 31.83
CA LEU K 58 -12.89 -9.94 33.12
C LEU K 58 -14.39 -9.75 32.94
N ILE K 59 -14.78 -8.90 32.00
CA ILE K 59 -16.19 -8.70 31.71
C ILE K 59 -16.84 -10.03 31.32
N GLU K 60 -16.16 -10.77 30.42
CA GLU K 60 -16.69 -12.05 29.94
C GLU K 60 -16.81 -13.05 31.09
N ARG K 61 -15.83 -13.08 31.98
CA ARG K 61 -15.87 -14.00 33.11
C ARG K 61 -16.99 -13.63 34.09
N ILE K 62 -17.15 -12.34 34.36
CA ILE K 62 -18.20 -11.91 35.30
C ILE K 62 -19.57 -12.30 34.77
N LEU K 63 -19.80 -12.09 33.47
CA LEU K 63 -21.09 -12.44 32.88
C LEU K 63 -21.31 -13.94 32.91
N PHE K 64 -20.28 -14.74 32.58
CA PHE K 64 -20.41 -16.19 32.65
C PHE K 64 -20.83 -16.63 34.05
N LEU K 65 -20.25 -16.02 35.09
CA LEU K 65 -20.56 -16.33 36.48
C LEU K 65 -21.87 -15.69 36.96
N GLU K 66 -22.62 -15.06 36.08
CA GLU K 66 -23.97 -14.53 36.33
C GLU K 66 -23.94 -13.32 37.23
N GLY K 67 -22.85 -12.56 37.17
CA GLY K 67 -22.75 -11.26 37.80
C GLY K 67 -22.88 -10.13 36.80
N LEU K 68 -22.84 -8.91 37.33
CA LEU K 68 -22.98 -7.69 36.54
C LEU K 68 -21.65 -6.97 36.49
N PRO K 69 -21.01 -6.86 35.32
CA PRO K 69 -19.73 -6.14 35.22
C PRO K 69 -19.93 -4.65 35.40
N ASN K 70 -19.18 -4.05 36.30
CA ASN K 70 -19.34 -2.62 36.58
C ASN K 70 -18.42 -1.80 35.69
N LEU K 71 -19.00 -1.18 34.65
CA LEU K 71 -18.27 -0.25 33.80
C LEU K 71 -18.65 1.19 34.08
N GLN K 72 -19.41 1.42 35.16
CA GLN K 72 -19.96 2.75 35.43
C GLN K 72 -19.07 3.53 36.37
N ASP K 73 -18.51 2.86 37.36
CA ASP K 73 -17.70 3.53 38.37
C ASP K 73 -16.26 3.54 37.88
N LEU K 74 -15.71 4.75 37.79
CA LEU K 74 -14.35 4.97 37.34
C LEU K 74 -13.60 5.67 38.45
N GLY K 75 -12.52 5.05 38.94
CA GLY K 75 -11.71 5.62 39.99
C GLY K 75 -10.77 6.69 39.48
N LYS K 76 -9.92 7.15 40.39
CA LYS K 76 -9.14 8.36 40.14
C LYS K 76 -7.97 8.05 39.21
N LEU K 77 -7.90 8.76 38.10
CA LEU K 77 -6.74 8.68 37.22
C LEU K 77 -5.55 9.39 37.85
N LEU K 78 -4.37 8.82 37.66
CA LEU K 78 -3.12 9.44 38.14
C LEU K 78 -2.39 9.97 36.91
N ILE K 79 -2.55 11.26 36.62
CA ILE K 79 -1.99 11.86 35.41
C ILE K 79 -0.75 12.66 35.80
N GLY K 80 0.38 12.36 35.16
CA GLY K 80 1.59 13.09 35.43
C GLY K 80 1.72 14.33 34.57
N GLU K 81 2.61 15.24 34.96
CA GLU K 81 2.82 16.48 34.23
C GLU K 81 4.16 16.51 33.52
N ASN K 82 5.00 15.49 33.67
CA ASN K 82 6.19 15.34 32.85
C ASN K 82 6.49 13.84 32.76
N THR K 83 7.49 13.50 31.95
CA THR K 83 7.70 12.08 31.64
C THR K 83 7.98 11.26 32.90
N GLN K 84 8.86 11.76 33.78
CA GLN K 84 9.15 11.02 35.01
C GLN K 84 7.91 10.84 35.85
N GLU K 85 7.11 11.91 36.01
CA GLU K 85 5.90 11.79 36.82
C GLU K 85 4.91 10.81 36.22
N MET K 86 4.78 10.85 34.90
CA MET K 86 3.82 9.97 34.22
C MET K 86 4.22 8.50 34.43
N LEU K 87 5.50 8.19 34.26
CA LEU K 87 5.96 6.83 34.50
C LEU K 87 5.71 6.43 35.96
N GLN K 88 6.00 7.33 36.91
CA GLN K 88 5.77 6.98 38.32
C GLN K 88 4.30 6.81 38.65
N CYS K 89 3.43 7.62 38.03
CA CYS K 89 1.98 7.45 38.19
C CYS K 89 1.53 6.09 37.68
N ASP K 90 2.01 5.69 36.50
CA ASP K 90 1.73 4.35 36.01
C ASP K 90 2.21 3.29 37.00
N LEU K 91 3.42 3.46 37.52
CA LEU K 91 3.96 2.45 38.45
C LEU K 91 3.12 2.38 39.73
N ASN K 92 2.77 3.54 40.29
CA ASN K 92 1.92 3.56 41.47
C ASN K 92 0.62 2.79 41.23
N LEU K 93 -0.04 3.06 40.10
CA LEU K 93 -1.27 2.36 39.77
C LEU K 93 -1.04 0.85 39.67
N GLU K 94 0.06 0.44 39.02
CA GLU K 94 0.34 -0.99 38.85
C GLU K 94 0.58 -1.69 40.18
N LEU K 95 1.25 -1.01 41.13
CA LEU K 95 1.51 -1.64 42.42
C LEU K 95 0.21 -1.83 43.20
N LYS K 96 -0.72 -0.88 43.10
CA LYS K 96 -2.04 -1.08 43.67
C LYS K 96 -2.75 -2.24 42.99
N ALA K 97 -2.66 -2.31 41.66
CA ALA K 97 -3.33 -3.36 40.91
C ALA K 97 -2.84 -4.75 41.30
N THR K 98 -1.52 -4.92 41.46
CA THR K 98 -1.02 -6.26 41.77
C THR K 98 -1.38 -6.65 43.20
N LYS K 99 -1.40 -5.71 44.13
CA LYS K 99 -1.88 -6.05 45.47
C LYS K 99 -3.30 -6.57 45.42
N ASP K 100 -4.17 -5.89 44.67
CA ASP K 100 -5.57 -6.31 44.57
C ASP K 100 -5.70 -7.66 43.88
N LEU K 101 -4.86 -7.91 42.87
CA LEU K 101 -4.89 -9.20 42.18
C LEU K 101 -4.53 -10.35 43.12
N ARG K 102 -3.55 -10.12 43.99
CA ARG K 102 -3.14 -11.16 44.93
C ARG K 102 -4.25 -11.48 45.92
N GLU K 103 -4.92 -10.45 46.45
CA GLU K 103 -6.03 -10.69 47.35
C GLU K 103 -7.16 -11.44 46.66
N ALA K 104 -7.42 -11.13 45.39
CA ALA K 104 -8.47 -11.83 44.65
C ALA K 104 -8.10 -13.30 44.43
N ILE K 105 -6.85 -13.57 44.06
CA ILE K 105 -6.44 -14.96 43.86
C ILE K 105 -6.59 -15.75 45.15
N VAL K 106 -6.19 -15.17 46.28
CA VAL K 106 -6.37 -15.83 47.57
C VAL K 106 -7.80 -16.30 47.71
N HIS K 107 -8.75 -15.42 47.42
CA HIS K 107 -10.14 -15.77 47.66
C HIS K 107 -10.66 -16.79 46.65
N CYS K 108 -10.27 -16.67 45.37
CA CYS K 108 -10.64 -17.69 44.39
C CYS K 108 -10.15 -19.07 44.82
N GLU K 109 -8.93 -19.14 45.33
CA GLU K 109 -8.38 -20.41 45.80
C GLU K 109 -9.24 -20.96 46.94
N GLN K 110 -9.61 -20.12 47.91
CA GLN K 110 -10.34 -20.62 49.06
C GLN K 110 -11.69 -21.20 48.68
N VAL K 111 -12.37 -20.63 47.67
CA VAL K 111 -13.67 -21.17 47.26
C VAL K 111 -13.57 -22.06 46.03
N HIS K 112 -12.36 -22.41 45.60
CA HIS K 112 -12.14 -23.41 44.56
C HIS K 112 -12.57 -22.93 43.17
N ASP K 113 -12.56 -21.61 42.94
CA ASP K 113 -12.82 -21.07 41.61
C ASP K 113 -11.47 -20.99 40.90
N TYR K 114 -11.02 -22.16 40.45
CA TYR K 114 -9.66 -22.29 39.93
C TYR K 114 -9.50 -21.66 38.54
N VAL K 115 -10.57 -21.60 37.76
CA VAL K 115 -10.51 -20.93 36.46
C VAL K 115 -10.39 -19.41 36.66
N SER K 116 -11.16 -18.84 37.57
CA SER K 116 -10.98 -17.42 37.85
C SER K 116 -9.57 -17.15 38.36
N ARG K 117 -9.04 -18.03 39.21
CA ARG K 117 -7.66 -17.85 39.65
C ARG K 117 -6.71 -17.83 38.48
N ASP K 118 -6.88 -18.74 37.52
CA ASP K 118 -5.95 -18.83 36.39
C ASP K 118 -6.00 -17.56 35.55
N LEU K 119 -7.21 -17.02 35.32
CA LEU K 119 -7.35 -15.75 34.62
C LEU K 119 -6.58 -14.64 35.30
N LEU K 120 -6.78 -14.50 36.62
CA LEU K 120 -6.14 -13.44 37.39
C LEU K 120 -4.63 -13.62 37.44
N LYS K 121 -4.16 -14.86 37.49
CA LYS K 121 -2.73 -15.11 37.44
C LYS K 121 -2.14 -14.63 36.12
N ASP K 122 -2.81 -14.93 35.00
CA ASP K 122 -2.37 -14.44 33.71
C ASP K 122 -2.33 -12.91 33.69
N ILE K 123 -3.36 -12.27 34.23
CA ILE K 123 -3.35 -10.80 34.27
C ILE K 123 -2.20 -10.31 35.14
N LEU K 124 -1.99 -10.95 36.29
CA LEU K 124 -0.88 -10.59 37.18
C LEU K 124 0.47 -10.72 36.49
N GLU K 125 0.65 -11.75 35.66
CA GLU K 125 1.89 -11.87 34.91
C GLU K 125 2.08 -10.67 33.99
N SER K 126 1.00 -10.24 33.31
CA SER K 126 1.09 -9.07 32.44
CA SER K 126 1.09 -9.07 32.44
C SER K 126 1.41 -7.81 33.23
N GLU K 127 0.78 -7.64 34.40
CA GLU K 127 1.01 -6.44 35.18
C GLU K 127 2.42 -6.43 35.77
N GLU K 128 2.96 -7.60 36.16
CA GLU K 128 4.33 -7.62 36.63
C GLU K 128 5.31 -7.31 35.49
N GLU K 129 4.99 -7.73 34.27
CA GLU K 129 5.83 -7.31 33.15
C GLU K 129 5.77 -5.81 32.95
N HIS K 130 4.60 -5.21 33.15
CA HIS K 130 4.50 -3.76 33.04
C HIS K 130 5.34 -3.08 34.13
N ILE K 131 5.27 -3.61 35.34
CA ILE K 131 6.10 -3.08 36.44
C ILE K 131 7.57 -3.12 36.05
N ASP K 132 8.03 -4.26 35.51
CA ASP K 132 9.42 -4.40 35.02
C ASP K 132 9.75 -3.29 34.03
N TYR K 133 8.87 -3.07 33.05
CA TYR K 133 9.12 -2.03 32.06
C TYR K 133 9.26 -0.67 32.75
N LEU K 134 8.34 -0.35 33.65
CA LEU K 134 8.29 0.98 34.26
C LEU K 134 9.50 1.21 35.17
N GLU K 135 9.80 0.25 36.04
CA GLU K 135 11.00 0.38 36.87
C GLU K 135 12.23 0.55 36.03
N THR K 136 12.29 -0.14 34.89
CA THR K 136 13.47 -0.07 34.05
C THR K 136 13.59 1.29 33.38
N GLN K 137 12.46 1.86 32.93
CA GLN K 137 12.52 3.19 32.33
C GLN K 137 12.98 4.22 33.36
N LEU K 138 12.42 4.14 34.57
CA LEU K 138 12.83 5.09 35.61
C LEU K 138 14.31 4.93 35.93
N GLY K 139 14.83 3.70 35.85
CA GLY K 139 16.27 3.50 36.06
C GLY K 139 17.11 4.03 34.92
N LEU K 140 16.61 3.90 33.69
CA LEU K 140 17.35 4.40 32.54
C LEU K 140 17.45 5.93 32.59
N ILE K 141 16.40 6.60 33.04
CA ILE K 141 16.46 8.05 33.16
C ILE K 141 17.65 8.43 34.04
N GLN K 142 17.82 7.72 35.14
CA GLN K 142 18.95 7.98 36.04
C GLN K 142 20.28 7.65 35.39
N LYS K 143 20.33 6.59 34.57
CA LYS K 143 21.60 6.15 34.00
C LYS K 143 22.03 6.99 32.80
N VAL K 144 21.10 7.38 31.91
CA VAL K 144 21.49 8.07 30.69
C VAL K 144 21.17 9.55 30.73
N GLY K 145 20.48 10.00 31.77
CA GLY K 145 20.02 11.38 31.88
C GLY K 145 18.71 11.59 31.16
N LEU K 146 17.91 12.49 31.70
CA LEU K 146 16.58 12.70 31.14
C LEU K 146 16.64 13.14 29.67
N GLU K 147 17.55 14.05 29.35
CA GLU K 147 17.60 14.53 27.97
C GLU K 147 17.89 13.39 26.99
N ASN K 148 18.87 12.53 27.29
CA ASN K 148 19.10 11.37 26.41
C ASN K 148 17.91 10.44 26.43
N TYR K 149 17.29 10.25 27.59
CA TYR K 149 16.19 9.30 27.63
C TYR K 149 15.07 9.76 26.72
N LEU K 150 14.74 11.04 26.78
CA LEU K 150 13.69 11.58 25.92
C LEU K 150 14.12 11.54 24.46
N GLN K 151 15.37 11.88 24.17
CA GLN K 151 15.88 11.79 22.79
C GLN K 151 15.66 10.40 22.21
N SER K 152 15.96 9.37 22.99
CA SER K 152 15.82 7.99 22.51
C SER K 152 14.37 7.63 22.25
N HIS K 153 13.42 8.45 22.68
CA HIS K 153 12.01 8.13 22.52
C HIS K 153 11.31 9.09 21.59
N MET K 154 12.08 9.86 20.82
CA MET K 154 11.50 10.76 19.83
C MET K 154 10.98 9.99 18.63
N HIS K 155 11.79 9.09 18.09
CA HIS K 155 11.46 8.41 16.84
C HIS K 155 11.07 6.95 17.08
N MET L 1 35.83 -16.16 -55.61
CA MET L 1 35.35 -16.81 -56.87
C MET L 1 35.31 -15.74 -57.95
N LYS L 2 35.98 -15.96 -59.08
CA LYS L 2 36.16 -14.89 -60.05
C LYS L 2 34.82 -14.54 -60.71
N GLY L 3 34.36 -13.32 -60.52
CA GLY L 3 33.12 -12.89 -61.13
C GLY L 3 33.33 -12.29 -62.54
N ASP L 4 32.22 -12.17 -63.24
CA ASP L 4 32.18 -11.47 -64.53
C ASP L 4 32.46 -9.98 -64.31
N LYS L 5 33.36 -9.42 -65.12
CA LYS L 5 33.78 -8.03 -64.94
C LYS L 5 32.59 -7.08 -65.03
N LYS L 6 31.72 -7.28 -66.01
CA LYS L 6 30.61 -6.35 -66.19
C LYS L 6 29.54 -6.54 -65.11
N VAL L 7 29.33 -7.78 -64.63
CA VAL L 7 28.48 -7.95 -63.45
C VAL L 7 29.00 -7.08 -62.30
N ILE L 8 30.29 -7.17 -62.01
CA ILE L 8 30.85 -6.38 -60.91
C ILE L 8 30.64 -4.89 -61.14
N GLN L 9 30.83 -4.43 -62.37
CA GLN L 9 30.53 -3.03 -62.68
C GLN L 9 29.08 -2.68 -62.41
N HIS L 10 28.14 -3.54 -62.81
CA HIS L 10 26.74 -3.30 -62.48
C HIS L 10 26.52 -3.25 -60.98
N LEU L 11 27.15 -4.19 -60.24
CA LEU L 11 26.96 -4.21 -58.80
C LEU L 11 27.48 -2.94 -58.15
N ASN L 12 28.62 -2.41 -58.64
CA ASN L 12 29.12 -1.15 -58.12
C ASN L 12 28.22 0.02 -58.51
N LYS L 13 27.54 -0.04 -59.66
CA LYS L 13 26.58 1.01 -59.97
C LYS L 13 25.38 0.97 -59.02
N ILE L 14 24.88 -0.24 -58.72
CA ILE L 14 23.77 -0.36 -57.78
C ILE L 14 24.21 0.10 -56.40
N LEU L 15 25.42 -0.30 -55.99
CA LEU L 15 25.97 0.15 -54.72
C LEU L 15 26.05 1.67 -54.66
N GLY L 16 26.48 2.30 -55.76
CA GLY L 16 26.54 3.74 -55.79
C GLY L 16 25.19 4.39 -55.58
N ASN L 17 24.14 3.80 -56.17
CA ASN L 17 22.79 4.30 -55.94
C ASN L 17 22.40 4.16 -54.47
N GLU L 18 22.74 3.03 -53.85
CA GLU L 18 22.41 2.83 -52.44
C GLU L 18 23.14 3.81 -51.54
N LEU L 19 24.38 4.17 -51.89
CA LEU L 19 25.15 5.10 -51.07
C LEU L 19 24.55 6.50 -51.15
N ILE L 20 24.08 6.92 -52.33
CA ILE L 20 23.34 8.17 -52.43
C ILE L 20 22.12 8.13 -51.53
N ALA L 21 21.36 7.03 -51.60
CA ALA L 21 20.10 6.93 -50.89
C ALA L 21 20.29 6.93 -49.38
N ILE L 22 21.32 6.21 -48.88
CA ILE L 22 21.61 6.26 -47.45
C ILE L 22 21.70 7.71 -46.96
N ASN L 23 22.52 8.52 -47.62
CA ASN L 23 22.77 9.89 -47.15
C ASN L 23 21.57 10.80 -47.35
N GLN L 24 20.94 10.71 -48.52
CA GLN L 24 19.74 11.47 -48.82
C GLN L 24 18.63 11.17 -47.84
N TYR L 25 18.35 9.88 -47.61
CA TYR L 25 17.30 9.55 -46.63
C TYR L 25 17.71 9.93 -45.21
N PHE L 26 18.99 9.81 -44.85
CA PHE L 26 19.36 10.17 -43.48
C PHE L 26 19.22 11.67 -43.26
N LEU L 27 19.64 12.47 -44.24
CA LEU L 27 19.48 13.91 -44.11
C LEU L 27 18.00 14.31 -44.04
N HIS L 28 17.18 13.76 -44.96
CA HIS L 28 15.74 14.04 -44.93
C HIS L 28 15.13 13.67 -43.59
N SER L 29 15.50 12.50 -43.05
CA SER L 29 15.03 12.09 -41.73
C SER L 29 15.33 13.16 -40.68
N ARG L 30 16.59 13.62 -40.64
CA ARG L 30 16.98 14.56 -39.59
C ARG L 30 16.41 15.95 -39.84
N MET L 31 16.23 16.33 -41.11
CA MET L 31 15.47 17.54 -41.40
C MET L 31 14.05 17.46 -40.84
N TRP L 32 13.35 16.35 -41.11
CA TRP L 32 11.98 16.20 -40.61
C TRP L 32 11.96 16.21 -39.08
N ASN L 33 12.94 15.59 -38.42
CA ASN L 33 12.95 15.64 -36.95
C ASN L 33 13.17 17.06 -36.46
N ASP L 34 14.09 17.79 -37.08
CA ASP L 34 14.33 19.17 -36.71
C ASP L 34 13.07 20.01 -36.88
N TRP L 35 12.27 19.72 -37.90
CA TRP L 35 11.04 20.48 -38.14
C TRP L 35 9.87 20.04 -37.27
N GLY L 36 10.03 19.01 -36.46
CA GLY L 36 8.94 18.58 -35.59
C GLY L 36 8.04 17.54 -36.21
N LEU L 37 8.40 17.00 -37.36
CA LEU L 37 7.59 16.00 -38.05
C LEU L 37 8.20 14.62 -37.79
N LYS L 38 8.10 14.21 -36.54
CA LYS L 38 8.89 13.08 -36.06
C LYS L 38 8.42 11.75 -36.63
N ARG L 39 7.17 11.63 -37.06
CA ARG L 39 6.75 10.36 -37.63
C ARG L 39 7.38 10.18 -39.02
N LEU L 40 7.50 11.27 -39.77
CA LEU L 40 8.24 11.22 -41.03
C LEU L 40 9.72 10.97 -40.77
N GLY L 41 10.28 11.67 -39.78
CA GLY L 41 11.68 11.49 -39.47
C GLY L 41 12.00 10.06 -39.12
N ALA L 42 11.13 9.40 -38.35
CA ALA L 42 11.39 8.02 -37.95
C ALA L 42 11.25 7.08 -39.12
N HIS L 43 10.21 7.27 -39.94
CA HIS L 43 10.04 6.39 -41.08
C HIS L 43 11.20 6.51 -42.05
N GLU L 44 11.66 7.75 -42.29
CA GLU L 44 12.74 7.98 -43.24
C GLU L 44 14.06 7.43 -42.70
N TYR L 45 14.24 7.49 -41.38
CA TYR L 45 15.39 6.86 -40.76
C TYR L 45 15.41 5.36 -41.05
N HIS L 46 14.24 4.70 -40.93
CA HIS L 46 14.20 3.28 -41.25
C HIS L 46 14.43 3.01 -42.73
N GLU L 47 14.04 3.93 -43.62
CA GLU L 47 14.38 3.76 -45.03
C GLU L 47 15.89 3.81 -45.24
N SER L 48 16.56 4.71 -44.52
CA SER L 48 18.00 4.86 -44.63
C SER L 48 18.71 3.60 -44.16
N ILE L 49 18.28 3.06 -43.02
CA ILE L 49 18.85 1.82 -42.50
C ILE L 49 18.67 0.68 -43.49
N ASP L 50 17.46 0.56 -44.08
CA ASP L 50 17.24 -0.49 -45.08
CA ASP L 50 17.22 -0.48 -45.10
C ASP L 50 18.24 -0.38 -46.24
N GLU L 51 18.56 0.85 -46.69
CA GLU L 51 19.52 0.99 -47.78
C GLU L 51 20.93 0.66 -47.30
N MET L 52 21.22 0.94 -46.03
CA MET L 52 22.51 0.52 -45.47
C MET L 52 22.67 -0.99 -45.53
N LYS L 53 21.60 -1.73 -45.20
CA LYS L 53 21.63 -3.18 -45.26
C LYS L 53 21.83 -3.70 -46.68
N HIS L 54 21.13 -3.09 -47.66
CA HIS L 54 21.35 -3.48 -49.05
C HIS L 54 22.79 -3.21 -49.48
N ALA L 55 23.33 -2.07 -49.10
CA ALA L 55 24.70 -1.73 -49.44
C ALA L 55 25.66 -2.79 -48.89
N ASP L 56 25.48 -3.15 -47.62
CA ASP L 56 26.26 -4.23 -47.01
C ASP L 56 26.25 -5.50 -47.87
N LYS L 57 25.06 -5.95 -48.31
CA LYS L 57 24.97 -7.16 -49.09
C LYS L 57 25.69 -7.02 -50.44
N LEU L 58 25.62 -5.84 -51.04
CA LEU L 58 26.31 -5.63 -52.32
C LEU L 58 27.83 -5.66 -52.16
N ILE L 59 28.32 -4.98 -51.13
CA ILE L 59 29.74 -4.98 -50.78
C ILE L 59 30.22 -6.41 -50.59
N GLU L 60 29.48 -7.18 -49.80
CA GLU L 60 29.86 -8.56 -49.53
C GLU L 60 29.92 -9.37 -50.83
N ARG L 61 28.93 -9.20 -51.72
CA ARG L 61 28.91 -9.96 -52.97
C ARG L 61 30.06 -9.56 -53.87
N ILE L 62 30.32 -8.26 -53.99
CA ILE L 62 31.41 -7.79 -54.84
C ILE L 62 32.73 -8.36 -54.35
N LEU L 63 32.96 -8.36 -53.04
CA LEU L 63 34.20 -8.91 -52.50
C LEU L 63 34.32 -10.41 -52.78
N PHE L 64 33.23 -11.15 -52.63
CA PHE L 64 33.24 -12.58 -52.93
C PHE L 64 33.60 -12.83 -54.39
N LEU L 65 33.13 -11.96 -55.28
CA LEU L 65 33.41 -12.11 -56.70
C LEU L 65 34.78 -11.56 -57.10
N GLU L 66 35.59 -11.15 -56.12
CA GLU L 66 36.96 -10.69 -56.32
C GLU L 66 37.00 -9.35 -57.03
N GLY L 67 35.98 -8.51 -56.81
CA GLY L 67 36.02 -7.13 -57.21
C GLY L 67 36.28 -6.21 -56.04
N LEU L 68 36.38 -4.92 -56.37
CA LEU L 68 36.60 -3.87 -55.39
C LEU L 68 35.32 -3.06 -55.27
N PRO L 69 34.66 -3.06 -54.10
CA PRO L 69 33.44 -2.27 -53.97
C PRO L 69 33.77 -0.78 -53.87
N ASN L 70 33.10 0.04 -54.68
CA ASN L 70 33.42 1.46 -54.75
C ASN L 70 32.61 2.21 -53.69
N LEU L 71 33.25 2.60 -52.59
CA LEU L 71 32.62 3.46 -51.59
C LEU L 71 33.15 4.88 -51.64
N GLN L 72 33.95 5.20 -52.66
CA GLN L 72 34.62 6.49 -52.74
C GLN L 72 33.82 7.49 -53.56
N ASP L 73 33.20 7.01 -54.64
CA ASP L 73 32.50 7.87 -55.55
C ASP L 73 31.06 8.00 -55.06
N LEU L 74 30.65 9.21 -54.75
CA LEU L 74 29.31 9.49 -54.28
C LEU L 74 28.65 10.43 -55.27
N GLY L 75 27.55 9.98 -55.86
CA GLY L 75 26.80 10.78 -56.80
C GLY L 75 25.95 11.85 -56.12
N LYS L 76 25.14 12.51 -56.95
CA LYS L 76 24.42 13.71 -56.54
C LYS L 76 23.24 13.37 -55.63
N LEU L 77 23.28 13.91 -54.40
CA LEU L 77 22.13 13.85 -53.52
C LEU L 77 21.02 14.77 -54.01
N LEU L 78 19.79 14.29 -53.93
CA LEU L 78 18.60 15.08 -54.21
C LEU L 78 17.94 15.46 -52.90
N ILE L 79 18.19 16.68 -52.41
CA ILE L 79 17.69 17.14 -51.12
C ILE L 79 16.54 18.10 -51.36
N GLY L 80 15.35 17.75 -50.90
CA GLY L 80 14.21 18.61 -51.07
C GLY L 80 14.19 19.75 -50.06
N GLU L 81 13.38 20.78 -50.32
CA GLU L 81 13.31 21.94 -49.46
C GLU L 81 11.95 22.10 -48.79
N ASN L 82 11.06 21.13 -48.97
CA ASN L 82 9.85 20.99 -48.17
C ASN L 82 9.44 19.54 -48.29
N THR L 83 8.41 19.16 -47.52
CA THR L 83 8.08 17.75 -47.37
C THR L 83 7.71 17.09 -48.70
N GLN L 84 6.88 17.76 -49.50
CA GLN L 84 6.52 17.21 -50.80
C GLN L 84 7.75 17.00 -51.68
N GLU L 85 8.63 17.99 -51.74
CA GLU L 85 9.83 17.88 -52.56
C GLU L 85 10.75 16.78 -52.05
N MET L 86 10.85 16.62 -50.74
CA MET L 86 11.74 15.59 -50.21
C MET L 86 11.22 14.22 -50.59
N LEU L 87 9.92 14.00 -50.48
CA LEU L 87 9.35 12.71 -50.91
C LEU L 87 9.57 12.49 -52.39
N GLN L 88 9.40 13.54 -53.20
CA GLN L 88 9.63 13.41 -54.63
C GLN L 88 11.09 13.16 -54.97
N CYS L 89 12.01 13.79 -54.23
CA CYS L 89 13.43 13.53 -54.44
C CYS L 89 13.73 12.05 -54.18
N ASP L 90 13.23 11.52 -53.07
CA ASP L 90 13.35 10.09 -52.80
C ASP L 90 12.79 9.26 -53.96
N LEU L 91 11.60 9.61 -54.44
CA LEU L 91 10.95 8.84 -55.50
C LEU L 91 11.78 8.90 -56.78
N ASN L 92 12.24 10.09 -57.16
CA ASN L 92 13.07 10.20 -58.36
C ASN L 92 14.31 9.33 -58.26
N LEU L 93 15.00 9.36 -57.11
CA LEU L 93 16.13 8.49 -56.89
C LEU L 93 15.73 7.01 -57.02
N GLU L 94 14.60 6.62 -56.42
CA GLU L 94 14.18 5.22 -56.49
C GLU L 94 13.86 4.78 -57.92
N LEU L 95 13.24 5.65 -58.72
CA LEU L 95 12.95 5.27 -60.10
C LEU L 95 14.24 5.06 -60.90
N LYS L 96 15.24 5.91 -60.71
CA LYS L 96 16.53 5.62 -61.34
C LYS L 96 17.11 4.33 -60.82
N ALA L 97 17.04 4.10 -59.50
CA ALA L 97 17.62 2.89 -58.92
C ALA L 97 17.00 1.63 -59.52
N THR L 98 15.67 1.62 -59.70
CA THR L 98 15.05 0.39 -60.18
C THR L 98 15.34 0.17 -61.67
N LYS L 99 15.45 1.24 -62.45
CA LYS L 99 15.91 1.10 -63.83
C LYS L 99 17.28 0.42 -63.85
N ASP L 100 18.20 0.91 -63.01
CA ASP L 100 19.54 0.37 -63.00
C ASP L 100 19.54 -1.10 -62.54
N LEU L 101 18.70 -1.44 -61.57
CA LEU L 101 18.58 -2.84 -61.14
C LEU L 101 18.11 -3.74 -62.28
N ARG L 102 17.10 -3.30 -63.03
CA ARG L 102 16.62 -4.12 -64.13
C ARG L 102 17.74 -4.40 -65.12
N GLU L 103 18.50 -3.37 -65.47
CA GLU L 103 19.59 -3.55 -66.44
C GLU L 103 20.66 -4.49 -65.89
N ALA L 104 20.97 -4.41 -64.60
CA ALA L 104 21.94 -5.30 -64.00
C ALA L 104 21.45 -6.75 -64.00
N ILE L 105 20.16 -6.96 -63.71
CA ILE L 105 19.61 -8.31 -63.71
C ILE L 105 19.69 -8.92 -65.11
N VAL L 106 19.31 -8.14 -66.14
CA VAL L 106 19.48 -8.58 -67.53
C VAL L 106 20.88 -9.15 -67.73
N HIS L 107 21.89 -8.39 -67.34
CA HIS L 107 23.24 -8.86 -67.63
C HIS L 107 23.61 -10.08 -66.78
N CYS L 108 23.20 -10.11 -65.50
CA CYS L 108 23.48 -11.32 -64.70
C CYS L 108 22.86 -12.55 -65.37
N GLU L 109 21.62 -12.42 -65.86
CA GLU L 109 20.96 -13.55 -66.51
C GLU L 109 21.75 -13.99 -67.72
N GLN L 110 22.29 -13.03 -68.47
CA GLN L 110 22.99 -13.35 -69.71
C GLN L 110 24.28 -14.13 -69.44
N VAL L 111 25.00 -13.83 -68.36
CA VAL L 111 26.24 -14.54 -68.07
C VAL L 111 26.06 -15.60 -67.00
N HIS L 112 24.82 -15.92 -66.64
CA HIS L 112 24.49 -17.07 -65.78
C HIS L 112 24.91 -16.85 -64.33
N ASP L 113 24.99 -15.60 -63.90
CA ASP L 113 25.27 -15.29 -62.49
C ASP L 113 23.93 -15.20 -61.78
N TYR L 114 23.36 -16.39 -61.54
CA TYR L 114 22.00 -16.45 -61.00
C TYR L 114 21.92 -16.03 -59.54
N VAL L 115 23.00 -16.17 -58.78
CA VAL L 115 22.97 -15.73 -57.38
C VAL L 115 23.00 -14.21 -57.29
N SER L 116 23.85 -13.54 -58.09
CA SER L 116 23.78 -12.08 -58.14
C SER L 116 22.40 -11.61 -58.60
N ARG L 117 21.81 -12.28 -59.59
CA ARG L 117 20.46 -11.93 -60.00
C ARG L 117 19.50 -12.00 -58.83
N ASP L 118 19.59 -13.07 -58.04
CA ASP L 118 18.65 -13.26 -56.94
C ASP L 118 18.82 -12.17 -55.91
N LEU L 119 20.06 -11.80 -55.60
CA LEU L 119 20.30 -10.68 -54.68
C LEU L 119 19.66 -9.39 -55.20
N LEU L 120 19.86 -9.11 -56.49
CA LEU L 120 19.35 -7.87 -57.06
C LEU L 120 17.83 -7.87 -57.11
N LYS L 121 17.22 -9.03 -57.36
CA LYS L 121 15.76 -9.14 -57.32
C LYS L 121 15.22 -8.83 -55.92
N ASP L 122 15.87 -9.34 -54.88
CA ASP L 122 15.44 -9.02 -53.51
C ASP L 122 15.54 -7.53 -53.23
N ILE L 123 16.63 -6.88 -53.64
CA ILE L 123 16.77 -5.44 -53.50
C ILE L 123 15.69 -4.71 -54.29
N LEU L 124 15.43 -5.16 -55.51
CA LEU L 124 14.40 -4.53 -56.33
C LEU L 124 13.03 -4.63 -55.68
N GLU L 125 12.75 -5.75 -55.01
CA GLU L 125 11.47 -5.88 -54.31
C GLU L 125 11.38 -4.85 -53.20
N SER L 126 12.46 -4.64 -52.46
CA SER L 126 12.49 -3.65 -51.39
CA SER L 126 12.48 -3.65 -51.40
C SER L 126 12.31 -2.24 -51.96
N GLU L 127 12.98 -1.94 -53.07
CA GLU L 127 12.87 -0.60 -53.65
C GLU L 127 11.47 -0.36 -54.23
N GLU L 128 10.82 -1.38 -54.81
CA GLU L 128 9.45 -1.18 -55.28
C GLU L 128 8.51 -0.95 -54.11
N GLU L 129 8.74 -1.63 -52.99
CA GLU L 129 7.96 -1.32 -51.79
C GLU L 129 8.18 0.14 -51.35
N HIS L 130 9.41 0.64 -51.44
CA HIS L 130 9.66 2.04 -51.12
C HIS L 130 8.92 2.97 -52.09
N ILE L 131 8.96 2.67 -53.38
CA ILE L 131 8.19 3.45 -54.35
C ILE L 131 6.72 3.47 -54.00
N ASP L 132 6.16 2.31 -53.62
CA ASP L 132 4.76 2.26 -53.20
C ASP L 132 4.52 3.22 -52.05
N TYR L 133 5.34 3.14 -51.02
CA TYR L 133 5.20 4.04 -49.88
C TYR L 133 5.22 5.50 -50.34
N LEU L 134 6.19 5.85 -51.18
CA LEU L 134 6.36 7.25 -51.58
C LEU L 134 5.18 7.76 -52.41
N GLU L 135 4.79 6.99 -53.44
CA GLU L 135 3.65 7.38 -54.26
C GLU L 135 2.39 7.54 -53.40
N THR L 136 2.24 6.67 -52.40
CA THR L 136 1.08 6.73 -51.53
C THR L 136 1.11 8.00 -50.69
N GLN L 137 2.27 8.37 -50.14
CA GLN L 137 2.37 9.60 -49.36
C GLN L 137 2.04 10.81 -50.21
N LEU L 138 2.55 10.85 -51.44
CA LEU L 138 2.26 11.98 -52.31
C LEU L 138 0.80 12.04 -52.68
N GLY L 139 0.17 10.87 -52.86
CA GLY L 139 -1.27 10.83 -53.04
C GLY L 139 -2.02 11.32 -51.82
N LEU L 140 -1.54 10.98 -50.62
CA LEU L 140 -2.23 11.42 -49.40
C LEU L 140 -2.18 12.93 -49.25
N ILE L 141 -1.07 13.55 -49.64
CA ILE L 141 -0.99 15.00 -49.56
C ILE L 141 -2.12 15.63 -50.36
N GLN L 142 -2.42 15.08 -51.54
CA GLN L 142 -3.50 15.61 -52.38
C GLN L 142 -4.88 15.32 -51.77
N LYS L 143 -5.04 14.16 -51.13
CA LYS L 143 -6.35 13.74 -50.65
C LYS L 143 -6.74 14.43 -49.34
N VAL L 144 -5.81 14.55 -48.39
CA VAL L 144 -6.13 15.12 -47.08
C VAL L 144 -5.69 16.56 -46.94
N GLY L 145 -4.92 17.07 -47.89
CA GLY L 145 -4.35 18.41 -47.83
C GLY L 145 -3.02 18.42 -47.11
N LEU L 146 -2.15 19.33 -47.52
CA LEU L 146 -0.80 19.34 -46.97
C LEU L 146 -0.82 19.59 -45.46
N GLU L 147 -1.66 20.51 -44.99
CA GLU L 147 -1.65 20.84 -43.56
C GLU L 147 -2.02 19.62 -42.73
N ASN L 148 -3.09 18.91 -43.11
CA ASN L 148 -3.46 17.67 -42.44
C ASN L 148 -2.37 16.60 -42.56
N TYR L 149 -1.77 16.46 -43.74
CA TYR L 149 -0.75 15.44 -43.93
C TYR L 149 0.40 15.67 -42.96
N LEU L 150 0.86 16.93 -42.86
CA LEU L 150 1.94 17.24 -41.96
C LEU L 150 1.52 17.05 -40.50
N GLN L 151 0.32 17.50 -40.16
CA GLN L 151 -0.19 17.29 -38.81
C GLN L 151 -0.11 15.83 -38.41
N SER L 152 -0.53 14.94 -39.31
CA SER L 152 -0.56 13.51 -39.04
C SER L 152 0.82 12.91 -38.84
N HIS L 153 1.89 13.63 -39.16
CA HIS L 153 3.24 13.13 -39.00
C HIS L 153 4.02 13.90 -37.95
N MET L 154 3.34 14.69 -37.11
CA MET L 154 4.01 15.40 -36.04
C MET L 154 4.44 14.48 -34.92
N HIS L 155 3.55 13.62 -34.45
CA HIS L 155 3.81 12.82 -33.27
C HIS L 155 3.95 11.34 -33.63
N GLU L 156 4.95 10.69 -33.03
CA GLU L 156 5.08 9.24 -33.11
C GLU L 156 4.06 8.59 -32.18
C02 KT4 M . 57.17 4.04 -11.24
C04 KT4 M . 57.47 3.63 -13.53
C05 KT4 M . 58.72 3.10 -12.79
C06 KT4 M . 59.90 2.46 -13.24
C08 KT4 M . 61.27 1.58 -15.19
C19 KT4 M . 60.88 2.08 -12.33
C20 KT4 M . 60.69 2.32 -10.95
C21 KT4 M . 59.53 2.96 -10.51
C22 KT4 M . 58.55 3.34 -11.43
N03 KT4 M . 56.57 4.20 -12.54
N07 KT4 M . 60.07 2.21 -14.66
O01 KT4 M . 56.71 4.39 -10.23
O23 KT4 M . 57.26 3.60 -14.70
O2 PG4 N . 34.99 -3.31 17.65
C3 PG4 N . 36.33 -3.76 17.93
C4 PG4 N . 37.31 -3.09 16.98
O3 PG4 N . 37.11 -3.59 15.65
C5 PG4 N . 38.12 -3.15 14.72
C6 PG4 N . 37.87 -3.76 13.34
O4 PG4 N . 36.68 -3.20 12.79
C7 PG4 N . 36.45 -3.65 11.45
C8 PG4 N . 35.09 -3.18 10.98
O5 PG4 N . 34.13 -3.39 12.01
O2 PG4 O . 54.45 24.62 -13.42
C3 PG4 O . 53.36 24.57 -12.52
C4 PG4 O . 53.40 23.27 -11.73
O3 PG4 O . 53.47 22.21 -12.69
C5 PG4 O . 53.41 20.94 -12.07
C6 PG4 O . 53.77 19.92 -13.14
O4 PG4 O . 55.15 19.58 -13.03
CHA HEM P . 40.19 -2.03 -3.85
CHB HEM P . 43.03 -1.49 0.03
CHC HEM P . 46.14 1.00 -2.71
CHD HEM P . 43.33 0.51 -6.60
C1A HEM P . 40.68 -2.14 -2.57
C2A HEM P . 40.10 -2.87 -1.46
C3A HEM P . 40.90 -2.73 -0.40
C4A HEM P . 42.00 -1.88 -0.77
CMA HEM P . 40.70 -3.33 1.02
CAA HEM P . 38.80 -3.70 -1.53
CBA HEM P . 39.16 -5.06 -2.11
CGA HEM P . 37.97 -6.01 -2.16
O1A HEM P . 37.61 -6.61 -1.13
O2A HEM P . 37.36 -6.14 -3.24
C1B HEM P . 44.12 -0.77 -0.39
C2B HEM P . 45.24 -0.40 0.46
C3B HEM P . 46.10 0.27 -0.32
C4B HEM P . 45.54 0.39 -1.64
CMB HEM P . 45.32 -0.84 1.94
CAB HEM P . 47.46 0.92 0.07
CBB HEM P . 47.68 1.34 1.33
C1C HEM P . 45.66 1.07 -3.99
C2C HEM P . 46.34 1.74 -5.07
C3C HEM P . 45.58 1.62 -6.16
C4C HEM P . 44.38 0.86 -5.79
CMC HEM P . 47.72 2.41 -4.84
CAC HEM P . 45.76 2.11 -7.61
CBC HEM P . 46.76 2.88 -8.02
C1D HEM P . 42.23 -0.21 -6.20
C2D HEM P . 41.05 -0.47 -7.00
C3D HEM P . 40.17 -1.17 -6.24
C4D HEM P . 40.75 -1.35 -4.92
CMD HEM P . 40.91 0.00 -8.47
CAD HEM P . 38.78 -1.68 -6.67
CBD HEM P . 37.74 -0.62 -6.27
CGD HEM P . 36.40 -1.00 -6.84
O1D HEM P . 35.58 -1.58 -6.10
O2D HEM P . 36.12 -0.72 -8.04
NA HEM P . 41.85 -1.55 -2.10
NB HEM P . 44.34 -0.29 -1.65
NC HEM P . 44.47 0.54 -4.46
ND HEM P . 41.99 -0.76 -4.95
FE HEM P . 43.17 -0.50 -3.25
FE FE2 Q . 22.96 11.97 22.92
C02 KT4 R . 17.17 34.82 0.39
C04 KT4 R . 19.05 34.13 1.63
C05 KT4 R . 18.22 35.11 2.49
C06 KT4 R . 18.43 35.58 3.79
C08 KT4 R . 19.78 34.97 5.89
C09 KT4 R . 21.06 34.16 6.20
C10 KT4 R . 20.79 32.65 6.22
C11 KT4 R . 22.03 31.74 6.19
C12 KT4 R . 22.34 30.99 5.06
C13 KT4 R . 23.45 30.15 5.06
C14 KT4 R . 24.26 30.07 6.20
C16 KT4 R . 23.93 30.83 7.33
C17 KT4 R . 22.83 31.66 7.32
C19 KT4 R . 17.52 36.49 4.34
C20 KT4 R . 16.39 36.90 3.62
C21 KT4 R . 16.18 36.43 2.32
C22 KT4 R . 17.10 35.53 1.75
N03 KT4 R . 18.35 34.02 0.40
N07 KT4 R . 19.63 35.09 4.45
O01 KT4 R . 16.43 34.88 -0.53
O15 KT4 R . 25.39 29.23 6.23
O18 KT4 R . 22.50 32.42 8.46
O23 KT4 R . 20.07 33.55 1.88
C2 PG4 S . -11.71 18.71 -19.43
O2 PG4 S . -10.83 19.83 -19.30
C3 PG4 S . -11.29 20.79 -18.35
C4 PG4 S . -10.14 21.69 -17.91
O3 PG4 S . -9.34 20.96 -16.98
C5 PG4 S . -8.42 21.82 -16.30
C6 PG4 S . -7.53 21.03 -15.37
O4 PG4 S . -6.72 20.14 -16.15
C7 PG4 S . -5.70 19.51 -15.37
C8 PG4 S . -5.01 18.47 -16.25
O5 PG4 S . -6.00 17.51 -16.65
O2 PG4 T . 29.45 41.43 -15.17
C3 PG4 T . 28.07 41.48 -15.52
C4 PG4 T . 27.36 40.21 -15.09
O3 PG4 T . 27.62 39.95 -13.72
C5 PG4 T . 26.61 39.17 -13.06
C6 PG4 T . 26.76 39.44 -11.57
O4 PG4 T . 25.98 40.59 -11.24
C7 PG4 T . 26.31 41.21 -10.00
C8 PG4 T . 26.21 42.73 -10.16
O5 PG4 T . 27.53 43.27 -10.26
FE FE2 U . -7.27 18.25 -38.97
C02 KT4 V . -42.49 8.64 -5.79
C04 KT4 V . -42.51 8.07 -3.50
C05 KT4 V . -43.89 7.73 -4.10
C06 KT4 V . -45.01 7.16 -3.50
C08 KT4 V . -45.75 5.87 -1.42
C09 KT4 V . -45.24 5.68 0.03
C10 KT4 V . -44.17 4.58 0.08
C11 KT4 V . -43.20 4.59 1.27
C12 KT4 V . -41.92 5.16 1.16
C13 KT4 V . -41.02 5.13 2.22
C14 KT4 V . -41.38 4.52 3.42
C16 KT4 V . -42.64 3.95 3.53
C17 KT4 V . -43.53 3.97 2.47
C19 KT4 V . -46.16 6.93 -4.25
C20 KT4 V . -46.17 7.27 -5.63
C21 KT4 V . -45.04 7.83 -6.23
C22 KT4 V . -43.88 8.06 -5.47
N03 KT4 V . -41.75 8.61 -4.59
N07 KT4 V . -44.91 6.84 -2.09
O01 KT4 V . -42.03 9.05 -6.80
O15 KT4 V . -40.49 4.49 4.50
O18 KT4 V . -44.80 3.37 2.60
O23 KT4 V . -42.08 7.93 -2.39
C2 PG4 W . -19.73 3.52 -36.28
O2 PG4 W . -21.03 3.09 -35.84
C3 PG4 W . -21.90 4.18 -35.64
C4 PG4 W . -23.18 3.78 -34.93
O3 PG4 W . -22.91 3.13 -33.69
C5 PG4 W . -23.95 3.40 -32.72
C6 PG4 W . -23.70 2.60 -31.46
O4 PG4 W . -22.42 2.94 -30.91
C7 PG4 W . -22.21 2.25 -29.67
C8 PG4 W . -20.81 2.56 -29.18
O5 PG4 W . -19.87 2.03 -30.11
C02 KT4 X . -8.66 -51.36 33.15
C04 KT4 X . -6.43 -51.75 33.74
C05 KT4 X . -7.15 -53.12 33.68
C06 KT4 X . -6.71 -54.44 33.90
C08 KT4 X . -4.87 -56.05 34.55
C19 KT4 X . -7.61 -55.51 33.77
C20 KT4 X . -8.93 -55.25 33.41
C21 KT4 X . -9.38 -53.94 33.19
C22 KT4 X . -8.47 -52.89 33.33
N03 KT4 X . -7.40 -50.71 33.43
N07 KT4 X . -5.32 -54.70 34.27
O01 KT4 X . -9.66 -50.83 32.87
O23 KT4 X . -5.28 -51.54 34.01
O1 PG4 Y . -31.19 -33.95 6.29
C1 PG4 Y . -30.21 -34.60 5.46
C2 PG4 Y . -30.36 -36.12 5.49
O2 PG4 Y . -29.75 -36.71 6.63
C3 PG4 Y . -30.03 -38.10 6.66
C4 PG4 Y . -29.53 -38.65 8.00
O3 PG4 Y . -28.10 -38.66 7.98
C5 PG4 Y . -27.50 -39.46 9.02
C6 PG4 Y . -25.99 -39.37 8.87
O4 PG4 Y . -25.58 -38.00 8.94
C7 PG4 Y . -24.16 -37.86 8.79
C8 PG4 Y . -23.81 -36.38 8.82
O5 PG4 Y . -24.25 -35.78 7.59
C2 PG4 Z . -12.73 -39.07 50.48
O2 PG4 Z . -12.41 -38.57 49.17
C3 PG4 Z . -13.57 -38.45 48.35
C4 PG4 Z . -13.19 -38.25 46.88
O3 PG4 Z . -12.28 -39.27 46.47
C5 PG4 Z . -12.33 -39.54 45.07
C6 PG4 Z . -11.29 -40.63 44.79
O4 PG4 Z . -11.69 -41.83 45.41
CHA HEM AA . -10.88 -39.97 17.39
CHB HEM AA . -15.11 -42.36 17.68
CHC HEM AA . -14.17 -43.44 22.26
CHD HEM AA . -9.79 -41.46 21.88
C1A HEM AA . -12.12 -40.51 17.07
C2A HEM AA . -12.80 -40.42 15.79
C3A HEM AA . -13.96 -41.07 15.87
C4A HEM AA . -14.06 -41.62 17.21
CMA HEM AA . -15.02 -41.25 14.76
CAA HEM AA . -12.26 -39.69 14.53
CBA HEM AA . -11.14 -40.53 13.97
CGA HEM AA . -10.83 -40.12 12.56
O1A HEM AA . -11.76 -39.71 11.81
O2A HEM AA . -9.63 -40.21 12.18
C1B HEM AA . -15.22 -42.88 18.93
C2B HEM AA . -16.31 -43.68 19.43
C3B HEM AA . -16.02 -43.99 20.70
C4B HEM AA . -14.78 -43.36 21.04
CMB HEM AA . -17.52 -44.12 18.57
CAB HEM AA . -16.83 -44.80 21.75
CBB HEM AA . -18.15 -44.75 21.80
C1C HEM AA . -12.88 -43.09 22.52
C2C HEM AA . -12.16 -43.46 23.71
C3C HEM AA . -10.94 -42.91 23.61
C4C HEM AA . -10.87 -42.16 22.37
CMC HEM AA . -12.82 -44.35 24.78
CAC HEM AA . -9.73 -42.97 24.58
CBC HEM AA . -9.80 -43.45 25.83
C1D HEM AA . -9.70 -40.82 20.66
C2D HEM AA . -8.63 -39.96 20.19
C3D HEM AA . -8.94 -39.55 18.95
C4D HEM AA . -10.22 -40.14 18.58
CMD HEM AA . -7.36 -39.58 21.00
CAD HEM AA . -8.11 -38.62 18.04
CBD HEM AA . -8.40 -37.17 18.42
CGD HEM AA . -7.71 -36.27 17.43
O1D HEM AA . -7.99 -36.36 16.21
O2D HEM AA . -6.86 -35.47 17.88
NA HEM AA . -12.91 -41.26 17.92
NB HEM AA . -14.31 -42.69 19.94
NC HEM AA . -12.07 -42.31 21.73
ND HEM AA . -10.65 -40.91 19.65
FE HEM AA . -12.49 -41.89 19.81
FE FE2 BA . -37.84 -18.71 11.21
C02 KT4 CA . 0.78 36.71 -13.34
C04 KT4 CA . -1.12 36.33 -14.70
C05 KT4 CA . -0.20 37.36 -15.40
C06 KT4 CA . -0.34 38.02 -16.63
C08 KT4 CA . -1.86 38.19 -18.72
C09 KT4 CA . -3.17 37.51 -19.13
C10 KT4 CA . -2.97 36.01 -19.38
C11 KT4 CA . -4.24 35.13 -19.41
C12 KT4 CA . -4.54 34.32 -18.32
C13 KT4 CA . -5.66 33.51 -18.34
C14 KT4 CA . -6.50 33.50 -19.45
C16 KT4 CA . -6.20 34.32 -20.55
C17 KT4 CA . -5.06 35.13 -20.52
C19 KT4 CA . 0.65 38.91 -17.05
C20 KT4 CA . 1.79 39.13 -16.26
C21 KT4 CA . 1.93 38.48 -15.02
C22 KT4 CA . 0.94 37.58 -14.61
N03 KT4 CA . -0.47 36.01 -13.46
N07 KT4 CA . -1.54 37.71 -17.38
O01 KT4 CA . 1.51 36.60 -12.43
O15 KT4 CA . -7.63 32.68 -19.47
O18 KT4 CA . -4.76 35.94 -21.61
O23 KT4 CA . -2.19 35.85 -15.02
O1 PG4 DA . 27.01 15.07 6.20
C1 PG4 DA . 27.01 14.35 4.94
C2 PG4 DA . 27.69 15.18 3.85
O2 PG4 DA . 26.92 16.35 3.61
C3 PG4 DA . 27.56 17.29 2.76
C4 PG4 DA . 26.57 18.41 2.44
O3 PG4 DA . 25.58 17.89 1.53
C5 PG4 DA . 24.81 18.93 0.91
C6 PG4 DA . 23.88 18.30 -0.11
O4 PG4 DA . 22.98 17.42 0.58
C7 PG4 DA . 22.06 16.78 -0.29
C8 PG4 DA . 21.25 15.78 0.51
O5 PG4 DA . 22.14 14.72 0.91
O1 PG4 EA . 5.34 20.55 24.10
C1 PG4 EA . 5.44 21.36 25.27
C2 PG4 EA . 4.59 20.79 26.40
O2 PG4 EA . 5.33 19.92 27.26
C3 PG4 EA . 4.65 19.75 28.50
C4 PG4 EA . 5.48 18.89 29.43
O3 PG4 EA . 6.68 19.59 29.74
C5 PG4 EA . 7.58 18.74 30.45
C6 PG4 EA . 8.76 19.56 30.96
O4 PG4 EA . 9.31 20.32 29.89
C7 PG4 EA . 10.74 20.41 29.97
C8 PG4 EA . 11.23 21.70 29.31
O5 PG4 EA . 10.40 22.00 28.17
CHA HEM FA . 8.23 19.47 -7.78
CHB HEM FA . 5.04 23.09 -8.29
CHC HEM FA . 8.51 26.29 -7.23
CHD HEM FA . 11.69 22.67 -6.66
C1A HEM FA . 7.05 20.17 -7.97
C2A HEM FA . 5.76 19.59 -8.25
C3A HEM FA . 4.87 20.59 -8.41
C4A HEM FA . 5.57 21.83 -8.24
CMA HEM FA . 3.35 20.43 -8.67
CAA HEM FA . 5.46 18.08 -8.34
CBA HEM FA . 5.31 17.56 -6.92
CGA HEM FA . 4.88 16.11 -6.98
O1A HEM FA . 3.73 15.84 -7.44
O2A HEM FA . 5.67 15.24 -6.55
C1B HEM FA . 5.72 24.24 -8.06
C2B HEM FA . 5.13 25.57 -8.13
C3B HEM FA . 6.10 26.45 -7.83
C4B HEM FA . 7.31 25.72 -7.58
CMB HEM FA . 3.65 25.81 -8.48
CAB HEM FA . 6.06 27.97 -7.80
CBB HEM FA . 5.15 28.62 -8.53
C1C HEM FA . 9.66 25.59 -7.00
C2C HEM FA . 10.93 26.17 -6.65
C3C HEM FA . 11.81 25.17 -6.50
C4C HEM FA . 11.11 23.92 -6.74
CMC HEM FA . 11.08 27.70 -6.49
CAC HEM FA . 13.29 25.15 -6.13
CBC HEM FA . 14.02 26.26 -5.98
C1D HEM FA . 11.07 21.48 -6.95
C2D HEM FA . 11.69 20.17 -7.02
C3D HEM FA . 10.73 19.28 -7.34
C4D HEM FA . 9.47 20.01 -7.48
CMD HEM FA . 13.19 19.92 -6.79
CAD HEM FA . 10.86 17.76 -7.54
CBD HEM FA . 11.15 17.50 -9.02
CGD HEM FA . 11.37 16.03 -9.20
O1D HEM FA . 10.38 15.30 -9.43
O2D HEM FA . 12.53 15.59 -9.08
NA HEM FA . 6.90 21.54 -7.98
NB HEM FA . 7.05 24.38 -7.72
NC HEM FA . 9.80 24.21 -7.04
ND HEM FA . 9.73 21.33 -7.23
FE HEM FA . 8.37 22.86 -7.50
C02 KT4 GA . -8.03 14.00 32.80
C04 KT4 GA . -6.36 15.50 32.03
C05 KT4 GA . -6.16 15.24 33.55
C06 KT4 GA . -5.18 15.73 34.43
C08 KT4 GA . -3.03 17.16 34.57
C09 KT4 GA . -2.16 17.94 33.56
C10 KT4 GA . -1.66 17.01 32.45
C11 KT4 GA . -1.05 17.67 31.19
C12 KT4 GA . -1.65 17.51 29.93
C13 KT4 GA . -1.08 18.07 28.80
C14 KT4 GA . 0.09 18.81 28.92
C16 KT4 GA . 0.69 18.96 30.16
C17 KT4 GA . 0.12 18.39 31.29
C19 KT4 GA . -5.23 15.34 35.77
C20 KT4 GA . -6.21 14.44 36.23
C21 KT4 GA . -7.19 13.94 35.35
C22 KT4 GA . -7.14 14.35 34.01
N03 KT4 GA . -7.51 14.72 31.68
N07 KT4 GA . -4.19 16.65 33.87
O01 KT4 GA . -8.96 13.25 32.78
O15 KT4 GA . 0.69 19.40 27.80
O18 KT4 GA . 0.74 18.56 32.52
O23 KT4 GA . -5.75 16.17 31.25
O1 PG4 HA . -17.76 -15.93 20.58
C1 PG4 HA . -17.88 -14.58 21.06
C2 PG4 HA . -17.55 -14.58 22.53
O2 PG4 HA . -18.62 -15.23 23.22
C3 PG4 HA . -18.29 -15.52 24.57
C4 PG4 HA . -19.51 -16.14 25.23
O3 PG4 HA . -19.86 -17.38 24.58
C5 PG4 HA . -21.04 -17.93 25.14
C6 PG4 HA . -21.23 -19.36 24.62
O4 PG4 HA . -21.61 -19.30 23.26
C7 PG4 HA . -21.78 -20.60 22.69
C8 PG4 HA . -22.33 -20.43 21.27
O5 PG4 HA . -23.72 -20.06 21.33
C4 PG4 IA . -44.88 -2.21 6.31
O3 PG4 IA . -44.00 -1.20 6.77
C5 PG4 IA . -43.27 -0.60 5.71
C6 PG4 IA . -42.65 0.69 6.25
O4 PG4 IA . -41.61 0.40 7.19
C7 PG4 IA . -41.33 1.51 8.05
C8 PG4 IA . -40.76 1.01 9.36
O5 PG4 IA . -39.46 0.47 9.13
CHA HEM JA . -9.09 -1.41 20.71
CHB HEM JA . -11.59 -2.81 24.58
CHC HEM JA . -11.68 1.78 26.10
CHD HEM JA . -9.20 3.19 22.24
C1A HEM JA . -9.71 -2.19 21.65
C2A HEM JA . -9.82 -3.64 21.61
C3A HEM JA . -10.52 -4.02 22.67
C4A HEM JA . -10.89 -2.84 23.42
CMA HEM JA . -10.90 -5.45 23.07
CAA HEM JA . -9.22 -4.53 20.50
CBA HEM JA . -7.75 -4.73 20.84
CGA HEM JA . -7.16 -5.74 19.89
O1A HEM JA . -7.39 -6.96 20.07
O2A HEM JA . -6.46 -5.34 18.94
C1B HEM JA . -11.83 -1.69 25.31
C2B HEM JA . -12.60 -1.65 26.54
C3B HEM JA . -12.61 -0.38 26.97
C4B HEM JA . -11.86 0.42 26.02
CMB HEM JA . -13.21 -2.91 27.20
CAB HEM JA . -13.29 0.21 28.21
CBB HEM JA . -14.44 -0.31 28.64
C1C HEM JA . -11.02 2.57 25.21
C2C HEM JA . -10.80 3.99 25.34
C3C HEM JA . -10.12 4.39 24.26
C4C HEM JA . -9.87 3.22 23.43
CMC HEM JA . -11.32 4.80 26.55
CAC HEM JA . -9.63 5.78 23.81
CBC HEM JA . -9.96 6.93 24.42
C1D HEM JA . -8.97 2.09 21.47
C2D HEM JA . -8.31 2.07 20.16
C3D HEM JA . -8.28 0.80 19.75
C4D HEM JA . -8.93 -0.03 20.76
CMD HEM JA . -7.75 3.31 19.42
CAD HEM JA . -7.69 0.27 18.41
CBD HEM JA . -8.81 0.21 17.38
CGD HEM JA . -8.23 -0.18 16.04
O1D HEM JA . -8.40 -1.35 15.67
O2D HEM JA . -7.63 0.65 15.33
NA HEM JA . -10.37 -1.74 22.77
NB HEM JA . -11.41 -0.41 25.00
NC HEM JA . -10.42 2.12 24.05
ND HEM JA . -9.33 0.79 21.79
FE HEM JA . -10.39 0.22 23.41
C02 KT4 KA . -22.35 -24.27 -58.74
C04 KT4 KA . -23.33 -26.25 -57.93
C05 KT4 KA . -22.83 -26.52 -59.38
C06 KT4 KA . -22.86 -27.66 -60.20
C08 KT4 KA . -22.90 -30.21 -59.89
C09 KT4 KA . -23.62 -31.25 -59.02
C10 KT4 KA . -22.92 -31.48 -57.66
C11 KT4 KA . -23.41 -32.75 -56.92
C19 KT4 KA . -22.30 -27.59 -61.48
C20 KT4 KA . -21.72 -26.40 -61.95
C21 KT4 KA . -21.68 -25.24 -61.15
C22 KT4 KA . -22.24 -25.33 -59.86
N03 KT4 KA . -22.98 -24.90 -57.66
N07 KT4 KA . -23.48 -28.90 -59.70
O01 KT4 KA . -21.98 -23.16 -58.70
O23 KT4 KA . -23.89 -26.94 -57.11
O1 PG4 LA . 0.96 4.71 -46.09
C1 PG4 LA . 1.96 3.93 -46.78
C2 PG4 LA . 1.26 2.71 -47.35
O2 PG4 LA . 2.09 1.95 -48.21
C3 PG4 LA . 1.60 1.91 -49.55
C4 PG4 LA . 0.36 1.03 -49.71
O3 PG4 LA . 0.51 -0.26 -49.12
C5 PG4 LA . -0.45 -1.17 -49.67
C6 PG4 LA . -0.49 -2.50 -48.94
O4 PG4 LA . -1.17 -2.28 -47.71
C7 PG4 LA . -1.46 -3.47 -46.98
C8 PG4 LA . -1.91 -3.04 -45.59
O5 PG4 LA . -0.84 -2.28 -44.99
O1 PG4 MA . -40.40 -14.41 -56.04
C1 PG4 MA . -39.49 -13.49 -55.42
C2 PG4 MA . -38.03 -13.88 -55.70
O2 PG4 MA . -37.71 -15.12 -55.05
C3 PG4 MA . -36.37 -15.57 -55.32
C4 PG4 MA . -36.54 -16.78 -56.22
O3 PG4 MA . -35.58 -16.84 -57.25
C5 PG4 MA . -36.19 -16.83 -58.55
C6 PG4 MA . -36.83 -18.17 -58.85
O4 PG4 MA . -38.07 -17.97 -59.54
C02 KT4 NA . 27.02 -14.36 41.45
C04 KT4 NA . 25.87 -12.32 41.66
C05 KT4 NA . 27.33 -12.12 42.14
C06 KT4 NA . 27.98 -10.98 42.64
C08 KT4 NA . 27.73 -8.44 42.56
C09 KT4 NA . 26.55 -7.47 42.43
C10 KT4 NA . 26.20 -7.23 40.95
C19 KT4 NA . 29.32 -11.08 43.01
C20 KT4 NA . 30.02 -12.30 42.88
C21 KT4 NA . 29.38 -13.44 42.38
C22 KT4 NA . 28.02 -13.34 42.02
N03 KT4 NA . 25.78 -13.68 41.27
N07 KT4 NA . 27.18 -9.77 42.75
O01 KT4 NA . 27.19 -15.49 41.17
O23 KT4 NA . 24.95 -11.57 41.60
O1 PG4 OA . 29.07 -37.02 16.11
C1 PG4 OA . 28.85 -36.23 17.27
C2 PG4 OA . 30.21 -35.86 17.87
O2 PG4 OA . 30.93 -37.07 18.10
C3 PG4 OA . 32.26 -36.79 18.54
C4 PG4 OA . 32.89 -38.10 18.94
O3 PG4 OA . 32.85 -39.01 17.83
C5 PG4 OA . 33.48 -40.25 18.14
C6 PG4 OA . 33.96 -40.92 16.85
O4 PG4 OA . 32.83 -41.16 16.03
C7 PG4 OA . 32.18 -42.37 16.37
C8 PG4 OA . 31.25 -42.84 15.26
O5 PG4 OA . 30.75 -44.12 15.69
O1 PG4 PA . 24.90 -49.71 36.51
C1 PG4 PA . 26.21 -50.27 36.42
C2 PG4 PA . 27.18 -49.37 37.16
O2 PG4 PA . 28.35 -50.13 37.43
C3 PG4 PA . 29.57 -49.43 37.21
C4 PG4 PA . 30.35 -50.33 36.28
O3 PG4 PA . 31.37 -49.59 35.62
C5 PG4 PA . 32.03 -50.43 34.69
C6 PG4 PA . 31.41 -50.30 33.31
O4 PG4 PA . 30.38 -51.27 33.18
C7 PG4 PA . 30.39 -51.91 31.90
C8 PG4 PA . 29.34 -53.02 31.87
O5 PG4 PA . 28.12 -52.51 31.32
O1 PG4 QA . 14.22 -21.73 56.81
C1 PG4 QA . 12.99 -22.28 56.33
C2 PG4 QA . 13.24 -23.65 55.70
O2 PG4 QA . 13.88 -23.51 54.43
C3 PG4 QA . 13.38 -24.45 53.47
C4 PG4 QA . 14.24 -24.48 52.19
O3 PG4 QA . 14.61 -23.15 51.84
C5 PG4 QA . 15.46 -23.03 50.69
C6 PG4 QA . 16.20 -21.71 50.74
O4 PG4 QA . 17.34 -21.85 51.59
C7 PG4 QA . 18.09 -20.66 51.82
CHA HEM RA . 23.19 -22.83 24.15
CHB HEM RA . 26.99 -25.33 25.83
CHC HEM RA . 26.26 -23.40 30.22
CHD HEM RA . 22.49 -20.91 28.54
C1A HEM RA . 24.29 -23.64 24.24
C2A HEM RA . 24.88 -24.33 23.13
C3A HEM RA . 25.95 -25.01 23.59
C4A HEM RA . 26.05 -24.80 24.99
CMA HEM RA . 26.93 -25.89 22.78
CAA HEM RA . 24.37 -24.21 21.67
CBA HEM RA . 25.19 -23.11 21.00
CGA HEM RA . 24.85 -23.07 19.52
O1A HEM RA . 25.51 -23.76 18.72
O2A HEM RA . 23.90 -22.34 19.17
C1B HEM RA . 27.10 -25.02 27.16
C2B HEM RA . 28.09 -25.59 28.04
C3B HEM RA . 27.89 -25.04 29.25
C4B HEM RA . 26.77 -24.15 29.18
CMB HEM RA . 29.16 -26.59 27.57
CAB HEM RA . 28.65 -25.31 30.56
CBB HEM RA . 29.24 -26.49 30.75
C1C HEM RA . 25.18 -22.55 30.15
C2C HEM RA . 24.64 -21.79 31.24
C3C HEM RA . 23.58 -21.10 30.79
C4C HEM RA . 23.43 -21.42 29.38
CMC HEM RA . 25.31 -21.89 32.64
CAC HEM RA . 22.61 -20.12 31.49
CBC HEM RA . 22.73 -19.75 32.76
C1D HEM RA . 22.34 -21.24 27.22
C2D HEM RA . 21.27 -20.78 26.34
C3D HEM RA . 21.44 -21.31 25.12
C4D HEM RA . 22.65 -22.12 25.18
CMD HEM RA . 20.14 -19.86 26.82
CAD HEM RA . 20.56 -21.13 23.88
CBD HEM RA . 19.52 -22.25 23.82
CGD HEM RA . 18.59 -21.98 22.65
O1D HEM RA . 18.78 -22.60 21.58
O2D HEM RA . 17.67 -21.15 22.80
NA HEM RA . 25.02 -23.94 25.37
NB HEM RA . 26.30 -24.16 27.88
NC HEM RA . 24.42 -22.29 29.01
ND HEM RA . 23.16 -22.05 26.46
FE HEM RA . 24.72 -23.10 27.20
C02 KT4 SA . -36.77 13.59 -26.07
C04 KT4 SA . -35.87 13.58 -28.25
C05 KT4 SA . -36.15 15.05 -27.84
C06 KT4 SA . -35.93 16.27 -28.50
C08 KT4 SA . -34.81 17.31 -30.56
C09 KT4 SA . -34.12 16.80 -31.83
C10 KT4 SA . -32.80 16.09 -31.49
C11 KT4 SA . -32.22 15.09 -32.52
C12 KT4 SA . -32.22 13.73 -32.25
C13 KT4 SA . -31.68 12.83 -33.16
C14 KT4 SA . -31.12 13.29 -34.35
C16 KT4 SA . -31.12 14.66 -34.61
C17 KT4 SA . -31.66 15.55 -33.70
C19 KT4 SA . -36.26 17.47 -27.88
C20 KT4 SA . -36.80 17.48 -26.58
C21 KT4 SA . -37.00 16.26 -25.90
C22 KT4 SA . -36.68 15.06 -26.53
N03 KT4 SA . -36.29 12.80 -27.15
N07 KT4 SA . -35.38 16.19 -29.85
O01 KT4 SA . -37.16 13.13 -25.04
O15 KT4 SA . -30.58 12.40 -35.28
O18 KT4 SA . -31.64 16.91 -33.99
O23 KT4 SA . -35.42 13.10 -29.25
O1 PG4 TA . -29.73 -3.64 8.80
C1 PG4 TA . -28.99 -2.42 9.07
C2 PG4 TA . -28.87 -1.70 7.74
O2 PG4 TA . -29.08 -0.30 7.79
C3 PG4 TA . -30.12 0.18 6.93
C4 PG4 TA . -29.61 1.39 6.19
O3 PG4 TA . -28.92 0.99 5.01
C5 PG4 TA . -29.45 1.70 3.87
C6 PG4 TA . -28.52 1.51 2.69
O4 PG4 TA . -28.20 0.14 2.58
C7 PG4 TA . -27.37 -0.12 1.44
C8 PG4 TA . -27.21 -1.62 1.23
O5 PG4 TA . -26.58 -2.21 2.37
CHA HEM UA . -26.03 2.05 -14.34
CHB HEM UA . -28.79 3.37 -18.12
CHC HEM UA . -31.63 5.81 -15.02
CHD HEM UA . -28.91 4.39 -11.22
C1A HEM UA . -26.56 2.15 -15.62
C2A HEM UA . -26.05 1.48 -16.81
C3A HEM UA . -26.82 1.84 -17.85
C4A HEM UA . -27.81 2.77 -17.37
CMA HEM UA . -26.68 1.40 -19.31
CAA HEM UA . -24.85 0.52 -16.83
CBA HEM UA . -25.34 -0.89 -16.49
CGA HEM UA . -24.20 -1.87 -16.65
O1A HEM UA . -23.90 -2.29 -17.78
O2A HEM UA . -23.59 -2.21 -15.61
C1B HEM UA . -29.80 4.13 -17.60
C2B HEM UA . -30.88 4.73 -18.37
C3B HEM UA . -31.67 5.39 -17.50
C4B HEM UA . -31.10 5.26 -16.18
CMB HEM UA . -31.01 4.55 -19.90
CAB HEM UA . -32.95 6.24 -17.78
CBB HEM UA . -33.12 6.85 -18.96
C1C HEM UA . -31.15 5.64 -13.74
C2C HEM UA . -31.74 6.20 -12.54
C3C HEM UA . -30.98 5.82 -11.50
C4C HEM UA . -29.89 4.98 -12.01
CMC HEM UA . -33.00 7.10 -12.60
CAC HEM UA . -31.08 6.09 -9.99
CBC HEM UA . -32.09 6.73 -9.42
C1D HEM UA . -27.86 3.66 -11.72
C2D HEM UA . -26.76 3.11 -10.99
C3D HEM UA . -25.97 2.46 -11.87
C4D HEM UA . -26.56 2.58 -13.19
CMD HEM UA . -26.54 3.26 -9.47
CAD HEM UA . -24.66 1.70 -11.59
CBD HEM UA . -23.51 2.70 -11.74
CGD HEM UA . -22.20 2.06 -11.35
O1D HEM UA . -21.47 1.55 -12.23
O2D HEM UA . -21.89 2.07 -10.13
NA HEM UA . -27.65 2.93 -16.00
NB HEM UA . -29.96 4.48 -16.27
NC HEM UA . -30.04 4.90 -13.37
ND HEM UA . -27.70 3.33 -13.05
FE HEM UA . -28.84 3.89 -14.66
C02 KT4 VA . 33.89 -34.10 36.18
C04 KT4 VA . 34.53 -35.99 34.96
C05 KT4 VA . 33.95 -36.45 36.31
C06 KT4 VA . 33.76 -37.74 36.80
C08 KT4 VA . 33.82 -40.24 36.23
C09 KT4 VA . 34.34 -41.10 35.07
C10 KT4 VA . 33.50 -40.85 33.82
C11 KT4 VA . 34.05 -41.48 32.54
C12 KT4 VA . 34.47 -40.67 31.48
C13 KT4 VA . 34.96 -41.23 30.31
C14 KT4 VA . 35.01 -42.62 30.20
C16 KT4 VA . 34.60 -43.43 31.24
C17 KT4 VA . 34.12 -42.86 32.41
C19 KT4 VA . 33.19 -37.92 38.06
C20 KT4 VA . 32.82 -36.79 38.82
C21 KT4 VA . 32.99 -35.49 38.32
C22 KT4 VA . 33.56 -35.33 37.04
N03 KT4 VA . 34.50 -34.55 34.96
N07 KT4 VA . 34.19 -38.86 35.97
O01 KT4 VA . 33.71 -32.98 36.48
O15 KT4 VA . 35.49 -43.19 29.01
O18 KT4 VA . 33.70 -43.65 33.47
O23 KT4 VA . 34.95 -36.67 34.07
O1 PG4 WA . 13.51 -1.26 28.51
C1 PG4 WA . 12.49 -1.90 29.31
C2 PG4 WA . 12.59 -3.41 29.19
O2 PG4 WA . 12.56 -4.04 30.47
C3 PG4 WA . 13.82 -4.51 30.97
C4 PG4 WA . 13.62 -5.85 31.64
O3 PG4 WA . 13.67 -6.88 30.65
C5 PG4 WA . 14.35 -8.02 31.19
C6 PG4 WA . 14.24 -9.15 30.19
O4 PG4 WA . 14.80 -8.71 28.94
C7 PG4 WA . 14.91 -9.83 28.06
C8 PG4 WA . 15.43 -9.35 26.70
O5 PG4 WA . 14.65 -8.21 26.31
O1 PG4 XA . 39.14 10.88 24.42
C1 PG4 XA . 39.97 11.45 23.39
C2 PG4 XA . 40.05 10.48 22.23
O2 PG4 XA . 41.06 10.71 21.22
C3 PG4 XA . 41.93 9.59 21.33
C4 PG4 XA . 42.18 8.69 20.13
O3 PG4 XA . 42.96 7.57 20.61
C5 PG4 XA . 42.13 6.51 21.10
C6 PG4 XA . 42.84 5.30 21.70
O4 PG4 XA . 41.83 4.43 22.25
C02 KT4 YA . -22.86 -1.50 34.60
C04 KT4 YA . -24.08 -3.51 34.47
C05 KT4 YA . -25.08 -2.33 34.53
C06 KT4 YA . -26.48 -2.31 34.52
C08 KT4 YA . -28.54 -3.76 34.09
C09 KT4 YA . -28.83 -5.26 33.92
C10 KT4 YA . -28.30 -5.76 32.57
C11 KT4 YA . -28.08 -7.28 32.44
C12 KT4 YA . -26.80 -7.85 32.40
C13 KT4 YA . -26.64 -9.23 32.26
C14 KT4 YA . -27.78 -10.04 32.14
C16 KT4 YA . -29.03 -9.48 32.18
C17 KT4 YA . -29.19 -8.10 32.32
C19 KT4 YA . -27.14 -1.09 34.59
C20 KT4 YA . -26.43 0.11 34.67
C21 KT4 YA . -25.03 0.09 34.69
C22 KT4 YA . -24.36 -1.14 34.61
N03 KT4 YA . -22.78 -2.93 34.52
N07 KT4 YA . -27.15 -3.60 34.44
O01 KT4 YA . -21.94 -0.76 34.65
O15 KT4 YA . -27.71 -11.44 32.00
O18 KT4 YA . -30.48 -7.55 32.35
O23 KT4 YA . -24.31 -4.69 34.39
O1 PG4 ZA . 2.40 10.26 15.30
C1 PG4 ZA . 1.49 9.61 16.21
C2 PG4 ZA . 0.40 10.60 16.59
O2 PG4 ZA . 1.00 11.87 16.87
C3 PG4 ZA . 0.03 12.90 16.91
C4 PG4 ZA . 0.72 14.19 17.34
O3 PG4 ZA . 1.89 14.41 16.52
C5 PG4 ZA . 2.26 15.79 16.58
C6 PG4 ZA . 3.76 15.90 16.68
O4 PG4 ZA . 4.35 15.84 15.39
C7 PG4 ZA . 5.50 15.00 15.32
C8 PG4 ZA . 6.75 15.79 14.99
O5 PG4 ZA . 7.71 15.29 15.92
O1 PG4 AB . -15.03 -8.55 52.80
C1 PG4 AB . -13.75 -9.10 53.14
C2 PG4 AB . -12.62 -8.22 52.62
O2 PG4 AB . -12.68 -8.10 51.20
C3 PG4 AB . -11.41 -7.73 50.64
C4 PG4 AB . -11.64 -7.04 49.29
O3 PG4 AB . -12.76 -7.64 48.63
C5 PG4 AB . -13.00 -7.03 47.37
C6 PG4 AB . -14.45 -7.19 47.01
O4 PG4 AB . -15.25 -6.23 47.70
C02 KT4 BB . 36.96 1.96 -52.56
C04 KT4 BB . 37.96 -0.19 -52.69
C05 KT4 BB . 39.08 0.86 -52.61
C06 KT4 BB . 40.47 0.70 -52.60
C08 KT4 BB . 42.39 -1.00 -52.55
C09 KT4 BB . 42.53 -2.52 -52.56
C10 KT4 BB . 41.98 -3.16 -51.29
C11 KT4 BB . 41.71 -4.67 -51.34
C12 KT4 BB . 40.39 -5.16 -51.37
C13 KT4 BB . 40.15 -6.54 -51.41
C14 KT4 BB . 41.24 -7.42 -51.41
C16 KT4 BB . 42.53 -6.93 -51.39
C17 KT4 BB . 42.75 -5.58 -51.34
C19 KT4 BB . 41.29 1.81 -52.50
C20 KT4 BB . 40.73 3.09 -52.42
C21 KT4 BB . 39.34 3.27 -52.42
C22 KT4 BB . 38.50 2.14 -52.53
N03 KT4 BB . 36.72 0.54 -52.66
N07 KT4 BB . 40.98 -0.66 -52.69
O01 KT4 BB . 36.11 2.79 -52.49
O15 KT4 BB . 41.06 -8.81 -51.44
O18 KT4 BB . 44.08 -5.12 -51.31
O23 KT4 BB . 38.06 -1.38 -52.78
O1 PG4 CB . 8.44 18.90 -31.67
C1 PG4 CB . 9.11 18.37 -30.52
C2 PG4 CB . 10.46 19.05 -30.31
O2 PG4 CB . 11.33 18.77 -31.40
C3 PG4 CB . 12.53 19.53 -31.34
C4 PG4 CB . 13.44 19.11 -32.51
O3 PG4 CB . 14.09 17.87 -32.17
C5 PG4 CB . 15.05 17.44 -33.15
C6 PG4 CB . 15.60 16.07 -32.78
O4 PG4 CB . 14.57 15.09 -32.82
C7 PG4 CB . 15.04 13.76 -32.53
C8 PG4 CB . 13.85 12.82 -32.43
O5 PG4 CB . 12.92 13.33 -31.46
O1 PG4 DB . 26.50 -0.94 -70.18
C1 PG4 DB . 25.25 -1.00 -69.47
C2 PG4 DB . 25.38 -0.41 -68.07
O2 PG4 DB . 26.70 -0.62 -67.51
C3 PG4 DB . 26.72 -1.05 -66.14
C4 PG4 DB . 27.85 -0.38 -65.35
O3 PG4 DB . 29.07 -0.39 -66.08
C5 PG4 DB . 30.00 0.59 -65.60
C6 PG4 DB . 30.49 1.44 -66.77
O4 PG4 DB . 31.41 0.67 -67.52
C7 PG4 DB . 31.01 0.52 -68.88
C8 PG4 DB . 31.82 -0.60 -69.53
O5 PG4 DB . 31.04 -1.19 -70.59
CHA HEM EB . 23.30 1.41 -38.52
CHB HEM EB . 23.78 6.15 -39.40
CHC HEM EB . 26.21 5.17 -43.49
CHD HEM EB . 25.68 0.41 -42.65
C1A HEM EB . 23.25 2.78 -38.38
C2A HEM EB . 22.69 3.50 -37.26
C3A HEM EB . 22.83 4.81 -37.51
C4A HEM EB . 23.48 4.96 -38.79
CMA HEM EB . 22.37 5.97 -36.59
CAA HEM EB . 22.06 2.89 -35.99
CBA HEM EB . 23.19 2.57 -35.02
CGA HEM EB . 22.65 2.11 -33.69
O1A HEM EB . 21.85 2.86 -33.07
O2A HEM EB . 23.05 1.01 -33.23
C1B HEM EB . 24.48 6.27 -40.59
C2B HEM EB . 24.78 7.54 -41.23
C3B HEM EB . 25.47 7.28 -42.36
C4B HEM EB . 25.59 5.84 -42.47
CMB HEM EB . 24.36 8.88 -40.60
CAB HEM EB . 26.02 8.26 -43.41
CBB HEM EB . 25.49 9.47 -43.60
C1C HEM EB . 26.28 3.80 -43.63
C2C HEM EB . 26.90 3.09 -44.73
C3C HEM EB . 26.77 1.77 -44.50
C4C HEM EB . 26.04 1.61 -43.25
CMC HEM EB . 27.58 3.88 -45.87
CAC HEM EB . 27.22 0.52 -45.30
CBC HEM EB . 27.85 0.55 -46.48
C1D HEM EB . 24.95 0.24 -41.49
C2D HEM EB . 24.48 -1.00 -40.90
C3D HEM EB . 23.83 -0.72 -39.77
C4D HEM EB . 23.86 0.71 -39.58
CMD HEM EB . 24.72 -2.39 -41.51
CAD HEM EB . 23.16 -1.73 -38.80
CBD HEM EB . 21.68 -1.83 -39.11
CGD HEM EB . 21.04 -2.94 -38.31
O1D HEM EB . 20.74 -2.72 -37.10
O2D HEM EB . 20.83 -4.04 -38.88
NA HEM EB . 23.73 3.70 -39.29
NB HEM EB . 24.97 5.26 -41.38
NC HEM EB . 25.77 2.87 -42.75
ND HEM EB . 24.54 1.26 -40.65
FE HEM EB . 24.72 3.30 -41.03
#